data_5YTU
#
_entry.id   5YTU
#
_cell.length_a   164.521
_cell.length_b   203.791
_cell.length_c   144.771
_cell.angle_alpha   90.00
_cell.angle_beta   90.00
_cell.angle_gamma   90.00
#
_symmetry.space_group_name_H-M   'C 2 2 21'
#
loop_
_entity.id
_entity.type
_entity.pdbx_description
1 polymer 'Superoxide dismutase [Cu-Zn]'
2 non-polymer ISOPRENALINE
3 non-polymer 'ZINC ION'
4 non-polymer TRIS(HYDROXYETHYL)AMINOMETHANE
5 non-polymer 'Dihydrogen tetrasulfide'
6 non-polymer GLYCEROL
7 water water
#
_entity_poly.entity_id   1
_entity_poly.type   'polypeptide(L)'
_entity_poly.pdbx_seq_one_letter_code
;MKHHHHHHPMSDYDIPTTENLYFQGAMATKAVCVLKGDGPVQGIINFEQKESNGPVKVWGSIKGLTEGLHGFHVHEFGDN
TAGCTSAGPHFNPLSRKHGGPKDEERHVGDLGNVTADKDGVADVSIEDSVISLSGDHCIIGRTLVVHEKADDLGKGGNEE
STKTGNAGSRLACGVIGIAQ
;
_entity_poly.pdbx_strand_id   A,H,B,C,D,E,F,G,I,J
#
loop_
_chem_comp.id
_chem_comp.type
_chem_comp.name
_chem_comp.formula
5FW non-polymer ISOPRENALINE 'C11 H17 N O3'
GOL non-polymer GLYCEROL 'C3 H8 O3'
S4P non-polymer 'Dihydrogen tetrasulfide' 'H2 S4'
TAM non-polymer TRIS(HYDROXYETHYL)AMINOMETHANE 'C7 H17 N O3'
ZN non-polymer 'ZINC ION' 'Zn 2'
#
# COMPACT_ATOMS: atom_id res chain seq x y z
N MET A 27 9.22 27.77 -9.34
CA MET A 27 9.39 26.38 -8.78
C MET A 27 8.10 25.88 -8.10
N ALA A 28 7.09 25.57 -8.91
CA ALA A 28 5.81 25.09 -8.39
C ALA A 28 5.91 23.70 -7.75
N THR A 29 5.33 23.53 -6.58
CA THR A 29 5.21 22.21 -6.04
C THR A 29 3.74 21.76 -5.88
N LYS A 30 2.80 22.68 -6.08
CA LYS A 30 1.38 22.31 -6.10
C LYS A 30 0.64 22.97 -7.22
N ALA A 31 -0.38 22.27 -7.73
CA ALA A 31 -1.25 22.78 -8.78
C ALA A 31 -2.69 22.29 -8.51
N VAL A 32 -3.66 22.94 -9.14
CA VAL A 32 -5.08 22.59 -8.95
C VAL A 32 -5.82 22.82 -10.26
N CYS A 33 -6.93 22.15 -10.44
CA CYS A 33 -7.70 22.22 -11.66
C CYS A 33 -9.14 22.05 -11.25
N VAL A 34 -9.98 22.98 -11.69
CA VAL A 34 -11.45 22.89 -11.51
C VAL A 34 -12.02 22.42 -12.81
N LEU A 35 -12.62 21.23 -12.81
CA LEU A 35 -13.20 20.66 -14.03
C LEU A 35 -14.68 21.04 -14.13
N LYS A 36 -15.07 21.56 -15.28
CA LYS A 36 -16.46 21.95 -15.51
C LYS A 36 -16.76 21.56 -16.92
N GLY A 37 -18.04 21.34 -17.20
CA GLY A 37 -18.46 21.02 -18.58
C GLY A 37 -19.90 21.54 -18.81
N ASP A 38 -20.55 21.07 -19.86
CA ASP A 38 -21.93 21.45 -20.18
C ASP A 38 -22.96 20.51 -19.55
N GLY A 39 -22.44 19.42 -18.97
CA GLY A 39 -23.29 18.39 -18.34
C GLY A 39 -23.16 18.37 -16.83
N PRO A 40 -23.50 17.21 -16.21
CA PRO A 40 -23.43 17.08 -14.77
C PRO A 40 -21.98 16.91 -14.28
N VAL A 41 -21.00 16.75 -15.18
CA VAL A 41 -19.64 16.35 -14.69
C VAL A 41 -18.89 17.56 -14.14
N GLN A 42 -18.46 17.50 -12.88
CA GLN A 42 -17.61 18.55 -12.36
C GLN A 42 -16.74 18.06 -11.21
N GLY A 43 -15.63 18.72 -10.98
CA GLY A 43 -14.82 18.32 -9.85
C GLY A 43 -13.60 19.19 -9.69
N ILE A 44 -12.79 18.83 -8.70
CA ILE A 44 -11.55 19.57 -8.37
C ILE A 44 -10.44 18.53 -8.28
N ILE A 45 -9.35 18.75 -9.01
CA ILE A 45 -8.22 17.82 -8.97
C ILE A 45 -6.97 18.59 -8.46
N ASN A 46 -6.27 18.00 -7.49
CA ASN A 46 -5.02 18.55 -6.89
C ASN A 46 -3.82 17.81 -7.41
N PHE A 47 -2.68 18.52 -7.51
CA PHE A 47 -1.44 17.95 -7.96
C PHE A 47 -0.40 18.37 -6.95
N GLU A 48 0.48 17.42 -6.61
CA GLU A 48 1.59 17.81 -5.72
C GLU A 48 2.88 17.13 -6.17
N GLN A 49 3.97 17.88 -6.17
CA GLN A 49 5.23 17.31 -6.57
C GLN A 49 6.28 17.95 -5.69
N LYS A 50 6.58 17.27 -4.60
CA LYS A 50 7.53 17.77 -3.61
C LYS A 50 8.94 17.92 -4.16
N GLU A 51 9.34 17.06 -5.08
CA GLU A 51 10.70 17.14 -5.61
C GLU A 51 10.64 17.22 -7.09
N SER A 52 11.42 18.10 -7.72
CA SER A 52 11.33 18.20 -9.20
C SER A 52 11.73 16.92 -9.93
N ASN A 53 12.53 16.07 -9.29
CA ASN A 53 12.89 14.81 -9.95
C ASN A 53 11.96 13.65 -9.48
N GLY A 54 10.84 14.01 -8.88
CA GLY A 54 9.99 12.99 -8.23
C GLY A 54 8.62 12.85 -8.91
N PRO A 55 7.81 11.91 -8.45
CA PRO A 55 6.49 11.76 -9.02
C PRO A 55 5.54 12.88 -8.65
N VAL A 56 4.51 13.03 -9.48
CA VAL A 56 3.41 13.95 -9.18
C VAL A 56 2.23 13.14 -8.61
N LYS A 57 1.76 13.52 -7.45
CA LYS A 57 0.55 12.92 -6.91
C LYS A 57 -0.65 13.70 -7.39
N VAL A 58 -1.69 12.97 -7.83
CA VAL A 58 -2.87 13.58 -8.46
C VAL A 58 -4.06 13.01 -7.71
N TRP A 59 -4.89 13.86 -7.08
CA TRP A 59 -6.02 13.32 -6.31
C TRP A 59 -7.16 14.34 -6.24
N GLY A 60 -8.35 13.87 -5.97
CA GLY A 60 -9.48 14.79 -5.78
C GLY A 60 -10.75 14.02 -6.13
N SER A 61 -11.79 14.75 -6.49
CA SER A 61 -13.08 14.13 -6.60
C SER A 61 -13.78 14.71 -7.79
N ILE A 62 -14.41 13.86 -8.62
CA ILE A 62 -15.21 14.33 -9.78
C ILE A 62 -16.57 13.61 -9.69
N LYS A 63 -17.66 14.37 -9.81
N LYS A 63 -17.67 14.35 -9.78
CA LYS A 63 -19.02 13.82 -9.70
CA LYS A 63 -18.99 13.75 -9.69
C LYS A 63 -19.69 13.83 -11.06
C LYS A 63 -19.71 13.86 -11.02
N GLY A 64 -20.85 13.16 -11.15
CA GLY A 64 -21.64 13.27 -12.36
C GLY A 64 -21.28 12.28 -13.45
N LEU A 65 -20.41 11.32 -13.16
CA LEU A 65 -19.89 10.44 -14.16
C LEU A 65 -20.62 9.07 -14.15
N THR A 66 -20.80 8.47 -15.32
CA THR A 66 -21.37 7.12 -15.37
C THR A 66 -20.38 6.14 -14.69
N GLU A 67 -20.93 5.19 -13.98
CA GLU A 67 -20.14 4.20 -13.21
C GLU A 67 -19.16 3.54 -14.15
N GLY A 68 -17.92 3.42 -13.69
CA GLY A 68 -16.88 2.66 -14.40
C GLY A 68 -15.76 3.58 -14.88
N LEU A 69 -15.05 3.16 -15.94
CA LEU A 69 -13.77 3.78 -16.32
C LEU A 69 -13.99 4.99 -17.23
N HIS A 70 -13.20 6.07 -17.03
CA HIS A 70 -13.24 7.28 -17.90
C HIS A 70 -11.81 7.72 -18.18
N GLY A 71 -11.48 7.89 -19.45
CA GLY A 71 -10.14 8.42 -19.86
C GLY A 71 -9.80 9.75 -19.14
N PHE A 72 -8.55 9.96 -18.76
CA PHE A 72 -8.21 11.11 -17.86
C PHE A 72 -6.88 11.60 -18.35
N HIS A 73 -6.89 12.76 -19.03
CA HIS A 73 -5.69 13.13 -19.75
C HIS A 73 -5.34 14.59 -19.61
N VAL A 74 -4.05 14.87 -19.76
CA VAL A 74 -3.65 16.29 -19.87
C VAL A 74 -3.57 16.57 -21.36
N HIS A 75 -4.28 17.60 -21.78
CA HIS A 75 -4.27 17.98 -23.17
C HIS A 75 -3.34 19.20 -23.33
N GLU A 76 -2.90 19.46 -24.55
CA GLU A 76 -1.81 20.35 -24.83
C GLU A 76 -2.08 21.83 -24.46
N PHE A 77 -3.24 22.36 -24.81
CA PHE A 77 -3.46 23.80 -24.63
C PHE A 77 -4.35 24.11 -23.43
N GLY A 78 -4.02 25.19 -22.72
CA GLY A 78 -4.84 25.69 -21.63
C GLY A 78 -5.81 26.71 -22.19
N ASP A 79 -6.54 26.30 -23.19
CA ASP A 79 -7.37 27.21 -24.00
C ASP A 79 -8.78 26.72 -23.94
N ASN A 80 -9.60 27.45 -23.20
CA ASN A 80 -11.00 27.11 -23.01
C ASN A 80 -11.92 28.07 -23.80
N THR A 81 -11.41 28.74 -24.82
CA THR A 81 -12.29 29.64 -25.61
C THR A 81 -13.43 28.92 -26.33
N ALA A 82 -13.23 27.67 -26.72
CA ALA A 82 -14.34 26.92 -27.28
C ALA A 82 -14.63 25.71 -26.39
N GLY A 83 -14.69 25.93 -25.10
CA GLY A 83 -14.95 24.81 -24.19
C GLY A 83 -13.78 23.82 -24.28
N CYS A 84 -14.08 22.54 -24.12
CA CYS A 84 -13.01 21.52 -24.05
C CYS A 84 -12.34 21.22 -25.40
N THR A 85 -13.00 21.59 -26.49
CA THR A 85 -12.48 21.34 -27.85
C THR A 85 -11.19 22.12 -28.10
N SER A 86 -11.12 23.34 -27.60
CA SER A 86 -9.90 24.15 -27.82
C SER A 86 -8.67 23.72 -27.00
N ALA A 87 -8.83 22.73 -26.11
CA ALA A 87 -7.64 22.18 -25.41
C ALA A 87 -6.68 21.40 -26.37
N GLY A 88 -7.11 21.11 -27.59
CA GLY A 88 -6.30 20.38 -28.58
C GLY A 88 -6.07 18.91 -28.14
N PRO A 89 -5.00 18.28 -28.64
CA PRO A 89 -4.82 16.84 -28.44
C PRO A 89 -4.17 16.55 -27.10
N HIS A 90 -3.89 15.27 -26.82
CA HIS A 90 -3.14 14.94 -25.58
C HIS A 90 -1.80 15.64 -25.61
N PHE A 91 -1.32 16.10 -24.47
CA PHE A 91 -0.02 16.74 -24.41
C PHE A 91 1.05 15.69 -24.74
N ASN A 92 1.79 15.95 -25.82
CA ASN A 92 2.68 14.91 -26.41
C ASN A 92 3.97 15.55 -26.95
N PRO A 93 4.78 16.17 -26.10
CA PRO A 93 5.92 16.89 -26.64
C PRO A 93 6.97 15.95 -27.29
N LEU A 94 6.99 14.65 -26.93
CA LEU A 94 7.93 13.68 -27.53
C LEU A 94 7.41 12.96 -28.76
N SER A 95 6.21 13.34 -29.21
CA SER A 95 5.57 12.77 -30.44
C SER A 95 5.52 11.24 -30.38
N ARG A 96 5.05 10.69 -29.27
CA ARG A 96 4.88 9.23 -29.17
C ARG A 96 3.45 8.88 -29.50
N LYS A 97 3.17 7.58 -29.57
CA LYS A 97 1.84 7.08 -29.68
C LYS A 97 1.18 7.06 -28.30
N HIS A 98 -0.14 7.03 -28.30
CA HIS A 98 -0.94 6.93 -27.06
C HIS A 98 -0.66 5.62 -26.31
N GLY A 99 -0.51 5.69 -24.99
CA GLY A 99 -0.37 4.52 -24.17
C GLY A 99 -1.04 4.66 -22.85
N GLY A 100 -0.84 3.67 -21.95
CA GLY A 100 -1.25 3.77 -20.59
C GLY A 100 -0.11 4.39 -19.79
N PRO A 101 -0.40 4.87 -18.58
CA PRO A 101 0.63 5.60 -17.86
C PRO A 101 1.80 4.68 -17.46
N LYS A 102 1.57 3.39 -17.38
CA LYS A 102 2.70 2.46 -17.10
C LYS A 102 3.57 2.11 -18.33
N ASP A 103 3.14 2.49 -19.53
CA ASP A 103 3.91 2.21 -20.74
C ASP A 103 5.06 3.21 -20.96
N GLU A 104 6.19 2.74 -21.50
N GLU A 104 6.16 2.70 -21.50
CA GLU A 104 7.23 3.68 -21.97
CA GLU A 104 7.26 3.54 -22.00
C GLU A 104 6.75 4.44 -23.21
C GLU A 104 6.79 4.37 -23.19
N GLU A 105 6.03 3.75 -24.10
CA GLU A 105 5.49 4.44 -25.26
C GLU A 105 4.13 5.08 -24.84
N ARG A 106 4.14 6.36 -24.51
CA ARG A 106 2.89 7.02 -24.09
C ARG A 106 3.08 8.51 -24.34
N HIS A 107 1.98 9.25 -24.36
CA HIS A 107 2.04 10.72 -24.36
C HIS A 107 2.34 11.15 -22.98
N VAL A 108 3.03 12.29 -22.83
CA VAL A 108 3.23 12.81 -21.50
C VAL A 108 1.86 12.93 -20.79
N GLY A 109 0.83 13.36 -21.52
CA GLY A 109 -0.47 13.61 -20.85
C GLY A 109 -1.32 12.34 -20.58
N ASP A 110 -0.75 11.15 -20.80
CA ASP A 110 -1.57 9.90 -20.70
C ASP A 110 -1.63 9.41 -19.26
N LEU A 111 -2.63 9.86 -18.52
CA LEU A 111 -2.77 9.47 -17.14
C LEU A 111 -3.65 8.22 -16.97
N GLY A 112 -4.17 7.69 -18.05
CA GLY A 112 -4.94 6.41 -17.99
C GLY A 112 -6.43 6.70 -17.69
N ASN A 113 -7.01 5.91 -16.77
CA ASN A 113 -8.44 5.98 -16.45
C ASN A 113 -8.64 6.41 -15.01
N VAL A 114 -9.78 7.04 -14.72
CA VAL A 114 -10.26 7.15 -13.36
C VAL A 114 -11.56 6.36 -13.32
N THR A 115 -11.97 5.93 -12.13
CA THR A 115 -13.15 5.04 -12.00
C THR A 115 -14.21 5.72 -11.13
N ALA A 116 -15.42 5.82 -11.65
CA ALA A 116 -16.54 6.40 -10.93
C ALA A 116 -17.32 5.23 -10.30
N ASP A 117 -17.74 5.41 -9.05
CA ASP A 117 -18.46 4.38 -8.28
C ASP A 117 -19.94 4.45 -8.66
N LYS A 118 -20.81 3.66 -8.00
CA LYS A 118 -22.23 3.61 -8.38
C LYS A 118 -22.98 4.92 -8.18
N ASP A 119 -22.43 5.84 -7.38
CA ASP A 119 -23.08 7.14 -7.25
C ASP A 119 -22.59 8.15 -8.31
N GLY A 120 -21.69 7.76 -9.19
CA GLY A 120 -21.19 8.72 -10.16
C GLY A 120 -19.99 9.51 -9.69
N VAL A 121 -19.37 9.07 -8.59
CA VAL A 121 -18.23 9.77 -8.04
C VAL A 121 -16.90 9.04 -8.30
N ALA A 122 -15.92 9.75 -8.89
CA ALA A 122 -14.54 9.24 -9.02
C ALA A 122 -13.67 9.93 -7.96
N ASP A 123 -13.29 9.17 -6.94
CA ASP A 123 -12.26 9.59 -5.97
C ASP A 123 -10.86 9.31 -6.50
N VAL A 124 -10.33 10.30 -7.23
CA VAL A 124 -9.15 10.11 -8.06
C VAL A 124 -7.92 10.00 -7.16
N SER A 125 -7.07 9.04 -7.46
CA SER A 125 -5.80 8.92 -6.76
C SER A 125 -4.78 8.26 -7.66
N ILE A 126 -3.88 9.06 -8.20
CA ILE A 126 -2.92 8.63 -9.18
C ILE A 126 -1.53 9.13 -8.74
N GLU A 127 -0.49 8.39 -9.06
CA GLU A 127 0.86 8.92 -8.94
C GLU A 127 1.57 8.70 -10.26
N ASP A 128 2.18 9.75 -10.79
CA ASP A 128 2.74 9.63 -12.12
C ASP A 128 4.11 10.29 -12.17
N SER A 129 5.06 9.65 -12.84
N SER A 129 5.05 9.65 -12.85
CA SER A 129 6.41 10.21 -12.89
CA SER A 129 6.42 10.17 -12.91
C SER A 129 6.83 10.73 -14.25
C SER A 129 6.82 10.78 -14.24
N VAL A 130 5.89 10.89 -15.17
CA VAL A 130 6.21 11.43 -16.49
C VAL A 130 5.72 12.87 -16.58
N ILE A 131 4.51 13.14 -16.11
CA ILE A 131 4.07 14.57 -15.98
C ILE A 131 4.99 15.25 -14.93
N SER A 132 5.08 16.58 -15.02
CA SER A 132 5.81 17.34 -14.03
C SER A 132 5.14 18.68 -13.80
N LEU A 133 5.48 19.33 -12.68
CA LEU A 133 5.06 20.72 -12.47
C LEU A 133 6.19 21.72 -12.82
N SER A 134 7.25 21.27 -13.46
CA SER A 134 8.27 22.18 -14.01
C SER A 134 8.97 21.51 -15.20
N GLY A 135 9.76 22.29 -15.93
CA GLY A 135 10.59 21.76 -17.00
C GLY A 135 9.81 21.41 -18.25
N ASP A 136 10.42 20.60 -19.10
CA ASP A 136 9.87 20.28 -20.43
C ASP A 136 8.48 19.62 -20.33
N HIS A 137 8.28 18.82 -19.29
CA HIS A 137 7.01 18.08 -19.17
C HIS A 137 6.00 18.79 -18.26
N CYS A 138 6.20 20.10 -18.05
CA CYS A 138 5.41 20.85 -17.10
C CYS A 138 3.95 20.89 -17.61
N ILE A 139 2.99 20.59 -16.76
CA ILE A 139 1.58 20.55 -17.23
C ILE A 139 0.82 21.78 -16.69
N ILE A 140 1.49 22.66 -15.94
N ILE A 140 1.48 22.65 -15.94
CA ILE A 140 0.90 23.98 -15.54
CA ILE A 140 0.84 23.93 -15.52
C ILE A 140 0.50 24.75 -16.79
C ILE A 140 0.52 24.77 -16.75
N GLY A 141 -0.70 25.29 -16.80
CA GLY A 141 -1.18 26.06 -17.95
C GLY A 141 -1.75 25.18 -19.04
N ARG A 142 -1.81 23.85 -18.82
CA ARG A 142 -2.40 22.95 -19.80
C ARG A 142 -3.77 22.55 -19.31
N THR A 143 -4.50 21.73 -20.04
CA THR A 143 -5.89 21.44 -19.66
C THR A 143 -6.05 19.99 -19.22
N LEU A 144 -6.62 19.78 -18.04
CA LEU A 144 -7.00 18.41 -17.64
C LEU A 144 -8.43 18.09 -18.21
N VAL A 145 -8.65 16.92 -18.81
CA VAL A 145 -9.96 16.55 -19.40
C VAL A 145 -10.35 15.20 -18.87
N VAL A 146 -11.59 15.07 -18.42
CA VAL A 146 -12.13 13.73 -18.17
C VAL A 146 -13.07 13.37 -19.32
N HIS A 147 -12.91 12.13 -19.80
CA HIS A 147 -13.61 11.68 -20.99
C HIS A 147 -14.85 10.79 -20.76
N GLU A 148 -15.62 10.67 -21.82
CA GLU A 148 -16.91 9.95 -21.88
C GLU A 148 -16.76 8.46 -21.64
N LYS A 149 -15.75 7.87 -22.26
CA LYS A 149 -15.54 6.38 -22.24
C LYS A 149 -14.21 5.95 -21.63
N ALA A 150 -14.02 4.64 -21.42
CA ALA A 150 -12.71 4.12 -20.98
C ALA A 150 -11.63 4.44 -22.03
N ASP A 151 -10.44 4.77 -21.55
CA ASP A 151 -9.24 4.81 -22.36
C ASP A 151 -8.77 3.34 -22.50
N ASP A 152 -8.54 2.86 -23.72
CA ASP A 152 -8.09 1.44 -23.91
C ASP A 152 -6.58 1.30 -23.81
N LEU A 153 -5.91 2.41 -23.44
CA LEU A 153 -4.50 2.44 -23.07
C LEU A 153 -3.62 2.04 -24.29
N GLY A 154 -4.19 2.30 -25.45
CA GLY A 154 -3.50 2.16 -26.73
C GLY A 154 -3.50 0.71 -27.20
N LYS A 155 -4.37 -0.13 -26.62
CA LYS A 155 -4.39 -1.58 -26.94
C LYS A 155 -5.61 -1.93 -27.77
N GLY A 156 -6.25 -0.94 -28.38
CA GLY A 156 -7.54 -1.16 -29.06
C GLY A 156 -7.39 -1.69 -30.48
N GLY A 157 -6.17 -1.63 -31.01
CA GLY A 157 -5.84 -2.15 -32.37
C GLY A 157 -6.39 -1.35 -33.55
N ASN A 158 -7.02 -0.20 -33.28
CA ASN A 158 -7.46 0.63 -34.40
C ASN A 158 -6.66 1.93 -34.42
N GLU A 159 -6.84 2.78 -35.44
CA GLU A 159 -6.03 3.99 -35.54
C GLU A 159 -6.30 4.88 -34.34
N GLU A 160 -7.55 4.95 -33.93
CA GLU A 160 -7.94 5.89 -32.88
C GLU A 160 -7.32 5.50 -31.54
N SER A 161 -7.12 4.19 -31.34
CA SER A 161 -6.50 3.75 -30.09
C SER A 161 -5.11 4.38 -29.86
N THR A 162 -4.31 4.49 -30.92
CA THR A 162 -2.95 5.09 -30.89
C THR A 162 -2.95 6.62 -30.75
N LYS A 163 -4.12 7.26 -30.83
CA LYS A 163 -4.22 8.71 -30.65
C LYS A 163 -4.92 9.11 -29.39
N THR A 164 -6.10 8.57 -29.16
CA THR A 164 -6.90 9.00 -28.03
C THR A 164 -7.25 7.85 -27.06
N GLY A 165 -6.88 6.62 -27.40
CA GLY A 165 -7.35 5.46 -26.57
C GLY A 165 -8.85 5.18 -26.69
N ASN A 166 -9.51 5.78 -27.69
CA ASN A 166 -10.96 5.61 -27.93
C ASN A 166 -11.78 6.11 -26.75
N ALA A 167 -11.25 7.05 -25.97
CA ALA A 167 -11.94 7.53 -24.76
C ALA A 167 -13.13 8.46 -25.10
N GLY A 168 -13.28 8.84 -26.36
CA GLY A 168 -14.51 9.53 -26.80
C GLY A 168 -14.57 10.99 -26.33
N SER A 169 -15.78 11.51 -26.11
CA SER A 169 -15.93 12.98 -25.97
C SER A 169 -15.42 13.52 -24.62
N ARG A 170 -15.34 14.84 -24.56
CA ARG A 170 -14.76 15.49 -23.43
C ARG A 170 -15.89 15.93 -22.52
N LEU A 171 -15.99 15.36 -21.33
CA LEU A 171 -17.12 15.69 -20.49
C LEU A 171 -16.92 16.95 -19.64
N ALA A 172 -15.69 17.19 -19.17
CA ALA A 172 -15.41 18.34 -18.32
C ALA A 172 -13.90 18.57 -18.40
N CYS A 173 -13.51 19.82 -18.21
CA CYS A 173 -12.12 20.17 -18.28
C CYS A 173 -11.84 21.44 -17.50
N GLY A 174 -10.56 21.76 -17.34
CA GLY A 174 -10.18 23.07 -16.75
C GLY A 174 -8.69 23.25 -16.95
N VAL A 175 -8.23 24.49 -16.84
CA VAL A 175 -6.82 24.79 -16.97
C VAL A 175 -6.10 24.48 -15.65
N ILE A 176 -4.93 23.84 -15.74
CA ILE A 176 -4.22 23.48 -14.54
C ILE A 176 -3.46 24.73 -14.04
N GLY A 177 -3.71 25.10 -12.79
CA GLY A 177 -3.15 26.37 -12.30
C GLY A 177 -2.20 26.15 -11.14
N ILE A 178 -1.29 27.08 -10.91
CA ILE A 178 -0.42 27.00 -9.70
C ILE A 178 -1.21 27.20 -8.43
N ALA A 179 -0.91 26.35 -7.44
CA ALA A 179 -1.66 26.43 -6.19
C ALA A 179 -0.70 26.76 -5.02
N GLN A 180 -1.27 27.23 -3.92
CA GLN A 180 -0.51 27.49 -2.69
C GLN A 180 -0.41 26.18 -1.91
N MET B 27 10.03 29.12 -23.87
CA MET B 27 9.21 27.99 -24.40
C MET B 27 7.82 28.41 -24.95
N ALA B 28 6.83 28.65 -24.08
CA ALA B 28 5.54 29.22 -24.51
C ALA B 28 5.69 30.61 -25.19
N THR B 29 5.09 30.80 -26.37
CA THR B 29 5.09 32.12 -26.99
C THR B 29 3.67 32.72 -27.06
N LYS B 30 2.65 31.91 -26.75
CA LYS B 30 1.23 32.38 -26.77
C LYS B 30 0.47 31.85 -25.58
N ALA B 31 -0.48 32.66 -25.06
CA ALA B 31 -1.27 32.21 -23.91
C ALA B 31 -2.63 32.87 -24.07
N VAL B 32 -3.60 32.42 -23.25
CA VAL B 32 -4.97 32.88 -23.42
C VAL B 32 -5.65 32.71 -22.07
N CYS B 33 -6.63 33.59 -21.77
CA CYS B 33 -7.33 33.51 -20.52
C CYS B 33 -8.81 33.79 -20.79
N VAL B 34 -9.69 32.91 -20.33
CA VAL B 34 -11.12 33.14 -20.38
C VAL B 34 -11.57 33.68 -19.04
N LEU B 35 -12.09 34.91 -19.02
CA LEU B 35 -12.50 35.53 -17.75
C LEU B 35 -14.00 35.24 -17.51
N LYS B 36 -14.33 34.77 -16.31
N LYS B 36 -14.31 34.76 -16.30
CA LYS B 36 -15.71 34.57 -15.91
CA LYS B 36 -15.67 34.47 -15.86
C LYS B 36 -15.85 34.88 -14.42
C LYS B 36 -15.84 34.87 -14.40
N GLY B 37 -17.07 35.24 -14.04
CA GLY B 37 -17.37 35.49 -12.63
C GLY B 37 -18.82 35.09 -12.29
N ASP B 38 -19.26 35.63 -11.17
N ASP B 38 -19.31 35.56 -11.17
CA ASP B 38 -20.61 35.42 -10.58
CA ASP B 38 -20.71 35.26 -10.80
C ASP B 38 -21.66 36.37 -11.22
C ASP B 38 -21.67 36.20 -11.58
N GLY B 39 -21.16 37.36 -11.94
CA GLY B 39 -21.97 38.40 -12.54
C GLY B 39 -21.84 38.35 -14.04
N PRO B 40 -22.15 39.46 -14.70
CA PRO B 40 -22.14 39.50 -16.16
C PRO B 40 -20.75 39.72 -16.82
N VAL B 41 -19.71 39.90 -16.03
CA VAL B 41 -18.38 40.28 -16.64
C VAL B 41 -17.77 39.07 -17.29
N GLN B 42 -17.50 39.15 -18.59
CA GLN B 42 -16.90 38.01 -19.30
C GLN B 42 -15.91 38.56 -20.31
N GLY B 43 -14.87 37.78 -20.63
CA GLY B 43 -13.92 38.25 -21.62
C GLY B 43 -12.91 37.19 -22.04
N ILE B 44 -12.17 37.50 -23.09
CA ILE B 44 -11.08 36.63 -23.50
C ILE B 44 -9.85 37.51 -23.76
N ILE B 45 -8.76 37.23 -23.05
CA ILE B 45 -7.53 37.98 -23.21
C ILE B 45 -6.44 37.08 -23.79
N ASN B 46 -5.69 37.59 -24.78
CA ASN B 46 -4.63 36.88 -25.45
C ASN B 46 -3.30 37.46 -25.09
N PHE B 47 -2.27 36.61 -25.11
CA PHE B 47 -0.94 37.06 -24.73
C PHE B 47 -0.03 36.56 -25.84
N GLU B 48 0.95 37.36 -26.23
CA GLU B 48 1.95 36.92 -27.20
C GLU B 48 3.36 37.46 -26.88
N GLN B 49 4.36 36.59 -26.90
CA GLN B 49 5.71 36.99 -26.63
C GLN B 49 6.58 36.21 -27.62
N LYS B 50 6.98 36.87 -28.71
CA LYS B 50 7.71 36.19 -29.77
C LYS B 50 9.19 36.01 -29.41
N GLU B 51 9.71 36.82 -28.49
CA GLU B 51 11.04 36.61 -27.94
C GLU B 51 10.99 36.44 -26.44
N SER B 52 11.70 35.43 -25.97
CA SER B 52 11.79 35.17 -24.54
C SER B 52 12.29 36.30 -23.70
N ASN B 53 13.10 37.18 -24.28
CA ASN B 53 13.58 38.26 -23.43
C ASN B 53 12.94 39.59 -23.86
N GLY B 54 11.89 39.51 -24.68
CA GLY B 54 11.13 40.64 -25.20
C GLY B 54 9.79 40.87 -24.48
N PRO B 55 9.05 41.93 -24.89
CA PRO B 55 7.82 42.19 -24.18
C PRO B 55 6.66 41.28 -24.59
N VAL B 56 5.63 41.29 -23.77
CA VAL B 56 4.40 40.55 -24.05
C VAL B 56 3.27 41.46 -24.53
N LYS B 57 2.66 41.17 -25.67
CA LYS B 57 1.47 41.88 -26.07
C LYS B 57 0.25 41.20 -25.43
N VAL B 58 -0.67 42.01 -24.90
CA VAL B 58 -1.86 41.50 -24.17
C VAL B 58 -3.03 42.21 -24.80
N TRP B 59 -3.97 41.45 -25.37
CA TRP B 59 -5.06 42.08 -26.12
C TRP B 59 -6.29 41.21 -26.09
N GLY B 60 -7.43 41.86 -26.19
CA GLY B 60 -8.68 41.14 -26.30
C GLY B 60 -9.80 42.05 -25.84
N SER B 61 -10.87 41.46 -25.34
CA SER B 61 -12.08 42.24 -25.01
C SER B 61 -12.77 41.71 -23.77
N ILE B 62 -13.31 42.63 -22.97
CA ILE B 62 -14.03 42.26 -21.76
C ILE B 62 -15.40 42.94 -21.82
N LYS B 63 -16.46 42.18 -21.56
CA LYS B 63 -17.82 42.79 -21.61
C LYS B 63 -18.54 42.71 -20.28
N GLY B 64 -19.67 43.42 -20.15
CA GLY B 64 -20.39 43.42 -18.89
C GLY B 64 -19.89 44.31 -17.80
N LEU B 65 -19.01 45.27 -18.13
CA LEU B 65 -18.40 46.08 -17.12
C LEU B 65 -19.19 47.39 -16.97
N THR B 66 -19.13 48.03 -15.82
CA THR B 66 -19.66 49.37 -15.70
C THR B 66 -18.68 50.28 -16.43
N GLU B 67 -19.23 51.32 -17.05
CA GLU B 67 -18.41 52.28 -17.80
C GLU B 67 -17.33 52.88 -16.93
N GLY B 68 -16.13 53.05 -17.49
CA GLY B 68 -15.04 53.62 -16.73
C GLY B 68 -13.90 52.62 -16.53
N LEU B 69 -13.07 52.91 -15.54
CA LEU B 69 -11.82 52.22 -15.32
C LEU B 69 -11.95 51.02 -14.35
N HIS B 70 -11.16 49.99 -14.59
CA HIS B 70 -11.21 48.78 -13.76
C HIS B 70 -9.80 48.22 -13.67
N GLY B 71 -9.38 47.91 -12.44
CA GLY B 71 -8.04 47.35 -12.19
C GLY B 71 -7.93 46.00 -12.89
N PHE B 72 -6.71 45.69 -13.35
CA PHE B 72 -6.49 44.55 -14.24
C PHE B 72 -5.15 43.99 -13.84
N HIS B 73 -5.15 42.83 -13.16
CA HIS B 73 -3.95 42.31 -12.48
C HIS B 73 -3.81 40.81 -12.67
N VAL B 74 -2.54 40.37 -12.69
CA VAL B 74 -2.24 38.94 -12.57
C VAL B 74 -2.10 38.68 -11.08
N HIS B 75 -2.87 37.75 -10.58
CA HIS B 75 -2.76 37.30 -9.24
C HIS B 75 -1.96 36.01 -9.14
N GLU B 76 -1.46 35.73 -7.94
CA GLU B 76 -0.44 34.68 -7.73
C GLU B 76 -0.87 33.27 -8.08
N PHE B 77 -2.06 32.86 -7.64
CA PHE B 77 -2.50 31.46 -7.88
C PHE B 77 -3.55 31.24 -8.95
N GLY B 78 -3.36 30.18 -9.74
CA GLY B 78 -4.33 29.79 -10.75
C GLY B 78 -5.32 28.85 -10.07
N ASP B 79 -5.83 29.26 -8.92
CA ASP B 79 -6.73 28.44 -8.10
C ASP B 79 -8.12 29.09 -8.14
N ASN B 80 -9.04 28.49 -8.87
CA ASN B 80 -10.42 28.99 -8.90
C ASN B 80 -11.38 28.14 -8.03
N THR B 81 -10.87 27.42 -7.04
CA THR B 81 -11.72 26.53 -6.25
C THR B 81 -12.72 27.29 -5.39
N ALA B 82 -12.42 28.53 -5.02
CA ALA B 82 -13.40 29.39 -4.37
C ALA B 82 -13.63 30.61 -5.23
N GLY B 83 -13.76 30.42 -6.54
CA GLY B 83 -13.96 31.55 -7.45
C GLY B 83 -12.71 32.43 -7.49
N CYS B 84 -12.88 33.73 -7.66
CA CYS B 84 -11.73 34.64 -7.81
C CYS B 84 -10.94 34.85 -6.49
N THR B 85 -11.60 34.54 -5.36
CA THR B 85 -10.97 34.68 -4.03
C THR B 85 -9.77 33.78 -3.81
N SER B 86 -9.80 32.58 -4.35
CA SER B 86 -8.66 31.71 -4.12
C SER B 86 -7.46 32.03 -5.04
N ALA B 87 -7.59 33.02 -5.91
CA ALA B 87 -6.42 33.48 -6.70
C ALA B 87 -5.31 34.18 -5.86
N GLY B 88 -5.62 34.51 -4.59
CA GLY B 88 -4.69 35.18 -3.69
C GLY B 88 -4.29 36.59 -4.15
N PRO B 89 -3.11 37.09 -3.71
CA PRO B 89 -2.79 38.52 -3.95
C PRO B 89 -2.21 38.82 -5.32
N HIS B 90 -1.80 40.07 -5.57
CA HIS B 90 -1.14 40.36 -6.87
C HIS B 90 0.14 39.55 -6.91
N PHE B 91 0.44 39.02 -8.11
CA PHE B 91 1.66 38.26 -8.35
C PHE B 91 2.83 39.23 -8.16
N ASN B 92 3.61 38.92 -7.14
CA ASN B 92 4.67 39.83 -6.68
C ASN B 92 5.93 39.01 -6.26
N PRO B 93 6.60 38.38 -7.23
CA PRO B 93 7.77 37.56 -6.82
C PRO B 93 9.00 38.40 -6.36
N LEU B 94 9.05 39.69 -6.72
CA LEU B 94 10.19 40.54 -6.28
C LEU B 94 9.92 41.32 -4.99
N SER B 95 8.77 41.06 -4.37
N SER B 95 8.76 41.03 -4.37
CA SER B 95 8.38 41.66 -3.10
CA SER B 95 8.28 41.64 -3.12
C SER B 95 8.35 43.20 -3.11
C SER B 95 8.18 43.17 -3.08
N ARG B 96 7.92 43.78 -4.22
CA ARG B 96 7.79 45.24 -4.33
C ARG B 96 6.43 45.73 -3.80
N LYS B 97 6.22 47.04 -3.93
CA LYS B 97 4.95 47.66 -3.61
C LYS B 97 4.16 47.77 -4.89
N HIS B 98 2.85 47.96 -4.76
CA HIS B 98 1.94 48.05 -5.91
C HIS B 98 2.18 49.36 -6.67
N GLY B 99 2.20 49.31 -7.99
CA GLY B 99 2.24 50.51 -8.78
C GLY B 99 1.48 50.30 -10.07
N GLY B 100 1.57 51.27 -10.97
CA GLY B 100 1.06 51.12 -12.32
C GLY B 100 2.07 50.37 -13.19
N PRO B 101 1.65 49.94 -14.39
CA PRO B 101 2.54 49.13 -15.21
C PRO B 101 3.77 49.92 -15.73
N LYS B 102 3.69 51.25 -15.74
CA LYS B 102 4.83 52.06 -16.16
C LYS B 102 5.80 52.43 -15.03
N ASP B 103 5.44 52.15 -13.78
CA ASP B 103 6.31 52.49 -12.65
C ASP B 103 7.38 51.40 -12.49
N GLU B 104 8.59 51.77 -12.03
CA GLU B 104 9.65 50.81 -11.67
C GLU B 104 9.20 50.02 -10.44
N GLU B 105 8.64 50.73 -9.47
CA GLU B 105 8.11 50.09 -8.29
C GLU B 105 6.70 49.57 -8.71
N ARG B 106 6.63 48.26 -8.92
CA ARG B 106 5.33 47.62 -9.27
C ARG B 106 5.37 46.14 -8.92
N HIS B 107 4.20 45.52 -8.83
CA HIS B 107 4.12 44.05 -8.72
C HIS B 107 4.35 43.53 -10.12
N VAL B 108 4.91 42.33 -10.31
CA VAL B 108 4.93 41.80 -11.65
C VAL B 108 3.52 41.75 -12.25
N GLY B 109 2.55 41.42 -11.41
CA GLY B 109 1.13 41.32 -11.86
C GLY B 109 0.40 42.63 -12.18
N ASP B 110 1.04 43.78 -11.97
CA ASP B 110 0.31 45.07 -12.05
C ASP B 110 0.16 45.55 -13.47
N LEU B 111 -0.99 45.26 -14.12
CA LEU B 111 -1.24 45.67 -15.50
C LEU B 111 -2.13 46.92 -15.67
N GLY B 112 -2.36 47.62 -14.55
CA GLY B 112 -3.03 48.95 -14.60
C GLY B 112 -4.54 48.88 -14.68
N ASN B 113 -5.12 49.72 -15.53
CA ASN B 113 -6.57 49.76 -15.72
C ASN B 113 -6.95 49.43 -17.11
N VAL B 114 -8.07 48.73 -17.24
CA VAL B 114 -8.75 48.73 -18.51
C VAL B 114 -9.92 49.70 -18.46
N THR B 115 -10.35 50.14 -19.63
N THR B 115 -10.36 50.17 -19.60
CA THR B 115 -11.40 51.18 -19.77
CA THR B 115 -11.42 51.17 -19.59
C THR B 115 -12.62 50.63 -20.47
C THR B 115 -12.60 50.68 -20.43
N ALA B 116 -13.75 50.58 -19.76
CA ALA B 116 -14.98 50.16 -20.39
C ALA B 116 -15.73 51.37 -20.98
N ASP B 117 -16.20 51.24 -22.22
CA ASP B 117 -17.03 52.25 -22.85
C ASP B 117 -18.47 52.24 -22.32
N LYS B 118 -19.32 53.09 -22.91
CA LYS B 118 -20.70 53.23 -22.43
C LYS B 118 -21.53 51.96 -22.60
N ASP B 119 -21.15 51.11 -23.56
CA ASP B 119 -21.75 49.80 -23.76
C ASP B 119 -21.20 48.70 -22.80
N GLY B 120 -20.33 49.09 -21.87
CA GLY B 120 -19.69 48.16 -20.91
C GLY B 120 -18.57 47.29 -21.50
N VAL B 121 -18.02 47.68 -22.65
CA VAL B 121 -17.01 46.86 -23.33
C VAL B 121 -15.65 47.53 -23.17
N ALA B 122 -14.66 46.78 -22.68
CA ALA B 122 -13.30 47.24 -22.63
C ALA B 122 -12.47 46.54 -23.74
N ASP B 123 -11.89 47.34 -24.62
CA ASP B 123 -10.98 46.80 -25.61
C ASP B 123 -9.55 46.90 -25.11
N VAL B 124 -8.96 45.75 -24.84
CA VAL B 124 -7.67 45.73 -24.16
C VAL B 124 -6.55 45.65 -25.22
N SER B 125 -5.57 46.54 -25.11
CA SER B 125 -4.39 46.47 -25.96
C SER B 125 -3.20 47.03 -25.20
N ILE B 126 -2.34 46.14 -24.75
CA ILE B 126 -1.33 46.46 -23.77
C ILE B 126 -0.05 45.81 -24.34
N GLU B 127 1.08 46.46 -24.14
CA GLU B 127 2.37 45.81 -24.24
C GLU B 127 3.07 45.97 -22.92
N ASP B 128 3.66 44.88 -22.44
CA ASP B 128 4.29 44.92 -21.17
C ASP B 128 5.66 44.18 -21.16
N SER B 129 6.62 44.76 -20.47
CA SER B 129 8.00 44.28 -20.42
C SER B 129 8.36 43.64 -19.12
N VAL B 130 7.42 43.59 -18.19
CA VAL B 130 7.75 43.03 -16.90
C VAL B 130 7.23 41.58 -16.78
N ILE B 131 5.98 41.35 -17.20
CA ILE B 131 5.46 39.95 -17.24
C ILE B 131 6.20 39.15 -18.33
N SER B 132 6.17 37.81 -18.21
CA SER B 132 6.78 36.95 -19.18
C SER B 132 5.94 35.67 -19.29
N LEU B 133 5.96 35.05 -20.46
CA LEU B 133 5.35 33.72 -20.61
C LEU B 133 6.34 32.57 -20.31
N SER B 134 7.53 32.90 -19.75
CA SER B 134 8.59 31.92 -19.43
C SER B 134 9.48 32.46 -18.34
N GLY B 135 10.23 31.59 -17.63
CA GLY B 135 11.08 31.97 -16.47
C GLY B 135 10.48 32.40 -15.11
N ASP B 136 11.22 33.20 -14.34
N ASP B 136 11.22 33.21 -14.35
CA ASP B 136 10.77 33.54 -12.97
CA ASP B 136 10.80 33.60 -12.99
C ASP B 136 9.58 34.52 -12.89
C ASP B 136 9.55 34.48 -12.91
N HIS B 137 9.39 35.36 -13.91
CA HIS B 137 8.21 36.23 -13.95
C HIS B 137 7.08 35.54 -14.73
N CYS B 138 7.17 34.21 -14.90
CA CYS B 138 6.27 33.53 -15.86
C CYS B 138 4.82 33.59 -15.31
N ILE B 139 3.83 33.98 -16.12
CA ILE B 139 2.45 34.13 -15.59
C ILE B 139 1.51 33.00 -16.03
N ILE B 140 2.03 32.05 -16.82
CA ILE B 140 1.23 30.83 -17.18
C ILE B 140 0.83 30.11 -15.92
N GLY B 141 -0.44 29.70 -15.78
CA GLY B 141 -0.84 28.99 -14.58
C GLY B 141 -1.25 29.91 -13.43
N ARG B 142 -1.17 31.23 -13.65
CA ARG B 142 -1.59 32.19 -12.59
C ARG B 142 -2.96 32.70 -13.03
N THR B 143 -3.57 33.60 -12.26
CA THR B 143 -4.94 34.08 -12.58
C THR B 143 -4.94 35.54 -13.06
N LEU B 144 -5.61 35.83 -14.19
CA LEU B 144 -5.90 37.24 -14.58
C LEU B 144 -7.24 37.66 -13.97
N VAL B 145 -7.32 38.83 -13.34
CA VAL B 145 -8.54 39.27 -12.61
C VAL B 145 -8.87 40.70 -13.10
N VAL B 146 -10.15 40.96 -13.44
CA VAL B 146 -10.62 42.35 -13.62
C VAL B 146 -11.44 42.77 -12.40
N HIS B 147 -11.17 43.98 -11.89
CA HIS B 147 -11.66 44.41 -10.61
C HIS B 147 -12.83 45.38 -10.70
N GLU B 148 -13.49 45.56 -9.56
CA GLU B 148 -14.71 46.39 -9.49
C GLU B 148 -14.42 47.89 -9.83
N LYS B 149 -13.31 48.38 -9.30
CA LYS B 149 -12.97 49.81 -9.31
C LYS B 149 -11.63 50.10 -9.99
N ALA B 150 -11.35 51.38 -10.17
CA ALA B 150 -10.08 51.81 -10.73
C ALA B 150 -8.96 51.48 -9.79
N ASP B 151 -7.84 51.06 -10.38
CA ASP B 151 -6.59 50.90 -9.68
C ASP B 151 -6.03 52.34 -9.54
N ASP B 152 -5.73 52.74 -8.32
CA ASP B 152 -5.11 54.07 -8.06
C ASP B 152 -3.57 54.08 -8.27
N LEU B 153 -3.07 52.97 -8.86
CA LEU B 153 -1.70 52.82 -9.30
C LEU B 153 -0.69 53.03 -8.18
N GLY B 154 -1.14 52.81 -6.95
CA GLY B 154 -0.27 52.85 -5.78
C GLY B 154 -0.08 54.25 -5.23
N LYS B 155 -0.76 55.24 -5.82
CA LYS B 155 -0.65 56.66 -5.46
C LYS B 155 -1.87 57.25 -4.73
N GLY B 156 -2.53 56.45 -3.90
CA GLY B 156 -3.73 56.91 -3.22
C GLY B 156 -3.50 57.35 -1.78
N GLY B 157 -2.26 57.24 -1.30
CA GLY B 157 -1.89 57.72 0.04
C GLY B 157 -2.38 56.90 1.23
N ASN B 158 -2.60 55.60 1.05
CA ASN B 158 -2.91 54.71 2.19
C ASN B 158 -2.28 53.31 2.05
N GLU B 159 -2.34 52.53 3.15
CA GLU B 159 -1.83 51.17 3.18
C GLU B 159 -2.38 50.33 2.02
N GLU B 160 -3.69 50.40 1.85
CA GLU B 160 -4.41 49.60 0.85
C GLU B 160 -3.90 49.92 -0.55
N SER B 161 -3.70 51.20 -0.84
CA SER B 161 -3.18 51.65 -2.15
C SER B 161 -1.87 50.97 -2.54
N THR B 162 -1.00 50.75 -1.55
CA THR B 162 0.33 50.16 -1.76
C THR B 162 0.28 48.63 -1.92
N LYS B 163 -0.86 48.04 -1.58
CA LYS B 163 -1.08 46.59 -1.73
C LYS B 163 -1.92 46.23 -2.97
N THR B 164 -3.08 46.88 -3.10
CA THR B 164 -4.04 46.47 -4.12
C THR B 164 -4.43 47.58 -5.05
N GLY B 165 -3.98 48.82 -4.78
CA GLY B 165 -4.42 49.92 -5.62
C GLY B 165 -5.86 50.39 -5.37
N ASN B 166 -6.46 49.93 -4.26
CA ASN B 166 -7.88 50.17 -3.95
C ASN B 166 -8.87 49.79 -5.08
N ALA B 167 -8.48 48.84 -5.93
CA ALA B 167 -9.31 48.43 -7.08
C ALA B 167 -10.53 47.61 -6.61
N GLY B 168 -10.53 47.24 -5.33
CA GLY B 168 -11.67 46.55 -4.74
C GLY B 168 -11.95 45.12 -5.23
N SER B 169 -13.25 44.81 -5.36
CA SER B 169 -13.82 43.49 -5.64
C SER B 169 -13.31 42.83 -6.91
N ARG B 170 -13.29 41.50 -6.93
CA ARG B 170 -12.92 40.77 -8.16
C ARG B 170 -14.17 40.39 -8.96
N LEU B 171 -14.34 40.97 -10.14
CA LEU B 171 -15.51 40.72 -10.98
C LEU B 171 -15.46 39.47 -11.84
N ALA B 172 -14.29 39.17 -12.41
CA ALA B 172 -14.18 37.98 -13.27
C ALA B 172 -12.71 37.61 -13.23
N CYS B 173 -12.43 36.34 -13.49
CA CYS B 173 -11.04 35.86 -13.50
C CYS B 173 -10.95 34.62 -14.31
N GLY B 174 -9.71 34.24 -14.62
CA GLY B 174 -9.50 32.94 -15.27
C GLY B 174 -8.04 32.57 -15.20
N VAL B 175 -7.76 31.29 -15.39
CA VAL B 175 -6.34 30.82 -15.33
C VAL B 175 -5.70 31.12 -16.66
N ILE B 176 -4.47 31.62 -16.64
CA ILE B 176 -3.76 31.89 -17.90
C ILE B 176 -3.16 30.60 -18.43
N GLY B 177 -3.57 30.20 -19.63
CA GLY B 177 -3.19 28.89 -20.17
C GLY B 177 -2.33 29.01 -21.41
N ILE B 178 -1.53 27.98 -21.67
CA ILE B 178 -0.79 27.92 -22.96
C ILE B 178 -1.71 27.79 -24.16
N ALA B 179 -1.45 28.61 -25.21
CA ALA B 179 -2.27 28.61 -26.41
C ALA B 179 -1.44 28.21 -27.63
N GLN B 180 -2.13 27.76 -28.65
CA GLN B 180 -1.51 27.33 -29.89
C GLN B 180 -1.07 28.57 -30.69
N MET C 27 8.05 -28.07 3.31
CA MET C 27 7.44 -29.41 3.55
C MET C 27 6.13 -29.65 2.76
N ALA C 28 5.16 -28.74 2.85
CA ALA C 28 3.93 -28.86 2.02
C ALA C 28 4.15 -28.64 0.50
N THR C 29 3.62 -29.54 -0.32
CA THR C 29 3.68 -29.38 -1.76
C THR C 29 2.27 -29.32 -2.36
N LYS C 30 1.23 -29.60 -1.58
CA LYS C 30 -0.14 -29.51 -2.09
C LYS C 30 -1.03 -28.84 -1.07
N ALA C 31 -2.03 -28.12 -1.57
CA ALA C 31 -2.94 -27.47 -0.68
C ALA C 31 -4.31 -27.48 -1.33
N VAL C 32 -5.35 -27.21 -0.54
CA VAL C 32 -6.67 -27.21 -1.11
C VAL C 32 -7.55 -26.21 -0.36
N CYS C 33 -8.59 -25.72 -1.03
CA CYS C 33 -9.47 -24.71 -0.45
C CYS C 33 -10.89 -24.97 -0.86
N VAL C 34 -11.79 -25.01 0.11
CA VAL C 34 -13.23 -25.15 -0.17
C VAL C 34 -13.89 -23.79 0.00
N LEU C 35 -14.46 -23.26 -1.09
N LEU C 35 -14.43 -23.22 -1.09
CA LEU C 35 -15.09 -21.95 -1.10
CA LEU C 35 -15.08 -21.92 -0.99
C LEU C 35 -16.59 -22.08 -0.79
C LEU C 35 -16.57 -22.09 -0.77
N LYS C 36 -17.08 -21.33 0.20
CA LYS C 36 -18.50 -21.27 0.53
C LYS C 36 -18.81 -19.85 0.89
N GLY C 37 -20.06 -19.43 0.76
CA GLY C 37 -20.45 -18.10 1.28
C GLY C 37 -21.94 -18.07 1.66
N ASP C 38 -22.52 -16.87 1.69
CA ASP C 38 -23.93 -16.69 2.06
C ASP C 38 -24.85 -16.96 0.89
N GLY C 39 -24.34 -16.88 -0.33
CA GLY C 39 -25.16 -17.12 -1.46
C GLY C 39 -24.82 -18.45 -2.09
N PRO C 40 -25.04 -18.54 -3.39
CA PRO C 40 -24.87 -19.88 -3.96
C PRO C 40 -23.46 -20.24 -4.44
N VAL C 41 -22.49 -19.35 -4.32
CA VAL C 41 -21.15 -19.59 -4.92
C VAL C 41 -20.43 -20.64 -4.11
N GLN C 42 -19.92 -21.66 -4.78
CA GLN C 42 -19.08 -22.64 -4.07
C GLN C 42 -18.06 -23.27 -5.00
N GLY C 43 -16.98 -23.77 -4.45
CA GLY C 43 -15.96 -24.33 -5.28
C GLY C 43 -14.88 -25.02 -4.52
N ILE C 44 -14.03 -25.72 -5.27
CA ILE C 44 -12.86 -26.35 -4.76
C ILE C 44 -11.65 -25.94 -5.57
N ILE C 45 -10.68 -25.36 -4.89
CA ILE C 45 -9.45 -24.93 -5.55
C ILE C 45 -8.25 -25.68 -5.01
N ASN C 46 -7.47 -26.28 -5.92
CA ASN C 46 -6.22 -26.99 -5.61
C ASN C 46 -5.01 -26.13 -5.85
N PHE C 47 -3.94 -26.40 -5.08
CA PHE C 47 -2.66 -25.71 -5.22
C PHE C 47 -1.61 -26.80 -5.25
N GLU C 48 -0.66 -26.67 -6.17
CA GLU C 48 0.49 -27.59 -6.16
C GLU C 48 1.78 -26.82 -6.42
N GLN C 49 2.78 -27.10 -5.59
CA GLN C 49 4.11 -26.53 -5.73
C GLN C 49 5.14 -27.63 -5.49
N LYS C 50 5.57 -28.27 -6.56
CA LYS C 50 6.53 -29.34 -6.44
C LYS C 50 7.92 -28.89 -5.97
N GLU C 51 8.34 -27.66 -6.26
CA GLU C 51 9.63 -27.21 -5.73
C GLU C 51 9.42 -25.91 -4.98
N SER C 52 10.10 -25.75 -3.84
CA SER C 52 9.90 -24.54 -3.02
C SER C 52 10.41 -23.26 -3.68
N ASN C 53 11.31 -23.40 -4.64
CA ASN C 53 11.81 -22.25 -5.44
C ASN C 53 11.05 -22.09 -6.79
N GLY C 54 9.89 -22.73 -6.92
CA GLY C 54 9.19 -22.80 -8.18
C GLY C 54 7.78 -22.24 -8.11
N PRO C 55 7.07 -22.22 -9.25
CA PRO C 55 5.73 -21.67 -9.24
C PRO C 55 4.68 -22.58 -8.55
N VAL C 56 3.56 -21.98 -8.20
CA VAL C 56 2.43 -22.74 -7.65
C VAL C 56 1.38 -22.83 -8.73
N LYS C 57 0.95 -24.06 -9.04
CA LYS C 57 -0.24 -24.23 -9.90
C LYS C 57 -1.51 -24.18 -9.10
N VAL C 58 -2.48 -23.44 -9.59
CA VAL C 58 -3.73 -23.25 -8.91
C VAL C 58 -4.83 -23.63 -9.88
N TRP C 59 -5.67 -24.59 -9.51
CA TRP C 59 -6.72 -25.04 -10.45
C TRP C 59 -7.91 -25.63 -9.73
N GLY C 60 -9.08 -25.59 -10.36
CA GLY C 60 -10.27 -26.20 -9.80
C GLY C 60 -11.47 -25.56 -10.42
N SER C 61 -12.60 -25.64 -9.76
CA SER C 61 -13.85 -25.17 -10.34
C SER C 61 -14.63 -24.44 -9.27
N ILE C 62 -15.26 -23.34 -9.69
CA ILE C 62 -16.14 -22.56 -8.83
C ILE C 62 -17.46 -22.40 -9.60
N LYS C 63 -18.58 -22.67 -8.93
CA LYS C 63 -19.86 -22.45 -9.55
C LYS C 63 -20.76 -21.51 -8.80
N GLY C 64 -21.94 -21.26 -9.39
CA GLY C 64 -22.87 -20.29 -8.82
C GLY C 64 -22.49 -18.86 -9.10
N LEU C 65 -21.61 -18.66 -10.09
CA LEU C 65 -21.09 -17.32 -10.44
C LEU C 65 -21.88 -16.69 -11.56
N THR C 66 -22.06 -15.37 -11.52
CA THR C 66 -22.51 -14.64 -12.73
C THR C 66 -21.44 -14.66 -13.83
N GLU C 67 -21.90 -14.76 -15.09
CA GLU C 67 -20.97 -14.83 -16.23
C GLU C 67 -20.00 -13.66 -16.22
N GLY C 68 -18.75 -13.91 -16.57
CA GLY C 68 -17.79 -12.81 -16.63
C GLY C 68 -16.66 -12.90 -15.61
N LEU C 69 -15.97 -11.78 -15.41
CA LEU C 69 -14.76 -11.73 -14.60
C LEU C 69 -15.07 -11.57 -13.12
N HIS C 70 -14.30 -12.28 -12.31
CA HIS C 70 -14.41 -12.12 -10.84
C HIS C 70 -13.03 -12.05 -10.19
N GLY C 71 -12.83 -11.07 -9.30
CA GLY C 71 -11.57 -10.90 -8.67
C GLY C 71 -11.29 -12.15 -7.82
N PHE C 72 -10.04 -12.57 -7.76
CA PHE C 72 -9.70 -13.86 -7.14
C PHE C 72 -8.44 -13.60 -6.35
N HIS C 73 -8.54 -13.55 -5.00
CA HIS C 73 -7.42 -13.08 -4.18
C HIS C 73 -7.18 -13.93 -2.92
N VAL C 74 -5.93 -13.93 -2.48
CA VAL C 74 -5.64 -14.45 -1.13
C VAL C 74 -5.61 -13.30 -0.15
N HIS C 75 -6.41 -13.43 0.90
CA HIS C 75 -6.50 -12.43 1.93
C HIS C 75 -5.73 -12.89 3.15
N GLU C 76 -5.38 -11.94 4.02
CA GLU C 76 -4.32 -12.11 4.96
C GLU C 76 -4.66 -13.17 6.04
N PHE C 77 -5.91 -13.19 6.48
CA PHE C 77 -6.26 -14.02 7.65
C PHE C 77 -7.11 -15.19 7.28
N GLY C 78 -6.82 -16.31 7.93
CA GLY C 78 -7.60 -17.52 7.71
C GLY C 78 -8.68 -17.57 8.79
N ASP C 79 -9.42 -16.48 8.88
CA ASP C 79 -10.38 -16.23 9.97
C ASP C 79 -11.76 -16.04 9.35
N ASN C 80 -12.63 -17.03 9.53
CA ASN C 80 -13.98 -16.97 9.02
C ASN C 80 -15.04 -16.77 10.12
N THR C 81 -14.62 -16.23 11.25
CA THR C 81 -15.55 -16.06 12.39
C THR C 81 -16.70 -15.13 12.05
N ALA C 82 -16.45 -14.13 11.22
CA ALA C 82 -17.58 -13.34 10.74
C ALA C 82 -17.76 -13.52 9.23
N GLY C 83 -17.63 -14.73 8.75
CA GLY C 83 -17.77 -14.93 7.30
C GLY C 83 -16.52 -14.35 6.61
N CYS C 84 -16.66 -14.06 5.31
CA CYS C 84 -15.54 -13.61 4.47
C CYS C 84 -14.91 -12.31 4.93
N THR C 85 -15.68 -11.49 5.65
CA THR C 85 -15.21 -10.21 6.12
C THR C 85 -14.02 -10.28 7.05
N SER C 86 -13.97 -11.29 7.90
CA SER C 86 -12.85 -11.39 8.86
C SER C 86 -11.56 -11.87 8.23
N ALA C 87 -11.56 -12.19 6.92
CA ALA C 87 -10.31 -12.55 6.26
C ALA C 87 -9.36 -11.36 6.13
N GLY C 88 -9.88 -10.16 6.38
CA GLY C 88 -9.05 -8.95 6.39
C GLY C 88 -8.69 -8.59 4.92
N PRO C 89 -7.64 -7.78 4.73
CA PRO C 89 -7.27 -7.28 3.40
C PRO C 89 -6.53 -8.32 2.53
N HIS C 90 -6.18 -7.94 1.31
CA HIS C 90 -5.32 -8.83 0.48
C HIS C 90 -4.02 -9.12 1.23
N PHE C 91 -3.51 -10.36 1.11
CA PHE C 91 -2.30 -10.73 1.80
C PHE C 91 -1.17 -9.90 1.17
N ASN C 92 -0.48 -9.11 1.98
CA ASN C 92 0.42 -8.02 1.45
C ASN C 92 1.60 -7.81 2.39
N PRO C 93 2.42 -8.83 2.56
CA PRO C 93 3.48 -8.67 3.54
C PRO C 93 4.60 -7.68 3.09
N LEU C 94 4.72 -7.41 1.78
CA LEU C 94 5.66 -6.37 1.30
C LEU C 94 5.06 -4.96 1.26
N SER C 95 3.85 -4.79 1.78
CA SER C 95 3.20 -3.46 1.79
C SER C 95 3.24 -2.74 0.43
N ARG C 96 2.86 -3.43 -0.62
CA ARG C 96 2.79 -2.84 -1.95
C ARG C 96 1.36 -2.40 -2.26
N LYS C 97 1.23 -1.70 -3.38
CA LYS C 97 -0.08 -1.36 -3.90
C LYS C 97 -0.62 -2.58 -4.64
N HIS C 98 -1.94 -2.65 -4.75
CA HIS C 98 -2.63 -3.68 -5.50
C HIS C 98 -2.25 -3.67 -6.99
N GLY C 99 -2.07 -4.87 -7.56
CA GLY C 99 -1.76 -4.99 -8.96
C GLY C 99 -2.38 -6.24 -9.52
N GLY C 100 -1.99 -6.58 -10.73
CA GLY C 100 -2.43 -7.84 -11.32
C GLY C 100 -1.26 -8.81 -11.10
N PRO C 101 -1.47 -10.09 -11.32
CA PRO C 101 -0.42 -11.07 -11.00
C PRO C 101 0.85 -10.92 -11.85
N LYS C 102 0.75 -10.31 -13.03
CA LYS C 102 1.94 -10.01 -13.87
C LYS C 102 2.76 -8.80 -13.46
N ASP C 103 2.24 -7.96 -12.59
CA ASP C 103 2.95 -6.77 -12.12
C ASP C 103 4.00 -7.01 -11.07
N GLU C 104 5.09 -6.26 -11.13
CA GLU C 104 6.06 -6.26 -10.05
C GLU C 104 5.47 -5.63 -8.82
N GLU C 105 4.71 -4.55 -9.03
CA GLU C 105 3.97 -3.91 -7.94
C GLU C 105 2.62 -4.59 -7.80
N ARG C 106 2.57 -5.49 -6.82
CA ARG C 106 1.32 -6.21 -6.49
C ARG C 106 1.40 -6.70 -5.04
N HIS C 107 0.26 -7.03 -4.48
CA HIS C 107 0.20 -7.78 -3.24
C HIS C 107 0.57 -9.24 -3.57
N VAL C 108 1.09 -9.94 -2.58
CA VAL C 108 1.38 -11.38 -2.75
C VAL C 108 0.07 -12.09 -3.08
N GLY C 109 -1.01 -11.66 -2.47
CA GLY C 109 -2.29 -12.35 -2.73
C GLY C 109 -3.03 -12.01 -4.03
N ASP C 110 -2.42 -11.20 -4.93
CA ASP C 110 -3.10 -10.73 -6.16
C ASP C 110 -3.02 -11.76 -7.27
N LEU C 111 -4.04 -12.60 -7.37
CA LEU C 111 -4.05 -13.61 -8.38
C LEU C 111 -4.92 -13.20 -9.55
N GLY C 112 -5.39 -11.96 -9.56
CA GLY C 112 -6.11 -11.45 -10.74
C GLY C 112 -7.60 -11.84 -10.83
N ASN C 113 -8.05 -12.22 -12.02
CA ASN C 113 -9.46 -12.57 -12.23
C ASN C 113 -9.57 -14.04 -12.60
N VAL C 114 -10.74 -14.59 -12.31
CA VAL C 114 -11.20 -15.81 -12.96
C VAL C 114 -12.45 -15.51 -13.76
N THR C 115 -12.76 -16.35 -14.74
CA THR C 115 -13.79 -16.04 -15.73
C THR C 115 -14.84 -17.13 -15.60
N ALA C 116 -16.07 -16.74 -15.31
CA ALA C 116 -17.17 -17.70 -15.20
C ALA C 116 -17.84 -17.73 -16.61
N ASP C 117 -18.16 -18.92 -17.09
CA ASP C 117 -18.82 -19.08 -18.40
C ASP C 117 -20.33 -18.83 -18.27
N LYS C 118 -21.08 -19.08 -19.35
CA LYS C 118 -22.52 -18.77 -19.34
C LYS C 118 -23.34 -19.69 -18.42
N ASP C 119 -22.79 -20.84 -18.03
CA ASP C 119 -23.43 -21.72 -17.04
C ASP C 119 -23.01 -21.45 -15.58
N GLY C 120 -22.32 -20.34 -15.36
CA GLY C 120 -21.93 -19.91 -14.01
C GLY C 120 -20.71 -20.62 -13.42
N VAL C 121 -19.93 -21.31 -14.27
CA VAL C 121 -18.73 -22.03 -13.82
C VAL C 121 -17.44 -21.35 -14.24
N ALA C 122 -16.55 -21.12 -13.28
CA ALA C 122 -15.18 -20.70 -13.55
C ALA C 122 -14.30 -21.93 -13.40
N ASP C 123 -13.79 -22.46 -14.51
CA ASP C 123 -12.76 -23.50 -14.52
C ASP C 123 -11.35 -22.90 -14.40
N VAL C 124 -10.88 -22.80 -13.16
CA VAL C 124 -9.76 -21.97 -12.83
C VAL C 124 -8.46 -22.67 -13.23
N SER C 125 -7.51 -21.93 -13.80
CA SER C 125 -6.20 -22.51 -14.14
C SER C 125 -5.22 -21.38 -14.19
N ILE C 126 -4.40 -21.30 -13.16
CA ILE C 126 -3.44 -20.21 -12.92
C ILE C 126 -2.14 -20.84 -12.51
N GLU C 127 -1.04 -20.18 -12.89
CA GLU C 127 0.27 -20.47 -12.33
C GLU C 127 0.87 -19.19 -11.83
N ASP C 128 1.34 -19.19 -10.59
CA ASP C 128 1.83 -17.95 -10.01
C ASP C 128 3.17 -18.20 -9.31
N SER C 129 4.12 -17.28 -9.40
N SER C 129 4.08 -17.24 -9.40
CA SER C 129 5.38 -17.52 -8.67
CA SER C 129 5.41 -17.40 -8.84
C SER C 129 5.65 -16.54 -7.58
C SER C 129 5.64 -16.55 -7.61
N VAL C 130 4.66 -15.77 -7.18
CA VAL C 130 4.82 -14.93 -6.00
C VAL C 130 4.21 -15.60 -4.71
N ILE C 131 3.03 -16.21 -4.82
CA ILE C 131 2.47 -16.99 -3.69
C ILE C 131 3.41 -18.21 -3.53
N SER C 132 3.36 -18.85 -2.36
CA SER C 132 4.15 -20.03 -2.10
C SER C 132 3.35 -20.87 -1.10
N LEU C 133 3.69 -22.15 -1.07
CA LEU C 133 3.21 -23.03 0.02
C LEU C 133 4.20 -23.18 1.19
N SER C 134 5.25 -22.36 1.25
CA SER C 134 6.16 -22.32 2.40
C SER C 134 6.84 -20.95 2.46
N GLY C 135 7.49 -20.65 3.57
CA GLY C 135 8.28 -19.43 3.67
C GLY C 135 7.47 -18.17 3.90
N ASP C 136 8.08 -17.02 3.62
CA ASP C 136 7.50 -15.69 3.92
C ASP C 136 6.19 -15.47 3.16
N HIS C 137 6.09 -16.04 1.96
CA HIS C 137 4.92 -15.83 1.12
C HIS C 137 3.95 -17.01 1.19
N CYS C 138 4.11 -17.82 2.25
CA CYS C 138 3.24 -18.98 2.45
C CYS C 138 1.76 -18.58 2.57
N ILE C 139 0.88 -19.18 1.79
CA ILE C 139 -0.55 -18.84 1.83
C ILE C 139 -1.38 -19.92 2.56
N ILE C 140 -0.71 -20.95 3.09
N ILE C 140 -0.75 -21.01 3.00
CA ILE C 140 -1.37 -21.99 3.91
CA ILE C 140 -1.52 -22.05 3.76
C ILE C 140 -1.94 -21.32 5.14
C ILE C 140 -1.95 -21.39 5.07
N GLY C 141 -3.22 -21.56 5.44
CA GLY C 141 -3.76 -20.93 6.66
C GLY C 141 -4.27 -19.52 6.40
N ARG C 142 -4.18 -19.03 5.14
CA ARG C 142 -4.85 -17.77 4.74
C ARG C 142 -6.12 -18.08 3.97
N THR C 143 -6.83 -17.07 3.49
CA THR C 143 -8.16 -17.24 2.97
C THR C 143 -8.16 -16.87 1.50
N LEU C 144 -8.64 -17.80 0.69
CA LEU C 144 -8.93 -17.48 -0.71
C LEU C 144 -10.33 -16.91 -0.85
N VAL C 145 -10.48 -15.85 -1.62
CA VAL C 145 -11.79 -15.22 -1.77
C VAL C 145 -12.09 -15.00 -3.25
N VAL C 146 -13.31 -15.31 -3.67
CA VAL C 146 -13.79 -14.96 -4.98
C VAL C 146 -14.79 -13.79 -4.83
N HIS C 147 -14.53 -12.75 -5.61
CA HIS C 147 -15.25 -11.48 -5.48
C HIS C 147 -16.40 -11.30 -6.47
N GLU C 148 -17.21 -10.29 -6.18
CA GLU C 148 -18.47 -10.01 -6.92
C GLU C 148 -18.22 -9.52 -8.35
N LYS C 149 -17.21 -8.68 -8.53
CA LYS C 149 -16.95 -7.97 -9.79
C LYS C 149 -15.51 -8.21 -10.25
N ALA C 150 -15.20 -7.72 -11.46
CA ALA C 150 -13.85 -7.79 -12.01
C ALA C 150 -12.85 -7.02 -11.16
N ASP C 151 -11.65 -7.57 -11.04
CA ASP C 151 -10.52 -6.86 -10.47
C ASP C 151 -9.95 -5.99 -11.59
N ASP C 152 -9.77 -4.68 -11.34
CA ASP C 152 -9.23 -3.79 -12.41
C ASP C 152 -7.72 -3.83 -12.47
N LEU C 153 -7.14 -4.69 -11.62
CA LEU C 153 -5.70 -4.96 -11.64
C LEU C 153 -4.90 -3.72 -11.23
N GLY C 154 -5.52 -2.85 -10.42
CA GLY C 154 -4.79 -1.68 -9.92
C GLY C 154 -4.70 -0.50 -10.89
N LYS C 155 -5.44 -0.54 -11.98
CA LYS C 155 -5.28 0.45 -13.03
C LYS C 155 -6.53 1.33 -13.07
N GLY C 156 -7.33 1.36 -11.99
CA GLY C 156 -8.61 2.07 -12.07
C GLY C 156 -8.52 3.56 -11.75
N GLY C 157 -7.37 4.02 -11.22
CA GLY C 157 -7.11 5.45 -10.97
C GLY C 157 -7.89 6.05 -9.81
N ASN C 158 -8.61 5.22 -9.05
CA ASN C 158 -9.21 5.72 -7.79
C ASN C 158 -8.50 5.05 -6.61
N GLU C 159 -8.75 5.56 -5.40
N GLU C 159 -8.73 5.55 -5.40
CA GLU C 159 -8.09 5.02 -4.20
CA GLU C 159 -8.03 4.98 -4.25
C GLU C 159 -8.37 3.52 -4.05
C GLU C 159 -8.36 3.50 -4.05
N GLU C 160 -9.60 3.12 -4.32
CA GLU C 160 -10.03 1.73 -4.13
C GLU C 160 -9.25 0.79 -5.06
N SER C 161 -8.93 1.25 -6.28
CA SER C 161 -8.16 0.41 -7.19
C SER C 161 -6.85 -0.06 -6.59
N THR C 162 -6.14 0.83 -5.87
CA THR C 162 -4.83 0.52 -5.30
C THR C 162 -4.87 -0.37 -4.03
N LYS C 163 -6.08 -0.61 -3.52
CA LYS C 163 -6.32 -1.51 -2.35
C LYS C 163 -6.95 -2.87 -2.74
N THR C 164 -8.02 -2.83 -3.51
CA THR C 164 -8.80 -4.06 -3.79
C THR C 164 -9.06 -4.32 -5.25
N GLY C 165 -8.57 -3.43 -6.12
CA GLY C 165 -8.95 -3.54 -7.55
C GLY C 165 -10.40 -3.24 -7.92
N ASN C 166 -11.16 -2.64 -7.02
CA ASN C 166 -12.58 -2.43 -7.22
C ASN C 166 -13.37 -3.73 -7.43
N ALA C 167 -12.88 -4.85 -6.88
CA ALA C 167 -13.53 -6.16 -7.12
C ALA C 167 -14.86 -6.38 -6.32
N GLY C 168 -15.19 -5.46 -5.43
CA GLY C 168 -16.50 -5.52 -4.76
C GLY C 168 -16.58 -6.60 -3.70
N SER C 169 -17.80 -7.05 -3.41
CA SER C 169 -18.04 -7.83 -2.18
C SER C 169 -17.46 -9.24 -2.33
N ARG C 170 -17.43 -9.97 -1.22
CA ARG C 170 -16.78 -11.29 -1.13
C ARG C 170 -17.88 -12.31 -1.27
N LEU C 171 -17.92 -13.00 -2.40
CA LEU C 171 -19.01 -13.94 -2.66
C LEU C 171 -18.84 -15.28 -1.91
N ALA C 172 -17.61 -15.76 -1.86
CA ALA C 172 -17.29 -16.99 -1.15
C ALA C 172 -15.80 -16.99 -0.81
N CYS C 173 -15.44 -17.80 0.17
CA CYS C 173 -14.09 -17.85 0.66
C CYS C 173 -13.85 -19.20 1.39
N GLY C 174 -12.60 -19.50 1.64
CA GLY C 174 -12.28 -20.70 2.46
C GLY C 174 -10.86 -20.51 2.94
N VAL C 175 -10.53 -21.21 4.02
CA VAL C 175 -9.16 -21.29 4.48
C VAL C 175 -8.34 -22.29 3.62
N ILE C 176 -7.12 -21.89 3.32
CA ILE C 176 -6.30 -22.72 2.46
C ILE C 176 -5.58 -23.72 3.39
N GLY C 177 -5.79 -25.00 3.10
CA GLY C 177 -5.33 -26.07 4.02
C GLY C 177 -4.35 -27.00 3.33
N ILE C 178 -3.51 -27.67 4.11
CA ILE C 178 -2.56 -28.69 3.59
C ILE C 178 -3.32 -29.87 3.04
N ALA C 179 -2.88 -30.35 1.88
CA ALA C 179 -3.57 -31.44 1.28
C ALA C 179 -2.65 -32.62 1.10
N GLN C 180 -3.23 -33.79 0.91
CA GLN C 180 -2.41 -34.99 0.81
C GLN C 180 -1.76 -35.08 -0.56
N MET D 27 5.60 -15.97 10.70
CA MET D 27 5.90 -15.96 12.16
C MET D 27 4.61 -15.92 13.04
N ALA D 28 3.72 -16.90 12.91
CA ALA D 28 2.35 -16.78 13.47
C ALA D 28 2.28 -16.84 15.01
N THR D 29 1.61 -15.89 15.64
CA THR D 29 1.39 -15.98 17.08
C THR D 29 -0.09 -16.22 17.45
N LYS D 30 -1.02 -16.04 16.50
CA LYS D 30 -2.44 -16.33 16.76
C LYS D 30 -3.02 -17.09 15.60
N ALA D 31 -3.97 -17.97 15.90
CA ALA D 31 -4.71 -18.73 14.90
C ALA D 31 -6.17 -18.88 15.38
N VAL D 32 -7.05 -19.24 14.46
CA VAL D 32 -8.47 -19.44 14.80
C VAL D 32 -9.05 -20.55 13.96
N CYS D 33 -10.10 -21.20 14.46
CA CYS D 33 -10.71 -22.26 13.73
C CYS D 33 -12.19 -22.18 13.95
N VAL D 34 -12.95 -22.18 12.86
CA VAL D 34 -14.40 -22.18 12.92
C VAL D 34 -14.86 -23.62 12.69
N LEU D 35 -15.52 -24.19 13.69
CA LEU D 35 -15.96 -25.60 13.58
C LEU D 35 -17.39 -25.67 13.08
N LYS D 36 -17.62 -26.50 12.07
CA LYS D 36 -18.94 -26.69 11.45
C LYS D 36 -19.07 -28.13 11.06
N GLY D 37 -20.30 -28.62 10.98
CA GLY D 37 -20.52 -29.98 10.45
C GLY D 37 -21.93 -30.17 9.89
N ASP D 38 -22.39 -31.41 9.81
CA ASP D 38 -23.73 -31.69 9.28
C ASP D 38 -24.85 -31.57 10.32
N GLY D 39 -24.49 -31.57 11.61
CA GLY D 39 -25.49 -31.52 12.66
C GLY D 39 -25.44 -30.16 13.32
N PRO D 40 -25.85 -30.10 14.59
CA PRO D 40 -25.92 -28.80 15.25
C PRO D 40 -24.58 -28.30 15.85
N VAL D 41 -23.50 -29.10 15.80
CA VAL D 41 -22.25 -28.69 16.50
C VAL D 41 -21.52 -27.55 15.76
N GLN D 42 -21.23 -26.47 16.47
CA GLN D 42 -20.66 -25.25 15.92
C GLN D 42 -19.78 -24.67 17.00
N GLY D 43 -18.69 -24.03 16.62
CA GLY D 43 -17.85 -23.36 17.60
C GLY D 43 -16.71 -22.59 16.98
N ILE D 44 -16.09 -21.77 17.81
CA ILE D 44 -14.90 -20.98 17.44
C ILE D 44 -13.81 -21.30 18.45
N ILE D 45 -12.68 -21.81 17.95
CA ILE D 45 -11.55 -22.08 18.80
C ILE D 45 -10.37 -21.16 18.41
N ASN D 46 -9.81 -20.46 19.42
CA ASN D 46 -8.59 -19.65 19.32
C ASN D 46 -7.32 -20.35 19.76
N PHE D 47 -6.20 -19.93 19.16
CA PHE D 47 -4.89 -20.44 19.51
C PHE D 47 -3.98 -19.26 19.69
N GLU D 48 -3.19 -19.27 20.75
CA GLU D 48 -2.20 -18.21 20.90
C GLU D 48 -0.88 -18.77 21.35
N GLN D 49 0.22 -18.33 20.73
CA GLN D 49 1.53 -18.79 21.09
C GLN D 49 2.46 -17.59 21.06
N LYS D 50 2.66 -16.97 22.22
CA LYS D 50 3.46 -15.73 22.36
C LYS D 50 4.91 -15.95 21.98
N GLU D 51 5.44 -17.11 22.34
CA GLU D 51 6.81 -17.48 22.03
C GLU D 51 6.84 -18.72 21.23
N SER D 52 7.62 -18.70 20.17
CA SER D 52 7.72 -19.83 19.25
C SER D 52 8.22 -21.13 19.88
N ASN D 53 8.97 -21.05 20.98
CA ASN D 53 9.40 -22.28 21.63
C ASN D 53 8.66 -22.48 22.95
N GLY D 54 7.56 -21.75 23.09
CA GLY D 54 6.64 -21.85 24.25
C GLY D 54 5.35 -22.61 23.92
N PRO D 55 4.46 -22.75 24.93
CA PRO D 55 3.20 -23.50 24.77
C PRO D 55 2.22 -22.74 23.88
N VAL D 56 1.28 -23.47 23.28
CA VAL D 56 0.07 -22.88 22.68
C VAL D 56 -1.14 -22.94 23.62
N LYS D 57 -1.77 -21.79 23.87
CA LYS D 57 -3.08 -21.77 24.50
C LYS D 57 -4.20 -21.96 23.49
N VAL D 58 -5.16 -22.79 23.84
CA VAL D 58 -6.27 -23.16 22.96
C VAL D 58 -7.54 -22.92 23.77
N TRP D 59 -8.41 -22.05 23.29
CA TRP D 59 -9.63 -21.70 24.00
C TRP D 59 -10.76 -21.22 23.08
N GLY D 60 -12.00 -21.42 23.55
CA GLY D 60 -13.17 -20.90 22.87
C GLY D 60 -14.36 -21.73 23.29
N SER D 61 -15.41 -21.67 22.51
CA SER D 61 -16.64 -22.29 22.91
C SER D 61 -17.13 -23.14 21.76
N ILE D 62 -17.57 -24.35 22.07
CA ILE D 62 -18.25 -25.21 21.11
C ILE D 62 -19.67 -25.53 21.66
N LYS D 63 -20.68 -25.34 20.83
CA LYS D 63 -22.06 -25.64 21.24
C LYS D 63 -22.70 -26.76 20.44
N GLY D 64 -23.91 -27.12 20.85
CA GLY D 64 -24.65 -28.18 20.20
C GLY D 64 -24.15 -29.57 20.48
N LEU D 65 -23.39 -29.74 21.57
CA LEU D 65 -22.81 -31.04 21.91
C LEU D 65 -23.61 -31.84 22.97
N THR D 66 -23.51 -33.16 22.92
CA THR D 66 -24.09 -33.96 24.01
C THR D 66 -23.25 -33.76 25.30
N GLU D 67 -23.89 -33.75 26.47
CA GLU D 67 -23.14 -33.58 27.72
C GLU D 67 -22.09 -34.67 27.84
N GLY D 68 -20.92 -34.34 28.39
CA GLY D 68 -19.86 -35.34 28.53
C GLY D 68 -18.60 -35.03 27.73
N LEU D 69 -17.77 -36.06 27.58
CA LEU D 69 -16.45 -35.95 26.94
C LEU D 69 -16.50 -36.12 25.43
N HIS D 70 -15.68 -35.34 24.71
CA HIS D 70 -15.61 -35.44 23.25
C HIS D 70 -14.16 -35.33 22.84
N GLY D 71 -13.71 -36.26 22.00
CA GLY D 71 -12.31 -36.27 21.50
C GLY D 71 -12.09 -34.96 20.76
N PHE D 72 -10.88 -34.40 20.85
CA PHE D 72 -10.59 -33.07 20.29
C PHE D 72 -9.20 -33.15 19.73
N HIS D 73 -9.08 -33.25 18.40
CA HIS D 73 -7.82 -33.62 17.78
C HIS D 73 -7.50 -32.68 16.59
N VAL D 74 -6.21 -32.52 16.34
CA VAL D 74 -5.78 -31.99 15.04
C VAL D 74 -5.47 -33.16 14.10
N HIS D 75 -6.19 -33.20 13.01
CA HIS D 75 -6.01 -34.18 11.96
C HIS D 75 -5.09 -33.58 10.89
N GLU D 76 -4.50 -34.45 10.09
CA GLU D 76 -3.33 -34.12 9.27
C GLU D 76 -3.61 -33.07 8.16
N PHE D 77 -4.73 -33.19 7.47
CA PHE D 77 -5.01 -32.39 6.28
C PHE D 77 -6.07 -31.35 6.50
N GLY D 78 -5.85 -30.16 5.96
CA GLY D 78 -6.86 -29.08 6.04
C GLY D 78 -7.72 -29.22 4.81
N ASP D 79 -8.31 -30.39 4.64
CA ASP D 79 -9.01 -30.72 3.41
C ASP D 79 -10.44 -31.09 3.78
N ASN D 80 -11.37 -30.19 3.46
CA ASN D 80 -12.77 -30.37 3.76
C ASN D 80 -13.62 -30.69 2.49
N THR D 81 -12.98 -31.20 1.45
CA THR D 81 -13.68 -31.45 0.19
C THR D 81 -14.76 -32.53 0.34
N ALA D 82 -14.54 -33.53 1.19
CA ALA D 82 -15.62 -34.47 1.46
C ALA D 82 -15.99 -34.34 2.93
N GLY D 83 -16.17 -33.10 3.40
CA GLY D 83 -16.49 -32.79 4.80
C GLY D 83 -15.37 -33.21 5.75
N CYS D 84 -15.69 -33.58 6.99
CA CYS D 84 -14.63 -33.90 7.99
C CYS D 84 -13.76 -35.12 7.67
N THR D 85 -14.30 -36.05 6.88
CA THR D 85 -13.57 -37.31 6.54
C THR D 85 -12.29 -37.06 5.81
N SER D 86 -12.28 -36.04 4.94
CA SER D 86 -11.07 -35.80 4.13
C SER D 86 -9.92 -35.14 4.90
N ALA D 87 -10.16 -34.80 6.17
CA ALA D 87 -9.05 -34.36 7.04
C ALA D 87 -8.05 -35.48 7.35
N GLY D 88 -8.38 -36.72 7.00
CA GLY D 88 -7.46 -37.82 7.24
C GLY D 88 -7.21 -38.16 8.71
N PRO D 89 -6.08 -38.76 9.05
CA PRO D 89 -5.95 -39.26 10.44
C PRO D 89 -5.37 -38.20 11.35
N HIS D 90 -5.06 -38.55 12.60
CA HIS D 90 -4.50 -37.55 13.54
C HIS D 90 -3.15 -37.08 13.00
N PHE D 91 -2.82 -35.82 13.22
CA PHE D 91 -1.56 -35.27 12.77
C PHE D 91 -0.48 -35.96 13.62
N ASN D 92 0.43 -36.64 12.94
CA ASN D 92 1.40 -37.51 13.58
C ASN D 92 2.73 -37.48 12.80
N PRO D 93 3.46 -36.34 12.81
CA PRO D 93 4.69 -36.29 11.99
C PRO D 93 5.83 -37.19 12.54
N LEU D 94 5.77 -37.55 13.83
CA LEU D 94 6.82 -38.43 14.43
C LEU D 94 6.46 -39.90 14.42
N SER D 95 5.33 -40.26 13.83
CA SER D 95 4.95 -41.66 13.66
C SER D 95 4.89 -42.40 14.98
N ARG D 96 4.09 -41.88 15.91
CA ARG D 96 3.93 -42.50 17.21
C ARG D 96 2.54 -43.08 17.31
N LYS D 97 2.24 -43.71 18.44
CA LYS D 97 0.93 -44.28 18.65
C LYS D 97 0.08 -43.22 19.36
N HIS D 98 -1.25 -43.35 19.25
CA HIS D 98 -2.17 -42.41 19.89
C HIS D 98 -2.02 -42.39 21.42
N GLY D 99 -2.12 -41.22 22.04
CA GLY D 99 -2.05 -41.08 23.48
C GLY D 99 -2.85 -39.89 23.96
N GLY D 100 -2.79 -39.61 25.24
CA GLY D 100 -3.32 -38.37 25.79
C GLY D 100 -2.29 -37.26 25.68
N PRO D 101 -2.72 -35.99 25.83
CA PRO D 101 -1.78 -34.85 25.70
C PRO D 101 -0.58 -34.93 26.67
N LYS D 102 -0.80 -35.48 27.87
CA LYS D 102 0.30 -35.61 28.85
C LYS D 102 1.24 -36.78 28.58
N ASP D 103 0.90 -37.66 27.65
CA ASP D 103 1.77 -38.79 27.38
C ASP D 103 2.95 -38.39 26.53
N GLU D 104 4.03 -39.13 26.69
CA GLU D 104 5.23 -38.90 25.91
C GLU D 104 4.97 -39.53 24.56
N GLU D 105 4.35 -40.70 24.57
CA GLU D 105 3.90 -41.39 23.36
C GLU D 105 2.51 -40.87 22.95
N ARG D 106 2.47 -39.96 21.98
CA ARG D 106 1.21 -39.34 21.53
C ARG D 106 1.40 -38.83 20.11
N HIS D 107 0.30 -38.60 19.41
CA HIS D 107 0.33 -37.90 18.14
C HIS D 107 0.54 -36.42 18.46
N VAL D 108 1.25 -35.68 17.61
CA VAL D 108 1.30 -34.24 17.84
C VAL D 108 -0.15 -33.68 17.99
N GLY D 109 -1.05 -34.19 17.16
CA GLY D 109 -2.48 -33.78 17.18
C GLY D 109 -3.35 -34.24 18.35
N ASP D 110 -2.76 -34.95 19.31
CA ASP D 110 -3.56 -35.53 20.43
C ASP D 110 -3.81 -34.52 21.53
N LEU D 111 -4.86 -33.72 21.42
CA LEU D 111 -5.16 -32.74 22.42
C LEU D 111 -6.19 -33.29 23.49
N GLY D 112 -6.49 -34.60 23.47
CA GLY D 112 -7.38 -35.21 24.50
C GLY D 112 -8.87 -35.00 24.27
N ASN D 113 -9.56 -34.58 25.33
CA ASN D 113 -11.00 -34.37 25.33
C ASN D 113 -11.33 -32.98 25.77
N VAL D 114 -12.51 -32.54 25.36
CA VAL D 114 -13.15 -31.39 25.90
C VAL D 114 -14.48 -31.90 26.53
N THR D 115 -15.01 -31.12 27.43
CA THR D 115 -16.24 -31.50 28.18
C THR D 115 -17.36 -30.54 27.92
N ALA D 116 -18.46 -31.05 27.38
CA ALA D 116 -19.66 -30.28 27.23
C ALA D 116 -20.48 -30.39 28.53
N ASP D 117 -21.02 -29.25 28.96
CA ASP D 117 -21.83 -29.15 30.14
C ASP D 117 -23.26 -29.62 29.84
N LYS D 118 -24.20 -29.35 30.75
CA LYS D 118 -25.56 -29.86 30.57
C LYS D 118 -26.34 -29.00 29.62
N ASP D 119 -25.87 -27.79 29.35
CA ASP D 119 -26.46 -26.96 28.29
C ASP D 119 -25.87 -27.26 26.87
N GLY D 120 -25.07 -28.31 26.73
CA GLY D 120 -24.43 -28.70 25.46
C GLY D 120 -23.22 -27.86 25.03
N VAL D 121 -22.62 -27.12 25.96
CA VAL D 121 -21.48 -26.22 25.68
C VAL D 121 -20.17 -26.72 26.28
N ALA D 122 -19.15 -26.80 25.42
CA ALA D 122 -17.77 -27.02 25.89
C ALA D 122 -17.03 -25.71 25.83
N ASP D 123 -16.73 -25.18 27.01
CA ASP D 123 -15.87 -24.01 27.18
C ASP D 123 -14.41 -24.44 27.24
N VAL D 124 -13.79 -24.52 26.06
CA VAL D 124 -12.52 -25.18 25.88
C VAL D 124 -11.45 -24.29 26.51
N SER D 125 -10.54 -24.91 27.24
CA SER D 125 -9.38 -24.21 27.78
C SER D 125 -8.27 -25.21 27.96
N ILE D 126 -7.27 -25.15 27.09
CA ILE D 126 -6.23 -26.18 26.97
C ILE D 126 -4.91 -25.40 26.80
N GLU D 127 -3.83 -25.91 27.38
CA GLU D 127 -2.51 -25.38 27.08
C GLU D 127 -1.63 -26.55 26.70
N ASP D 128 -0.96 -26.49 25.55
CA ASP D 128 -0.22 -27.63 25.02
C ASP D 128 1.18 -27.23 24.51
N SER D 129 2.17 -28.07 24.78
N SER D 129 2.17 -28.07 24.77
CA SER D 129 3.58 -27.78 24.39
CA SER D 129 3.56 -27.75 24.38
C SER D 129 4.14 -28.67 23.30
C SER D 129 4.14 -28.67 23.31
N VAL D 130 3.30 -29.51 22.70
CA VAL D 130 3.75 -30.35 21.62
C VAL D 130 3.28 -29.72 20.29
N ILE D 131 2.03 -29.23 20.24
CA ILE D 131 1.57 -28.48 19.01
C ILE D 131 2.31 -27.12 18.93
N SER D 132 2.46 -26.60 17.70
CA SER D 132 3.07 -25.28 17.54
C SER D 132 2.31 -24.55 16.41
N LEU D 133 2.38 -23.23 16.41
CA LEU D 133 1.89 -22.40 15.28
C LEU D 133 3.00 -22.07 14.27
N SER D 134 4.17 -22.69 14.43
CA SER D 134 5.30 -22.57 13.47
C SER D 134 6.19 -23.82 13.49
N GLY D 135 7.12 -23.95 12.52
CA GLY D 135 7.97 -25.12 12.38
C GLY D 135 7.31 -26.46 12.05
N ASP D 136 7.99 -27.56 12.36
CA ASP D 136 7.55 -28.91 11.93
C ASP D 136 6.29 -29.44 12.61
N HIS D 137 6.00 -29.00 13.83
CA HIS D 137 4.73 -29.38 14.47
C HIS D 137 3.67 -28.32 14.17
N CYS D 138 3.89 -27.48 13.14
CA CYS D 138 2.97 -26.37 12.87
C CYS D 138 1.58 -26.91 12.54
N ILE D 139 0.54 -26.41 13.21
CA ILE D 139 -0.82 -26.96 12.96
C ILE D 139 -1.63 -25.99 12.06
N ILE D 140 -1.04 -24.86 11.70
CA ILE D 140 -1.75 -23.95 10.76
C ILE D 140 -2.04 -24.68 9.45
N GLY D 141 -3.26 -24.57 8.93
CA GLY D 141 -3.60 -25.27 7.70
C GLY D 141 -3.99 -26.73 7.85
N ARG D 142 -4.00 -27.22 9.11
CA ARG D 142 -4.51 -28.59 9.37
C ARG D 142 -5.91 -28.44 9.89
N THR D 143 -6.57 -29.56 10.21
CA THR D 143 -8.00 -29.49 10.59
C THR D 143 -8.18 -29.87 12.07
N LEU D 144 -8.90 -29.05 12.81
CA LEU D 144 -9.35 -29.38 14.16
C LEU D 144 -10.71 -30.07 14.10
N VAL D 145 -10.87 -31.16 14.86
CA VAL D 145 -12.08 -31.97 14.76
C VAL D 145 -12.56 -32.25 16.20
N VAL D 146 -13.84 -32.03 16.44
CA VAL D 146 -14.48 -32.48 17.68
C VAL D 146 -15.29 -33.75 17.41
N HIS D 147 -15.06 -34.79 18.22
CA HIS D 147 -15.56 -36.13 17.92
C HIS D 147 -16.83 -36.52 18.74
N GLU D 148 -17.52 -37.56 18.29
CA GLU D 148 -18.77 -38.04 18.88
C GLU D 148 -18.64 -38.41 20.40
N LYS D 149 -17.57 -39.12 20.71
CA LYS D 149 -17.38 -39.77 22.01
C LYS D 149 -16.08 -39.35 22.67
N ALA D 150 -15.87 -39.79 23.92
CA ALA D 150 -14.60 -39.62 24.63
C ALA D 150 -13.44 -40.26 23.90
N ASP D 151 -12.28 -39.61 23.95
CA ASP D 151 -11.02 -40.19 23.59
C ASP D 151 -10.58 -41.02 24.81
N ASP D 152 -10.30 -42.32 24.60
CA ASP D 152 -9.80 -43.22 25.69
C ASP D 152 -8.30 -43.04 26.01
N LEU D 153 -7.66 -42.15 25.26
CA LEU D 153 -6.26 -41.82 25.45
C LEU D 153 -5.29 -42.96 25.22
N GLY D 154 -5.67 -43.89 24.35
CA GLY D 154 -4.77 -44.95 23.96
C GLY D 154 -4.78 -46.10 24.97
N LYS D 155 -5.69 -46.03 25.93
CA LYS D 155 -5.77 -47.03 26.99
C LYS D 155 -6.97 -47.96 26.88
N GLY D 156 -7.53 -48.12 25.69
CA GLY D 156 -8.71 -48.97 25.50
C GLY D 156 -8.52 -50.44 25.13
N GLY D 157 -7.27 -50.91 25.02
CA GLY D 157 -6.96 -52.32 24.71
C GLY D 157 -7.37 -52.89 23.34
N ASN D 158 -7.70 -52.02 22.38
CA ASN D 158 -7.92 -52.40 20.95
C ASN D 158 -7.05 -51.59 19.98
N GLU D 159 -6.89 -52.05 18.73
CA GLU D 159 -6.06 -51.33 17.76
C GLU D 159 -6.58 -49.91 17.55
N GLU D 160 -7.91 -49.77 17.49
CA GLU D 160 -8.56 -48.47 17.37
C GLU D 160 -8.16 -47.47 18.48
N SER D 161 -7.96 -47.97 19.70
CA SER D 161 -7.54 -47.08 20.80
C SER D 161 -6.16 -46.48 20.51
N THR D 162 -5.30 -47.24 19.85
CA THR D 162 -3.94 -46.75 19.62
C THR D 162 -3.84 -45.86 18.34
N LYS D 163 -4.97 -45.70 17.65
CA LYS D 163 -5.06 -44.88 16.44
C LYS D 163 -5.89 -43.63 16.71
N THR D 164 -7.12 -43.82 17.15
CA THR D 164 -8.10 -42.74 17.30
C THR D 164 -8.61 -42.50 18.71
N GLY D 165 -8.22 -43.37 19.65
CA GLY D 165 -8.72 -43.22 21.02
C GLY D 165 -10.19 -43.63 21.17
N ASN D 166 -10.72 -44.29 20.15
CA ASN D 166 -12.15 -44.68 20.06
C ASN D 166 -13.12 -43.51 20.19
N ALA D 167 -12.67 -42.31 19.79
CA ALA D 167 -13.52 -41.13 19.92
C ALA D 167 -14.70 -41.10 18.93
N GLY D 168 -14.72 -41.99 17.95
CA GLY D 168 -15.90 -42.15 17.08
C GLY D 168 -16.03 -41.08 15.99
N SER D 169 -17.28 -40.72 15.67
CA SER D 169 -17.64 -39.85 14.57
C SER D 169 -17.06 -38.46 14.63
N ARG D 170 -16.91 -37.82 13.48
CA ARG D 170 -16.44 -36.42 13.47
C ARG D 170 -17.66 -35.56 13.42
N LEU D 171 -17.95 -34.82 14.48
CA LEU D 171 -19.15 -34.02 14.52
C LEU D 171 -19.00 -32.66 13.85
N ALA D 172 -17.82 -32.07 13.97
CA ALA D 172 -17.58 -30.75 13.34
C ALA D 172 -16.07 -30.56 13.19
N CYS D 173 -15.67 -29.67 12.25
CA CYS D 173 -14.26 -29.48 11.97
C CYS D 173 -14.10 -28.16 11.22
N GLY D 174 -12.85 -27.69 11.16
CA GLY D 174 -12.55 -26.48 10.41
C GLY D 174 -11.06 -26.50 10.19
N VAL D 175 -10.65 -25.74 9.18
CA VAL D 175 -9.24 -25.53 8.93
C VAL D 175 -8.73 -24.47 9.90
N ILE D 176 -7.58 -24.73 10.48
CA ILE D 176 -6.93 -23.79 11.35
C ILE D 176 -6.17 -22.69 10.53
N GLY D 177 -6.56 -21.44 10.76
CA GLY D 177 -6.06 -20.33 9.91
C GLY D 177 -5.35 -19.31 10.76
N ILE D 178 -4.49 -18.52 10.11
CA ILE D 178 -3.79 -17.41 10.74
C ILE D 178 -4.76 -16.32 11.11
N ALA D 179 -4.64 -15.82 12.34
CA ALA D 179 -5.54 -14.82 12.86
C ALA D 179 -4.74 -13.54 13.23
N GLN D 180 -5.44 -12.44 13.29
CA GLN D 180 -4.81 -11.14 13.58
C GLN D 180 -4.43 -11.05 15.06
N MET E 27 12.74 -8.28 13.04
CA MET E 27 12.82 -7.41 14.27
C MET E 27 14.07 -6.52 14.21
N ALA E 28 15.19 -7.11 13.78
CA ALA E 28 16.45 -6.37 13.55
C ALA E 28 16.32 -5.34 12.42
N THR E 29 16.75 -4.11 12.70
CA THR E 29 16.81 -3.11 11.66
C THR E 29 18.27 -2.75 11.35
N LYS E 30 19.20 -3.22 12.17
CA LYS E 30 20.62 -2.93 11.95
C LYS E 30 21.45 -4.16 12.27
N ALA E 31 22.52 -4.38 11.49
CA ALA E 31 23.43 -5.48 11.73
C ALA E 31 24.82 -4.95 11.45
N VAL E 32 25.82 -5.73 11.85
CA VAL E 32 27.21 -5.32 11.71
C VAL E 32 28.05 -6.60 11.59
N CYS E 33 29.15 -6.49 10.86
CA CYS E 33 30.05 -7.57 10.64
C CYS E 33 31.47 -7.07 10.73
N VAL E 34 32.31 -7.78 11.49
CA VAL E 34 33.77 -7.45 11.62
C VAL E 34 34.54 -8.45 10.75
N LEU E 35 35.16 -7.97 9.68
CA LEU E 35 35.90 -8.88 8.79
C LEU E 35 37.35 -9.03 9.28
N LYS E 36 37.80 -10.28 9.43
CA LYS E 36 39.19 -10.64 9.76
C LYS E 36 39.56 -11.83 8.91
N GLY E 37 40.85 -12.01 8.63
CA GLY E 37 41.34 -13.24 7.99
C GLY E 37 42.78 -13.54 8.38
N ASP E 38 43.47 -14.32 7.56
CA ASP E 38 44.89 -14.68 7.83
C ASP E 38 45.89 -13.58 7.49
N GLY E 39 45.51 -12.70 6.58
CA GLY E 39 46.40 -11.65 6.09
C GLY E 39 46.03 -10.29 6.65
N PRO E 40 46.37 -9.21 5.92
CA PRO E 40 46.16 -7.86 6.41
C PRO E 40 44.73 -7.33 6.19
N VAL E 41 43.85 -8.10 5.55
CA VAL E 41 42.51 -7.56 5.22
C VAL E 41 41.63 -7.51 6.47
N GLN E 42 41.10 -6.33 6.78
CA GLN E 42 40.21 -6.22 7.89
C GLN E 42 39.24 -5.09 7.64
N GLY E 43 38.05 -5.18 8.22
CA GLY E 43 37.18 -4.02 8.22
C GLY E 43 35.88 -4.22 8.98
N ILE E 44 35.02 -3.21 8.88
CA ILE E 44 33.74 -3.24 9.56
C ILE E 44 32.69 -2.85 8.53
N ILE E 45 31.67 -3.73 8.40
CA ILE E 45 30.59 -3.42 7.49
C ILE E 45 29.25 -3.36 8.27
N ASN E 46 28.47 -2.32 7.97
CA ASN E 46 27.21 -2.10 8.64
C ASN E 46 26.11 -2.42 7.66
N PHE E 47 24.97 -2.86 8.19
CA PHE E 47 23.78 -3.13 7.40
C PHE E 47 22.63 -2.43 8.10
N GLU E 48 21.81 -1.76 7.32
CA GLU E 48 20.62 -1.09 7.85
C GLU E 48 19.40 -1.30 6.96
N GLN E 49 18.30 -1.68 7.58
CA GLN E 49 17.06 -1.93 6.88
C GLN E 49 15.92 -1.33 7.72
N LYS E 50 15.41 -0.20 7.29
CA LYS E 50 14.44 0.52 8.14
C LYS E 50 13.06 -0.15 8.05
N GLU E 51 12.71 -0.64 6.87
CA GLU E 51 11.44 -1.28 6.67
C GLU E 51 11.75 -2.70 6.25
N SER E 52 11.01 -3.67 6.77
CA SER E 52 11.29 -5.04 6.41
C SER E 52 10.98 -5.34 4.95
N ASN E 53 10.15 -4.49 4.33
CA ASN E 53 10.00 -4.60 2.89
C ASN E 53 11.32 -4.18 2.22
N GLY E 54 11.77 -2.98 2.54
CA GLY E 54 12.82 -2.28 1.81
C GLY E 54 14.23 -2.84 1.66
N PRO E 55 15.01 -2.10 0.90
CA PRO E 55 16.38 -2.40 0.64
C PRO E 55 17.21 -2.36 1.91
N VAL E 56 18.36 -3.03 1.87
CA VAL E 56 19.30 -2.99 2.97
C VAL E 56 20.43 -2.12 2.48
N LYS E 57 20.80 -1.12 3.26
CA LYS E 57 22.01 -0.34 2.98
C LYS E 57 23.17 -1.05 3.63
N VAL E 58 24.25 -1.20 2.86
CA VAL E 58 25.48 -1.89 3.32
C VAL E 58 26.63 -0.87 3.17
N TRP E 59 27.35 -0.58 4.25
CA TRP E 59 28.40 0.44 4.11
C TRP E 59 29.46 0.24 5.18
N GLY E 60 30.67 0.69 4.88
CA GLY E 60 31.76 0.61 5.84
C GLY E 60 33.09 0.58 5.15
N SER E 61 34.15 0.28 5.88
CA SER E 61 35.46 0.38 5.28
C SER E 61 36.19 -0.91 5.45
N ILE E 62 36.95 -1.30 4.43
CA ILE E 62 37.78 -2.53 4.51
C ILE E 62 39.18 -2.08 4.04
N LYS E 63 40.22 -2.41 4.80
CA LYS E 63 41.56 -1.97 4.41
C LYS E 63 42.45 -3.16 4.21
N GLY E 64 43.64 -2.97 3.65
CA GLY E 64 44.58 -4.06 3.47
C GLY E 64 44.38 -4.77 2.15
N LEU E 65 43.55 -4.22 1.26
CA LEU E 65 43.18 -4.93 0.00
C LEU E 65 44.10 -4.51 -1.17
N THR E 66 44.30 -5.36 -2.17
CA THR E 66 44.93 -4.91 -3.39
C THR E 66 43.96 -3.93 -4.13
N GLU E 67 44.52 -2.98 -4.85
CA GLU E 67 43.72 -2.01 -5.56
C GLU E 67 42.89 -2.72 -6.61
N GLY E 68 41.64 -2.30 -6.76
CA GLY E 68 40.77 -2.88 -7.78
C GLY E 68 39.56 -3.58 -7.19
N LEU E 69 38.96 -4.47 -7.99
CA LEU E 69 37.66 -5.13 -7.66
C LEU E 69 37.87 -6.38 -6.87
N HIS E 70 36.99 -6.60 -5.88
CA HIS E 70 37.04 -7.79 -5.03
C HIS E 70 35.62 -8.28 -4.84
N GLY E 71 35.37 -9.56 -5.13
CA GLY E 71 34.07 -10.19 -4.85
C GLY E 71 33.63 -10.01 -3.39
N PHE E 72 32.34 -9.79 -3.20
CA PHE E 72 31.80 -9.42 -1.87
C PHE E 72 30.47 -10.14 -1.71
N HIS E 73 30.45 -11.19 -0.88
CA HIS E 73 29.32 -12.12 -0.86
C HIS E 73 28.89 -12.54 0.55
N VAL E 74 27.59 -12.83 0.70
CA VAL E 74 27.13 -13.45 1.91
C VAL E 74 27.14 -14.95 1.65
N HIS E 75 27.82 -15.70 2.51
CA HIS E 75 27.90 -17.13 2.38
C HIS E 75 26.97 -17.76 3.41
N GLU E 76 26.65 -19.01 3.19
CA GLU E 76 25.53 -19.64 3.85
C GLU E 76 25.69 -19.76 5.36
N PHE E 77 26.86 -20.19 5.84
CA PHE E 77 27.00 -20.51 7.27
C PHE E 77 27.78 -19.48 8.05
N GLY E 78 27.32 -19.17 9.26
CA GLY E 78 28.05 -18.28 10.21
C GLY E 78 29.01 -19.15 11.03
N ASP E 79 29.77 -19.99 10.33
CA ASP E 79 30.67 -20.98 10.95
C ASP E 79 32.12 -20.60 10.64
N ASN E 80 32.83 -20.09 11.64
CA ASN E 80 34.23 -19.70 11.53
C ASN E 80 35.19 -20.72 12.13
N THR E 81 34.72 -21.95 12.33
CA THR E 81 35.57 -22.97 12.98
C THR E 81 36.80 -23.36 12.18
N ALA E 82 36.74 -23.33 10.86
CA ALA E 82 37.94 -23.50 10.07
C ALA E 82 38.19 -22.24 9.25
N GLY E 83 38.12 -21.09 9.91
CA GLY E 83 38.33 -19.83 9.20
C GLY E 83 37.20 -19.60 8.18
N CYS E 84 37.51 -18.86 7.13
CA CYS E 84 36.49 -18.54 6.11
C CYS E 84 36.00 -19.76 5.31
N THR E 85 36.77 -20.85 5.29
CA THR E 85 36.34 -22.07 4.57
C THR E 85 35.05 -22.66 5.09
N SER E 86 34.83 -22.61 6.41
CA SER E 86 33.66 -23.27 6.94
C SER E 86 32.36 -22.46 6.73
N ALA E 87 32.48 -21.28 6.09
CA ALA E 87 31.28 -20.48 5.78
C ALA E 87 30.43 -21.11 4.68
N GLY E 88 31.03 -22.05 3.95
CA GLY E 88 30.30 -22.77 2.93
C GLY E 88 30.12 -21.89 1.68
N PRO E 89 29.13 -22.22 0.87
CA PRO E 89 29.00 -21.58 -0.43
C PRO E 89 28.21 -20.27 -0.31
N HIS E 90 27.97 -19.59 -1.42
CA HIS E 90 27.15 -18.37 -1.35
C HIS E 90 25.77 -18.74 -0.84
N PHE E 91 25.19 -17.85 -0.08
CA PHE E 91 23.83 -18.06 0.48
C PHE E 91 22.84 -18.07 -0.68
N ASN E 92 22.15 -19.21 -0.86
CA ASN E 92 21.43 -19.46 -2.10
C ASN E 92 20.17 -20.29 -1.80
N PRO E 93 19.26 -19.74 -1.01
CA PRO E 93 18.10 -20.51 -0.58
C PRO E 93 17.13 -20.81 -1.73
N LEU E 94 17.22 -20.08 -2.81
CA LEU E 94 16.37 -20.36 -4.00
C LEU E 94 17.02 -21.22 -5.09
N SER E 95 18.20 -21.76 -4.79
CA SER E 95 18.98 -22.58 -5.72
C SER E 95 19.07 -22.00 -7.12
N ARG E 96 19.45 -20.73 -7.22
CA ARG E 96 19.67 -20.10 -8.51
C ARG E 96 21.16 -20.19 -8.88
N LYS E 97 21.48 -19.75 -10.08
CA LYS E 97 22.90 -19.69 -10.44
C LYS E 97 23.43 -18.33 -10.01
N HIS E 98 24.76 -18.25 -9.88
CA HIS E 98 25.45 -17.01 -9.47
C HIS E 98 25.23 -15.88 -10.47
N GLY E 99 25.01 -14.66 -9.99
CA GLY E 99 24.92 -13.51 -10.91
C GLY E 99 25.40 -12.30 -10.19
N GLY E 100 25.16 -11.13 -10.80
CA GLY E 100 25.48 -9.87 -10.14
C GLY E 100 24.22 -9.40 -9.39
N PRO E 101 24.38 -8.37 -8.54
CA PRO E 101 23.27 -7.95 -7.66
C PRO E 101 22.12 -7.40 -8.45
N LYS E 102 22.41 -6.88 -9.64
CA LYS E 102 21.36 -6.37 -10.55
C LYS E 102 20.56 -7.45 -11.29
N ASP E 103 21.05 -8.67 -11.33
CA ASP E 103 20.35 -9.73 -12.07
C ASP E 103 19.18 -10.34 -11.33
N GLU E 104 18.16 -10.78 -12.07
CA GLU E 104 17.09 -11.58 -11.45
C GLU E 104 17.62 -12.96 -11.09
N GLU E 105 18.41 -13.55 -11.99
CA GLU E 105 19.13 -14.78 -11.67
C GLU E 105 20.45 -14.51 -10.86
N ARG E 106 20.36 -14.76 -9.57
CA ARG E 106 21.50 -14.54 -8.64
C ARG E 106 21.23 -15.35 -7.38
N HIS E 107 22.28 -15.56 -6.60
CA HIS E 107 22.15 -16.04 -5.23
C HIS E 107 21.68 -14.88 -4.39
N VAL E 108 20.95 -15.20 -3.33
CA VAL E 108 20.60 -14.14 -2.35
C VAL E 108 21.92 -13.42 -1.89
N GLY E 109 22.98 -14.18 -1.66
CA GLY E 109 24.26 -13.60 -1.16
C GLY E 109 25.08 -12.81 -2.19
N ASP E 110 24.61 -12.69 -3.42
CA ASP E 110 25.45 -12.04 -4.52
C ASP E 110 25.42 -10.53 -4.48
N LEU E 111 26.33 -9.95 -3.70
CA LEU E 111 26.41 -8.53 -3.61
C LEU E 111 27.40 -7.91 -4.57
N GLY E 112 27.99 -8.69 -5.50
CA GLY E 112 28.83 -8.08 -6.58
C GLY E 112 30.25 -7.81 -6.09
N ASN E 113 30.82 -6.66 -6.48
CA ASN E 113 32.20 -6.33 -6.11
C ASN E 113 32.22 -5.13 -5.20
N VAL E 114 33.30 -4.98 -4.45
CA VAL E 114 33.64 -3.68 -3.84
C VAL E 114 35.03 -3.33 -4.42
N THR E 115 35.34 -2.05 -4.43
CA THR E 115 36.52 -1.54 -5.13
C THR E 115 37.43 -0.91 -4.09
N ALA E 116 38.66 -1.39 -4.02
CA ALA E 116 39.66 -0.80 -3.14
C ALA E 116 40.47 0.23 -3.93
N ASP E 117 40.70 1.37 -3.30
CA ASP E 117 41.53 2.43 -3.91
C ASP E 117 43.03 2.11 -3.91
N LYS E 118 43.86 3.07 -4.36
CA LYS E 118 45.28 2.79 -4.48
C LYS E 118 45.93 2.64 -3.11
N ASP E 119 45.29 3.16 -2.05
CA ASP E 119 45.74 2.90 -0.67
C ASP E 119 45.29 1.56 -0.07
N GLY E 120 44.58 0.74 -0.84
CA GLY E 120 44.08 -0.53 -0.32
C GLY E 120 42.76 -0.45 0.42
N VAL E 121 42.04 0.67 0.30
CA VAL E 121 40.82 0.89 1.10
C VAL E 121 39.57 0.82 0.20
N ALA E 122 38.64 -0.07 0.57
CA ALA E 122 37.32 -0.15 -0.02
C ALA E 122 36.31 0.57 0.90
N ASP E 123 35.78 1.71 0.43
CA ASP E 123 34.74 2.46 1.19
C ASP E 123 33.43 2.01 0.62
N VAL E 124 32.93 0.93 1.22
CA VAL E 124 31.84 0.17 0.67
C VAL E 124 30.56 0.96 0.81
N SER E 125 29.79 0.97 -0.27
CA SER E 125 28.50 1.62 -0.28
C SER E 125 27.60 0.93 -1.27
N ILE E 126 26.70 0.13 -0.73
CA ILE E 126 25.83 -0.76 -1.56
C ILE E 126 24.42 -0.67 -1.02
N GLU E 127 23.45 -0.76 -1.92
CA GLU E 127 22.08 -0.90 -1.49
C GLU E 127 21.48 -2.11 -2.20
N ASP E 128 20.89 -3.03 -1.45
CA ASP E 128 20.40 -4.28 -2.09
C ASP E 128 19.01 -4.65 -1.61
N SER E 129 18.16 -5.09 -2.52
CA SER E 129 16.81 -5.50 -2.12
C SER E 129 16.52 -6.98 -2.00
N VAL E 130 17.52 -7.83 -2.21
CA VAL E 130 17.27 -9.25 -2.16
C VAL E 130 17.70 -9.78 -0.80
N ILE E 131 18.84 -9.30 -0.30
CA ILE E 131 19.22 -9.66 1.08
C ILE E 131 18.23 -8.97 2.02
N SER E 132 18.09 -9.51 3.23
CA SER E 132 17.21 -8.91 4.23
C SER E 132 17.78 -9.15 5.62
N LEU E 133 17.32 -8.37 6.59
CA LEU E 133 17.65 -8.65 7.99
C LEU E 133 16.53 -9.41 8.71
N SER E 134 15.55 -9.90 7.97
CA SER E 134 14.54 -10.78 8.56
C SER E 134 13.95 -11.69 7.49
N GLY E 135 13.23 -12.73 7.93
CA GLY E 135 12.51 -13.64 7.04
C GLY E 135 13.40 -14.62 6.31
N ASP E 136 12.88 -15.17 5.22
CA ASP E 136 13.55 -16.19 4.41
C ASP E 136 14.97 -15.80 3.96
N HIS E 137 15.13 -14.53 3.59
CA HIS E 137 16.43 -14.07 3.05
C HIS E 137 17.30 -13.42 4.09
N CYS E 138 16.93 -13.58 5.36
CA CYS E 138 17.73 -13.08 6.48
C CYS E 138 19.21 -13.53 6.39
N ILE E 139 20.11 -12.56 6.49
CA ILE E 139 21.55 -12.84 6.44
C ILE E 139 22.18 -12.75 7.87
N ILE E 140 21.37 -12.39 8.89
CA ILE E 140 21.87 -12.42 10.29
C ILE E 140 22.34 -13.84 10.64
N GLY E 141 23.53 -13.98 11.21
CA GLY E 141 24.05 -15.32 11.55
C GLY E 141 24.72 -16.00 10.37
N ARG E 142 24.75 -15.33 9.21
CA ARG E 142 25.53 -15.86 8.08
C ARG E 142 26.86 -15.13 7.98
N THR E 143 27.69 -15.43 6.97
CA THR E 143 29.07 -14.91 6.93
C THR E 143 29.27 -14.02 5.72
N LEU E 144 29.78 -12.81 5.96
CA LEU E 144 30.17 -11.93 4.87
C LEU E 144 31.63 -12.25 4.53
N VAL E 145 31.96 -12.37 3.25
CA VAL E 145 33.31 -12.68 2.81
C VAL E 145 33.76 -11.68 1.74
N VAL E 146 34.94 -11.11 1.91
CA VAL E 146 35.54 -10.37 0.80
C VAL E 146 36.61 -11.27 0.14
N HIS E 147 36.57 -11.31 -1.19
CA HIS E 147 37.36 -12.27 -1.97
C HIS E 147 38.62 -11.65 -2.61
N GLU E 148 39.52 -12.53 -2.99
CA GLU E 148 40.82 -12.21 -3.58
C GLU E 148 40.73 -11.44 -4.90
N LYS E 149 39.78 -11.81 -5.74
CA LYS E 149 39.71 -11.26 -7.09
C LYS E 149 38.31 -10.72 -7.38
N ALA E 150 38.16 -10.09 -8.55
CA ALA E 150 36.89 -9.62 -9.05
C ALA E 150 35.88 -10.75 -9.25
N ASP E 151 34.64 -10.46 -8.91
CA ASP E 151 33.52 -11.32 -9.24
C ASP E 151 33.16 -11.04 -10.69
N ASP E 152 33.13 -12.08 -11.56
CA ASP E 152 32.73 -11.81 -12.97
C ASP E 152 31.21 -11.75 -13.19
N LEU E 153 30.43 -11.86 -12.09
CA LEU E 153 28.98 -11.60 -12.07
C LEU E 153 28.25 -12.65 -12.88
N GLY E 154 28.90 -13.79 -13.03
CA GLY E 154 28.31 -14.94 -13.70
C GLY E 154 28.45 -14.85 -15.20
N LYS E 155 29.30 -13.95 -15.70
CA LYS E 155 29.41 -13.70 -17.16
C LYS E 155 30.71 -14.30 -17.73
N GLY E 156 31.33 -15.20 -16.99
CA GLY E 156 32.64 -15.72 -17.38
C GLY E 156 32.60 -16.95 -18.32
N GLY E 157 31.43 -17.55 -18.52
CA GLY E 157 31.26 -18.59 -19.56
C GLY E 157 31.88 -19.92 -19.16
N ASN E 158 32.34 -20.04 -17.93
CA ASN E 158 32.75 -21.36 -17.46
C ASN E 158 31.89 -21.80 -16.31
N GLU E 159 32.11 -23.02 -15.85
CA GLU E 159 31.23 -23.59 -14.82
C GLU E 159 31.42 -22.86 -13.50
N GLU E 160 32.65 -22.47 -13.23
CA GLU E 160 32.95 -21.76 -11.97
C GLU E 160 32.20 -20.39 -11.90
N SER E 161 32.00 -19.74 -13.04
CA SER E 161 31.37 -18.40 -13.07
C SER E 161 29.96 -18.47 -12.51
N THR E 162 29.25 -19.56 -12.80
CA THR E 162 27.84 -19.74 -12.42
C THR E 162 27.76 -20.23 -10.99
N LYS E 163 28.91 -20.52 -10.39
CA LYS E 163 28.97 -20.91 -8.97
C LYS E 163 29.52 -19.82 -8.04
N THR E 164 30.71 -19.30 -8.33
CA THR E 164 31.38 -18.37 -7.43
C THR E 164 31.73 -17.04 -8.07
N GLY E 165 31.47 -16.92 -9.37
CA GLY E 165 31.90 -15.73 -10.09
C GLY E 165 33.40 -15.69 -10.35
N ASN E 166 34.10 -16.81 -10.10
CA ASN E 166 35.57 -16.85 -10.25
C ASN E 166 36.29 -15.84 -9.34
N ALA E 167 35.70 -15.53 -8.18
CA ALA E 167 36.27 -14.46 -7.32
C ALA E 167 37.46 -14.97 -6.47
N GLY E 168 37.79 -16.26 -6.57
CA GLY E 168 39.03 -16.74 -5.92
C GLY E 168 38.90 -16.88 -4.41
N SER E 169 40.04 -16.83 -3.72
CA SER E 169 40.05 -17.22 -2.33
C SER E 169 39.42 -16.16 -1.38
N ARG E 170 39.22 -16.60 -0.14
CA ARG E 170 38.49 -15.82 0.84
C ARG E 170 39.51 -15.02 1.66
N LEU E 171 39.54 -13.70 1.53
CA LEU E 171 40.58 -12.93 2.21
C LEU E 171 40.26 -12.62 3.66
N ALA E 172 38.99 -12.29 3.95
CA ALA E 172 38.55 -11.97 5.31
C ALA E 172 37.03 -12.22 5.40
N CYS E 173 36.56 -12.57 6.59
CA CYS E 173 35.12 -12.86 6.77
C CYS E 173 34.73 -12.55 8.19
N GLY E 174 33.42 -12.52 8.46
CA GLY E 174 32.92 -12.34 9.84
C GLY E 174 31.49 -12.81 9.84
N VAL E 175 30.99 -13.16 11.02
CA VAL E 175 29.56 -13.47 11.18
C VAL E 175 28.77 -12.17 11.29
N ILE E 176 27.64 -12.12 10.61
CA ILE E 176 26.80 -10.91 10.60
C ILE E 176 25.94 -10.97 11.87
N GLY E 177 26.04 -9.94 12.69
CA GLY E 177 25.35 -9.93 13.99
C GLY E 177 24.38 -8.79 14.12
N ILE E 178 23.38 -8.95 15.01
CA ILE E 178 22.44 -7.88 15.32
C ILE E 178 23.13 -6.69 15.97
N ALA E 179 22.83 -5.48 15.49
CA ALA E 179 23.47 -4.30 16.03
C ALA E 179 22.42 -3.41 16.70
N GLN E 180 22.90 -2.48 17.52
CA GLN E 180 22.05 -1.57 18.34
C GLN E 180 21.54 -0.44 17.49
N ALA F 26 10.96 -20.37 11.76
CA ALA F 26 11.37 -21.55 12.56
C ALA F 26 12.34 -22.47 11.80
N MET F 27 13.39 -21.90 11.20
CA MET F 27 14.21 -22.63 10.21
C MET F 27 15.63 -23.12 10.59
N ALA F 28 16.38 -22.40 11.42
CA ALA F 28 17.73 -22.92 11.76
C ALA F 28 17.62 -24.06 12.80
N THR F 29 18.30 -25.17 12.59
CA THR F 29 18.33 -26.22 13.63
C THR F 29 19.70 -26.38 14.25
N LYS F 30 20.75 -25.84 13.64
CA LYS F 30 22.08 -25.90 14.20
C LYS F 30 22.75 -24.53 14.18
N ALA F 31 23.58 -24.27 15.17
CA ALA F 31 24.31 -23.00 15.23
C ALA F 31 25.67 -23.28 15.85
N VAL F 32 26.59 -22.31 15.71
CA VAL F 32 27.93 -22.49 16.19
C VAL F 32 28.50 -21.14 16.59
N CYS F 33 29.41 -21.14 17.56
CA CYS F 33 30.02 -19.92 18.02
C CYS F 33 31.50 -20.18 18.29
N VAL F 34 32.37 -19.39 17.65
CA VAL F 34 33.80 -19.43 17.95
C VAL F 34 34.14 -18.30 18.93
N LEU F 35 34.61 -18.66 20.13
CA LEU F 35 34.93 -17.67 21.15
C LEU F 35 36.39 -17.25 21.09
N LYS F 36 36.63 -15.93 21.10
CA LYS F 36 37.98 -15.33 21.07
C LYS F 36 37.97 -14.06 21.92
N GLY F 37 39.14 -13.68 22.40
CA GLY F 37 39.26 -12.47 23.19
C GLY F 37 40.68 -11.91 23.11
N ASP F 38 41.01 -10.99 24.01
CA ASP F 38 42.34 -10.37 23.99
C ASP F 38 43.39 -11.29 24.60
N GLY F 39 42.97 -12.11 25.56
CA GLY F 39 43.86 -13.04 26.27
C GLY F 39 43.86 -14.38 25.59
N PRO F 40 44.14 -15.47 26.36
CA PRO F 40 44.27 -16.81 25.77
C PRO F 40 42.97 -17.63 25.69
N VAL F 41 41.86 -17.09 26.16
CA VAL F 41 40.60 -17.88 26.22
C VAL F 41 40.02 -18.05 24.83
N GLN F 42 39.74 -19.29 24.45
CA GLN F 42 39.28 -19.62 23.09
C GLN F 42 38.36 -20.79 23.27
N GLY F 43 37.41 -20.93 22.36
CA GLY F 43 36.50 -22.08 22.42
C GLY F 43 35.57 -22.13 21.22
N ILE F 44 34.89 -23.29 21.09
CA ILE F 44 33.91 -23.59 20.06
C ILE F 44 32.71 -24.21 20.78
N ILE F 45 31.59 -23.51 20.69
CA ILE F 45 30.33 -23.95 21.26
C ILE F 45 29.34 -24.22 20.13
N ASN F 46 28.79 -25.44 20.13
CA ASN F 46 27.71 -25.90 19.25
C ASN F 46 26.32 -25.77 19.84
N PHE F 47 25.34 -25.57 18.95
CA PHE F 47 23.93 -25.50 19.36
C PHE F 47 23.13 -26.39 18.43
N GLU F 48 22.16 -27.11 18.98
CA GLU F 48 21.24 -27.88 18.15
C GLU F 48 19.83 -27.87 18.71
N GLN F 49 18.87 -27.63 17.83
CA GLN F 49 17.48 -27.59 18.23
C GLN F 49 16.69 -28.33 17.16
N LYS F 50 16.37 -29.59 17.43
CA LYS F 50 15.73 -30.41 16.40
C LYS F 50 14.29 -29.99 16.16
N GLU F 51 13.64 -29.40 17.16
CA GLU F 51 12.25 -29.03 17.03
C GLU F 51 12.14 -27.59 17.44
N SER F 52 11.43 -26.80 16.63
CA SER F 52 11.32 -25.36 16.87
C SER F 52 10.69 -24.97 18.20
N ASN F 53 9.83 -25.83 18.71
CA ASN F 53 9.29 -25.60 20.02
C ASN F 53 9.96 -26.47 21.09
N GLY F 54 11.13 -27.01 20.78
CA GLY F 54 11.87 -27.87 21.70
C GLY F 54 13.07 -27.18 22.31
N PRO F 55 13.80 -27.89 23.19
CA PRO F 55 14.98 -27.31 23.85
C PRO F 55 16.19 -27.19 22.92
N VAL F 56 17.13 -26.32 23.27
CA VAL F 56 18.40 -26.24 22.54
C VAL F 56 19.48 -26.99 23.36
N LYS F 57 20.15 -27.95 22.74
CA LYS F 57 21.41 -28.50 23.28
C LYS F 57 22.57 -27.59 22.94
N VAL F 58 23.40 -27.31 23.95
CA VAL F 58 24.57 -26.43 23.85
C VAL F 58 25.79 -27.25 24.31
N TRP F 59 26.80 -27.38 23.47
CA TRP F 59 27.97 -28.14 23.88
C TRP F 59 29.23 -27.75 23.18
N GLY F 60 30.34 -28.03 23.86
CA GLY F 60 31.66 -27.92 23.24
C GLY F 60 32.71 -27.68 24.32
N SER F 61 33.66 -26.80 24.05
CA SER F 61 34.83 -26.71 24.89
C SER F 61 35.41 -25.32 24.90
N ILE F 62 35.88 -24.90 26.07
CA ILE F 62 36.58 -23.62 26.23
C ILE F 62 37.92 -23.86 26.93
N LYS F 63 39.00 -23.26 26.43
CA LYS F 63 40.32 -23.42 27.04
C LYS F 63 40.94 -22.05 27.39
N GLY F 64 42.02 -22.08 28.18
CA GLY F 64 42.73 -20.83 28.56
C GLY F 64 42.10 -20.12 29.74
N LEU F 65 41.21 -20.83 30.42
CA LEU F 65 40.48 -20.27 31.56
C LEU F 65 41.23 -20.59 32.86
N THR F 66 41.03 -19.75 33.88
CA THR F 66 41.46 -20.11 35.24
C THR F 66 40.48 -21.14 35.83
N GLU F 67 41.01 -22.12 36.58
CA GLU F 67 40.23 -23.16 37.26
C GLU F 67 39.10 -22.57 38.06
N GLY F 68 37.93 -23.19 37.99
CA GLY F 68 36.76 -22.64 38.66
C GLY F 68 35.61 -22.27 37.72
N LEU F 69 34.68 -21.48 38.24
CA LEU F 69 33.42 -21.15 37.55
C LEU F 69 33.54 -19.85 36.75
N HIS F 70 32.90 -19.85 35.58
CA HIS F 70 32.84 -18.64 34.77
C HIS F 70 31.42 -18.44 34.25
N GLY F 71 30.91 -17.22 34.42
CA GLY F 71 29.57 -16.87 33.92
C GLY F 71 29.60 -17.04 32.41
N PHE F 72 28.47 -17.50 31.88
CA PHE F 72 28.33 -17.88 30.47
C PHE F 72 26.98 -17.34 30.03
N HIS F 73 27.00 -16.27 29.22
CA HIS F 73 25.75 -15.56 28.85
C HIS F 73 25.68 -15.19 27.38
N VAL F 74 24.46 -15.21 26.85
CA VAL F 74 24.16 -14.55 25.59
C VAL F 74 23.87 -13.09 25.85
N HIS F 75 24.67 -12.25 25.23
CA HIS F 75 24.46 -10.80 25.28
C HIS F 75 23.68 -10.34 24.04
N GLU F 76 23.11 -9.14 24.11
CA GLU F 76 22.10 -8.71 23.17
C GLU F 76 22.63 -8.49 21.73
N PHE F 77 23.78 -7.83 21.56
CA PHE F 77 24.21 -7.47 20.20
C PHE F 77 25.31 -8.39 19.71
N GLY F 78 25.21 -8.77 18.45
CA GLY F 78 26.29 -9.52 17.83
C GLY F 78 27.25 -8.51 17.23
N ASP F 79 27.66 -7.54 18.03
CA ASP F 79 28.54 -6.45 17.58
C ASP F 79 29.89 -6.64 18.25
N ASN F 80 30.90 -7.01 17.46
N ASN F 80 30.89 -7.02 17.51
CA ASN F 80 32.28 -7.28 17.91
CA ASN F 80 32.16 -7.18 18.15
C ASN F 80 33.24 -6.13 17.58
C ASN F 80 33.20 -6.18 17.58
N THR F 81 32.70 -5.00 17.19
CA THR F 81 33.53 -3.87 16.72
C THR F 81 34.47 -3.34 17.81
N ALA F 82 34.12 -3.56 19.07
CA ALA F 82 34.95 -3.18 20.22
C ALA F 82 35.18 -4.45 21.03
N GLY F 83 35.34 -5.55 20.32
CA GLY F 83 35.48 -6.84 20.97
C GLY F 83 34.26 -7.20 21.76
N CYS F 84 34.46 -7.77 22.93
CA CYS F 84 33.32 -8.18 23.73
C CYS F 84 32.52 -7.02 24.31
N THR F 85 33.14 -5.86 24.45
CA THR F 85 32.47 -4.72 25.05
C THR F 85 31.26 -4.21 24.25
N SER F 86 31.30 -4.33 22.93
CA SER F 86 30.24 -3.80 22.10
C SER F 86 29.02 -4.76 22.07
N ALA F 87 29.09 -5.90 22.77
CA ALA F 87 27.97 -6.87 22.77
C ALA F 87 26.79 -6.40 23.64
N GLY F 88 27.04 -5.39 24.47
CA GLY F 88 26.00 -4.81 25.31
C GLY F 88 25.61 -5.74 26.47
N PRO F 89 24.39 -5.60 26.96
CA PRO F 89 24.00 -6.33 28.17
C PRO F 89 23.50 -7.71 27.86
N HIS F 90 23.17 -8.48 28.90
CA HIS F 90 22.54 -9.76 28.74
C HIS F 90 21.29 -9.64 27.88
N PHE F 91 21.12 -10.61 26.98
CA PHE F 91 19.96 -10.63 26.10
C PHE F 91 18.71 -10.86 26.94
N ASN F 92 17.81 -9.89 26.85
CA ASN F 92 16.70 -9.78 27.81
C ASN F 92 15.48 -9.25 27.08
N PRO F 93 14.91 -10.07 26.18
CA PRO F 93 13.75 -9.55 25.45
C PRO F 93 12.49 -9.30 26.32
N LEU F 94 12.34 -10.05 27.43
CA LEU F 94 11.11 -9.97 28.27
C LEU F 94 11.25 -9.04 29.49
N SER F 95 12.38 -8.36 29.58
CA SER F 95 12.64 -7.37 30.65
C SER F 95 12.69 -7.91 32.10
N ARG F 96 13.05 -9.18 32.27
CA ARG F 96 13.20 -9.79 33.60
C ARG F 96 14.46 -9.29 34.35
N LYS F 97 14.68 -9.77 35.58
CA LYS F 97 15.94 -9.54 36.28
C LYS F 97 16.87 -10.74 36.04
N HIS F 98 18.16 -10.56 36.30
CA HIS F 98 19.14 -11.63 36.15
C HIS F 98 18.84 -12.83 37.07
N GLY F 99 18.99 -14.04 36.54
CA GLY F 99 18.93 -15.26 37.37
C GLY F 99 19.79 -16.35 36.76
N GLY F 100 19.78 -17.53 37.39
CA GLY F 100 20.30 -18.76 36.79
C GLY F 100 19.33 -19.36 35.77
N PRO F 101 19.76 -20.45 35.07
CA PRO F 101 18.95 -21.10 34.02
C PRO F 101 17.63 -21.73 34.49
N LYS F 102 17.65 -22.52 35.57
CA LYS F 102 16.49 -23.29 36.08
C LYS F 102 15.54 -22.41 36.93
N ASP F 103 15.49 -21.14 36.59
CA ASP F 103 14.85 -20.11 37.38
C ASP F 103 13.94 -19.25 36.46
N GLU F 104 12.63 -19.25 36.72
CA GLU F 104 11.64 -18.55 35.87
C GLU F 104 11.82 -17.01 35.76
N GLU F 105 12.60 -16.43 36.68
CA GLU F 105 12.99 -15.01 36.64
C GLU F 105 14.49 -14.86 36.20
N ARG F 106 14.75 -14.99 34.90
CA ARG F 106 16.12 -14.95 34.35
C ARG F 106 16.10 -14.16 33.04
N HIS F 107 17.27 -13.76 32.57
CA HIS F 107 17.36 -13.23 31.20
C HIS F 107 17.29 -14.44 30.26
N VAL F 108 16.81 -14.24 29.05
CA VAL F 108 16.90 -15.28 28.04
C VAL F 108 18.39 -15.63 27.84
N GLY F 109 19.25 -14.62 27.79
CA GLY F 109 20.72 -14.83 27.85
C GLY F 109 21.40 -15.75 28.91
N ASP F 110 20.70 -16.05 30.00
CA ASP F 110 21.33 -16.63 31.21
C ASP F 110 21.56 -18.13 31.20
N LEU F 111 22.75 -18.54 30.79
CA LEU F 111 23.04 -19.95 30.69
C LEU F 111 23.94 -20.41 31.86
N GLY F 112 23.98 -19.64 32.95
CA GLY F 112 24.61 -20.09 34.21
C GLY F 112 26.12 -20.00 34.19
N ASN F 113 26.80 -21.04 34.68
CA ASN F 113 28.27 -21.07 34.77
C ASN F 113 28.83 -22.24 34.02
N VAL F 114 30.02 -22.04 33.49
CA VAL F 114 30.79 -23.18 33.03
C VAL F 114 31.94 -23.36 34.06
N THR F 115 32.49 -24.56 34.10
N THR F 115 32.48 -24.56 34.15
CA THR F 115 33.56 -24.87 35.04
CA THR F 115 33.55 -24.84 35.12
C THR F 115 34.83 -25.32 34.34
C THR F 115 34.83 -25.36 34.44
N ALA F 116 35.91 -24.62 34.61
CA ALA F 116 37.20 -25.00 34.06
C ALA F 116 37.94 -25.96 35.01
N ASP F 117 38.48 -27.06 34.47
CA ASP F 117 39.37 -27.96 35.21
C ASP F 117 40.74 -27.33 35.53
N LYS F 118 41.60 -28.12 36.17
CA LYS F 118 42.90 -27.62 36.61
C LYS F 118 43.81 -27.27 35.41
N ASP F 119 43.56 -27.88 34.24
CA ASP F 119 44.28 -27.56 32.98
C ASP F 119 43.70 -26.35 32.19
N GLY F 120 42.77 -25.62 32.80
CA GLY F 120 42.14 -24.45 32.19
C GLY F 120 41.01 -24.71 31.19
N VAL F 121 40.56 -25.96 31.12
CA VAL F 121 39.61 -26.40 30.12
C VAL F 121 38.23 -26.62 30.71
N ALA F 122 37.23 -25.95 30.12
CA ALA F 122 35.83 -26.19 30.50
C ALA F 122 35.09 -27.02 29.45
N ASP F 123 34.55 -28.15 29.88
CA ASP F 123 33.68 -28.96 29.03
C ASP F 123 32.23 -28.50 29.18
N VAL F 124 31.66 -28.04 28.06
CA VAL F 124 30.32 -27.45 28.11
C VAL F 124 29.31 -28.48 27.63
N SER F 125 28.30 -28.70 28.45
CA SER F 125 27.19 -29.56 28.06
C SER F 125 25.92 -29.11 28.77
N ILE F 126 25.00 -28.53 28.01
CA ILE F 126 23.87 -27.80 28.56
C ILE F 126 22.66 -28.15 27.68
N GLU F 127 21.49 -28.20 28.32
CA GLU F 127 20.23 -28.21 27.60
C GLU F 127 19.36 -27.06 28.12
N ASP F 128 18.85 -26.23 27.23
CA ASP F 128 18.10 -25.06 27.66
C ASP F 128 16.82 -24.89 26.84
N SER F 129 15.72 -24.58 27.56
N SER F 129 15.71 -24.60 27.53
CA SER F 129 14.39 -24.49 26.97
CA SER F 129 14.41 -24.50 26.88
C SER F 129 13.87 -23.06 26.88
C SER F 129 13.88 -23.07 26.87
N VAL F 130 14.72 -22.12 27.26
CA VAL F 130 14.35 -20.72 27.18
C VAL F 130 14.93 -20.08 25.89
N ILE F 131 16.21 -20.32 25.64
CA ILE F 131 16.84 -19.86 24.37
C ILE F 131 16.20 -20.61 23.19
N SER F 132 16.27 -20.03 21.98
CA SER F 132 15.81 -20.75 20.79
C SER F 132 16.73 -20.33 19.62
N LEU F 133 16.74 -21.13 18.57
CA LEU F 133 17.44 -20.79 17.36
C LEU F 133 16.47 -20.18 16.31
N SER F 134 15.21 -19.95 16.67
CA SER F 134 14.23 -19.24 15.81
C SER F 134 13.22 -18.44 16.65
N GLY F 135 12.46 -17.51 16.03
CA GLY F 135 11.48 -16.66 16.78
C GLY F 135 12.01 -15.55 17.71
N ASP F 136 11.17 -15.10 18.66
N ASP F 136 11.16 -15.09 18.64
CA ASP F 136 11.52 -13.97 19.54
CA ASP F 136 11.50 -13.95 19.52
C ASP F 136 12.67 -14.25 20.50
C ASP F 136 12.62 -14.25 20.52
N HIS F 137 12.84 -15.51 20.87
CA HIS F 137 13.91 -15.90 21.79
C HIS F 137 15.19 -16.30 21.04
N CYS F 138 15.25 -15.93 19.75
CA CYS F 138 16.27 -16.50 18.87
C CYS F 138 17.59 -15.83 19.20
N ILE F 139 18.61 -16.61 19.40
CA ILE F 139 19.93 -16.06 19.81
C ILE F 139 20.93 -16.05 18.62
N ILE F 140 20.48 -16.49 17.44
CA ILE F 140 21.32 -16.38 16.21
C ILE F 140 21.64 -14.90 16.01
N GLY F 141 22.93 -14.57 15.76
CA GLY F 141 23.32 -13.18 15.51
C GLY F 141 23.56 -12.38 16.79
N ARG F 142 23.47 -13.04 17.94
CA ARG F 142 23.79 -12.35 19.16
C ARG F 142 25.15 -12.88 19.60
N THR F 143 25.64 -12.44 20.76
CA THR F 143 27.00 -12.76 21.18
C THR F 143 27.02 -13.66 22.42
N LEU F 144 27.74 -14.77 22.33
CA LEU F 144 27.97 -15.63 23.51
C LEU F 144 29.24 -15.10 24.20
N VAL F 145 29.21 -14.87 25.52
CA VAL F 145 30.35 -14.33 26.26
C VAL F 145 30.69 -15.24 27.44
N VAL F 146 31.96 -15.60 27.55
CA VAL F 146 32.48 -16.23 28.79
C VAL F 146 33.16 -15.17 29.66
N HIS F 147 32.74 -15.14 30.92
CA HIS F 147 33.10 -14.09 31.87
C HIS F 147 34.25 -14.47 32.84
N GLU F 148 34.91 -13.45 33.37
CA GLU F 148 36.04 -13.61 34.31
C GLU F 148 35.64 -14.43 35.54
N LYS F 149 34.57 -14.01 36.19
CA LYS F 149 34.12 -14.62 37.45
C LYS F 149 32.87 -15.47 37.34
N ALA F 150 32.59 -16.16 38.44
CA ALA F 150 31.38 -16.92 38.63
C ALA F 150 30.17 -16.01 38.57
N ASP F 151 29.14 -16.50 37.92
CA ASP F 151 27.84 -15.90 37.98
C ASP F 151 27.25 -16.36 39.33
N ASP F 152 26.82 -15.42 40.15
CA ASP F 152 26.23 -15.76 41.46
C ASP F 152 24.72 -16.07 41.34
N LEU F 153 24.27 -16.25 40.09
CA LEU F 153 22.87 -16.57 39.73
C LEU F 153 21.83 -15.55 40.25
N GLY F 154 22.27 -14.30 40.43
CA GLY F 154 21.39 -13.28 40.99
C GLY F 154 21.15 -13.40 42.51
N LYS F 155 21.81 -14.37 43.15
CA LYS F 155 21.65 -14.64 44.59
C LYS F 155 22.78 -13.97 45.41
N GLY F 156 23.06 -12.71 45.08
CA GLY F 156 24.21 -11.98 45.65
C GLY F 156 23.89 -10.78 46.52
N GLY F 157 22.67 -10.23 46.40
CA GLY F 157 22.25 -9.09 47.21
C GLY F 157 23.13 -7.87 47.04
N ASN F 158 22.92 -7.17 45.91
CA ASN F 158 23.56 -5.90 45.52
C ASN F 158 23.07 -5.53 44.11
N GLU F 159 23.18 -4.26 43.72
CA GLU F 159 22.65 -3.79 42.42
C GLU F 159 23.10 -4.65 41.24
N GLU F 160 24.42 -4.82 41.10
CA GLU F 160 25.02 -5.55 39.95
C GLU F 160 24.63 -7.04 39.84
N SER F 161 24.25 -7.69 40.96
CA SER F 161 23.84 -9.10 40.94
C SER F 161 22.51 -9.36 40.18
N THR F 162 21.61 -8.37 40.23
CA THR F 162 20.32 -8.43 39.53
C THR F 162 20.47 -8.04 38.05
N LYS F 163 21.68 -7.62 37.68
CA LYS F 163 22.00 -7.15 36.33
C LYS F 163 22.91 -8.13 35.59
N THR F 164 24.01 -8.55 36.25
CA THR F 164 25.10 -9.31 35.62
C THR F 164 25.55 -10.55 36.40
N GLY F 165 25.04 -10.69 37.63
CA GLY F 165 25.46 -11.79 38.52
C GLY F 165 26.93 -11.72 38.96
N ASN F 166 27.52 -10.52 38.84
CA ASN F 166 28.94 -10.25 39.18
C ASN F 166 29.92 -11.23 38.51
N ALA F 167 29.77 -11.44 37.20
CA ALA F 167 30.67 -12.33 36.48
C ALA F 167 31.96 -11.61 35.94
N GLY F 168 32.12 -10.33 36.29
CA GLY F 168 33.32 -9.58 35.93
C GLY F 168 33.50 -9.34 34.44
N SER F 169 34.76 -9.07 34.08
CA SER F 169 35.14 -8.73 32.72
C SER F 169 34.88 -9.86 31.69
N ARG F 170 34.86 -9.47 30.41
CA ARG F 170 34.49 -10.42 29.35
C ARG F 170 35.78 -10.98 28.78
N LEU F 171 35.99 -12.27 28.96
CA LEU F 171 37.23 -12.92 28.58
C LEU F 171 37.30 -13.25 27.09
N ALA F 172 36.19 -13.73 26.55
CA ALA F 172 36.15 -14.09 25.12
C ALA F 172 34.68 -14.10 24.75
N CYS F 173 34.44 -14.03 23.44
CA CYS F 173 33.08 -13.93 22.91
C CYS F 173 33.10 -14.24 21.44
N GLY F 174 31.91 -14.50 20.90
CA GLY F 174 31.75 -14.71 19.49
C GLY F 174 30.29 -14.51 19.13
N VAL F 175 30.06 -14.20 17.86
CA VAL F 175 28.69 -14.10 17.31
C VAL F 175 28.19 -15.51 17.01
N ILE F 176 26.95 -15.78 17.36
CA ILE F 176 26.37 -17.08 17.18
C ILE F 176 25.88 -17.15 15.73
N GLY F 177 26.41 -18.10 14.97
CA GLY F 177 26.12 -18.17 13.51
C GLY F 177 25.39 -19.46 13.19
N ILE F 178 24.69 -19.46 12.06
CA ILE F 178 23.97 -20.64 11.56
C ILE F 178 24.99 -21.65 11.07
N ALA F 179 24.80 -22.92 11.45
CA ALA F 179 25.75 -23.96 11.10
C ALA F 179 25.08 -25.03 10.26
N GLN F 180 25.87 -25.79 9.50
CA GLN F 180 25.39 -26.90 8.71
C GLN F 180 25.15 -28.13 9.59
N MET G 27 -59.62 -16.53 -22.92
CA MET G 27 -59.32 -15.77 -24.16
C MET G 27 -58.48 -14.53 -23.81
N ALA G 28 -57.18 -14.61 -24.06
CA ALA G 28 -56.24 -13.49 -23.84
C ALA G 28 -56.37 -12.39 -24.91
N THR G 29 -56.13 -11.15 -24.50
CA THR G 29 -56.32 -9.96 -25.34
C THR G 29 -54.97 -9.20 -25.59
N LYS G 30 -54.00 -9.40 -24.68
CA LYS G 30 -52.63 -8.86 -24.84
C LYS G 30 -51.62 -9.99 -24.63
N ALA G 31 -50.56 -9.95 -25.44
CA ALA G 31 -49.42 -10.84 -25.26
C ALA G 31 -48.11 -10.06 -25.46
N VAL G 32 -47.01 -10.66 -25.01
CA VAL G 32 -45.71 -9.98 -25.11
C VAL G 32 -44.61 -11.03 -25.34
N CYS G 33 -43.52 -10.63 -26.03
CA CYS G 33 -42.45 -11.58 -26.26
C CYS G 33 -41.13 -10.87 -26.06
N VAL G 34 -40.23 -11.47 -25.29
CA VAL G 34 -38.89 -10.89 -25.17
C VAL G 34 -37.96 -11.74 -26.02
N LEU G 35 -37.41 -11.14 -27.07
CA LEU G 35 -36.51 -11.88 -27.96
C LEU G 35 -35.07 -11.76 -27.53
N LYS G 36 -34.42 -12.91 -27.41
CA LYS G 36 -32.99 -12.99 -27.10
C LYS G 36 -32.37 -14.11 -27.93
N GLY G 37 -31.08 -13.98 -28.23
CA GLY G 37 -30.34 -15.07 -28.89
C GLY G 37 -28.89 -15.18 -28.43
N ASP G 38 -28.03 -15.68 -29.31
CA ASP G 38 -26.61 -15.96 -29.01
C ASP G 38 -25.77 -14.76 -29.30
N GLY G 39 -26.29 -13.83 -30.08
CA GLY G 39 -25.55 -12.66 -30.40
C GLY G 39 -26.21 -11.40 -29.91
N PRO G 40 -26.09 -10.35 -30.71
CA PRO G 40 -26.51 -9.03 -30.30
C PRO G 40 -28.01 -8.73 -30.50
N VAL G 41 -28.76 -9.62 -31.17
CA VAL G 41 -30.12 -9.27 -31.51
C VAL G 41 -31.04 -9.47 -30.31
N GLN G 42 -31.81 -8.43 -29.99
CA GLN G 42 -32.74 -8.51 -28.85
C GLN G 42 -33.86 -7.47 -29.00
N GLY G 43 -34.98 -7.71 -28.37
CA GLY G 43 -36.06 -6.74 -28.47
C GLY G 43 -37.30 -7.22 -27.74
N ILE G 44 -38.32 -6.40 -27.85
CA ILE G 44 -39.57 -6.63 -27.15
C ILE G 44 -40.68 -6.43 -28.15
N ILE G 45 -41.56 -7.43 -28.22
CA ILE G 45 -42.64 -7.41 -29.20
C ILE G 45 -43.96 -7.60 -28.42
N ASN G 46 -44.88 -6.70 -28.69
CA ASN G 46 -46.19 -6.64 -28.06
C ASN G 46 -47.25 -7.14 -29.01
N PHE G 47 -48.27 -7.83 -28.48
CA PHE G 47 -49.43 -8.26 -29.29
C PHE G 47 -50.75 -7.74 -28.69
N GLU G 48 -51.68 -7.28 -29.51
CA GLU G 48 -52.99 -6.87 -28.98
C GLU G 48 -54.12 -7.32 -29.93
N GLN G 49 -55.13 -7.96 -29.35
CA GLN G 49 -56.29 -8.38 -30.11
C GLN G 49 -57.51 -7.85 -29.36
N LYS G 50 -58.10 -6.78 -29.88
CA LYS G 50 -59.34 -6.20 -29.34
C LYS G 50 -60.55 -7.13 -29.44
N GLU G 51 -60.72 -7.80 -30.59
CA GLU G 51 -61.88 -8.66 -30.80
C GLU G 51 -61.46 -10.11 -31.04
N SER G 52 -62.23 -11.05 -30.49
CA SER G 52 -62.05 -12.47 -30.81
C SER G 52 -62.01 -12.68 -32.30
N ASN G 53 -61.00 -13.39 -32.77
CA ASN G 53 -60.86 -13.61 -34.22
C ASN G 53 -60.77 -12.33 -35.06
N GLY G 54 -60.58 -11.16 -34.42
CA GLY G 54 -60.22 -9.92 -35.13
C GLY G 54 -58.70 -9.82 -35.36
N PRO G 55 -58.25 -8.76 -36.08
CA PRO G 55 -56.81 -8.59 -36.34
C PRO G 55 -55.98 -8.47 -35.05
N VAL G 56 -54.76 -9.02 -35.04
CA VAL G 56 -53.82 -8.83 -33.93
C VAL G 56 -52.82 -7.75 -34.35
N LYS G 57 -52.67 -6.70 -33.53
CA LYS G 57 -51.61 -5.69 -33.77
C LYS G 57 -50.31 -6.25 -33.20
N VAL G 58 -49.22 -6.12 -33.96
CA VAL G 58 -47.89 -6.60 -33.51
C VAL G 58 -46.95 -5.42 -33.63
N TRP G 59 -46.34 -5.03 -32.51
CA TRP G 59 -45.46 -3.87 -32.53
C TRP G 59 -44.38 -3.91 -31.45
N GLY G 60 -43.28 -3.20 -31.70
CA GLY G 60 -42.20 -3.17 -30.72
C GLY G 60 -40.91 -2.91 -31.44
N SER G 61 -39.80 -3.22 -30.79
CA SER G 61 -38.50 -2.84 -31.33
C SER G 61 -37.52 -3.97 -31.17
N ILE G 62 -36.72 -4.21 -32.20
CA ILE G 62 -35.70 -5.25 -32.16
C ILE G 62 -34.45 -4.50 -32.57
N LYS G 63 -33.38 -4.70 -31.82
CA LYS G 63 -32.13 -4.02 -32.16
C LYS G 63 -31.02 -5.03 -32.38
N GLY G 64 -29.90 -4.58 -32.95
CA GLY G 64 -28.77 -5.45 -33.17
C GLY G 64 -28.83 -6.23 -34.49
N LEU G 65 -29.69 -5.80 -35.40
CA LEU G 65 -29.93 -6.50 -36.70
C LEU G 65 -29.09 -5.88 -37.78
N THR G 66 -28.74 -6.66 -38.81
CA THR G 66 -28.24 -6.07 -40.01
C THR G 66 -29.34 -5.26 -40.70
N GLU G 67 -28.96 -4.12 -41.26
CA GLU G 67 -29.83 -3.33 -42.08
C GLU G 67 -30.57 -4.12 -43.19
N GLY G 68 -31.88 -3.93 -43.32
CA GLY G 68 -32.64 -4.66 -44.35
C GLY G 68 -33.69 -5.61 -43.80
N LEU G 69 -34.22 -6.46 -44.69
CA LEU G 69 -35.32 -7.39 -44.37
C LEU G 69 -34.91 -8.59 -43.53
N HIS G 70 -35.77 -8.92 -42.56
CA HIS G 70 -35.60 -10.12 -41.75
C HIS G 70 -36.91 -10.86 -41.61
N GLY G 71 -36.86 -12.17 -41.89
CA GLY G 71 -38.00 -13.06 -41.65
C GLY G 71 -38.47 -13.01 -40.20
N PHE G 72 -39.77 -13.04 -40.00
CA PHE G 72 -40.35 -12.79 -38.70
C PHE G 72 -41.52 -13.78 -38.56
N HIS G 73 -41.34 -14.83 -37.80
CA HIS G 73 -42.34 -15.91 -37.80
C HIS G 73 -42.62 -16.46 -36.45
N VAL G 74 -43.83 -16.99 -36.27
CA VAL G 74 -44.18 -17.80 -35.12
C VAL G 74 -43.92 -19.26 -35.41
N HIS G 75 -43.16 -19.89 -34.53
CA HIS G 75 -42.78 -21.28 -34.64
C HIS G 75 -43.62 -22.06 -33.67
N GLU G 76 -43.74 -23.34 -33.96
CA GLU G 76 -44.71 -24.19 -33.30
C GLU G 76 -44.50 -24.38 -31.79
N PHE G 77 -43.26 -24.57 -31.35
CA PHE G 77 -43.04 -24.87 -29.94
C PHE G 77 -42.44 -23.71 -29.14
N GLY G 78 -42.98 -23.47 -27.95
CA GLY G 78 -42.39 -22.54 -26.95
C GLY G 78 -41.35 -23.30 -26.12
N ASP G 79 -40.41 -23.92 -26.81
CA ASP G 79 -39.41 -24.78 -26.20
C ASP G 79 -38.07 -24.15 -26.53
N ASN G 80 -37.42 -23.63 -25.50
CA ASN G 80 -36.16 -22.92 -25.67
C ASN G 80 -35.03 -23.74 -25.07
N THR G 81 -35.28 -25.01 -24.78
CA THR G 81 -34.31 -25.82 -24.04
C THR G 81 -33.00 -25.95 -24.79
N ALA G 82 -33.04 -25.88 -26.12
CA ALA G 82 -31.85 -25.91 -26.94
C ALA G 82 -31.73 -24.63 -27.77
N GLY G 83 -32.15 -23.51 -27.22
CA GLY G 83 -32.04 -22.23 -27.94
C GLY G 83 -33.19 -22.16 -28.95
N CYS G 84 -33.04 -21.31 -29.93
CA CYS G 84 -34.07 -21.12 -30.95
C CYS G 84 -34.33 -22.39 -31.80
N THR G 85 -33.35 -23.27 -31.89
CA THR G 85 -33.54 -24.57 -32.61
C THR G 85 -34.74 -25.38 -32.11
N SER G 86 -34.93 -25.45 -30.79
CA SER G 86 -36.00 -26.28 -30.26
C SER G 86 -37.42 -25.71 -30.44
N ALA G 87 -37.53 -24.55 -31.07
CA ALA G 87 -38.86 -23.98 -31.36
C ALA G 87 -39.61 -24.73 -32.50
N GLY G 88 -38.87 -25.58 -33.24
CA GLY G 88 -39.45 -26.37 -34.34
C GLY G 88 -39.73 -25.53 -35.56
N PRO G 89 -40.61 -26.02 -36.44
CA PRO G 89 -40.89 -25.31 -37.70
C PRO G 89 -41.89 -24.16 -37.51
N HIS G 90 -42.19 -23.44 -38.58
CA HIS G 90 -43.28 -22.46 -38.53
C HIS G 90 -44.58 -23.06 -38.04
N PHE G 91 -45.33 -22.29 -37.26
CA PHE G 91 -46.59 -22.76 -36.70
C PHE G 91 -47.53 -22.93 -37.88
N ASN G 92 -47.98 -24.18 -38.07
CA ASN G 92 -48.70 -24.56 -39.30
C ASN G 92 -49.78 -25.63 -39.04
N PRO G 93 -50.78 -25.29 -38.21
CA PRO G 93 -51.80 -26.25 -37.79
C PRO G 93 -52.73 -26.70 -38.93
N LEU G 94 -52.78 -25.94 -40.02
CA LEU G 94 -53.66 -26.27 -41.14
C LEU G 94 -52.87 -26.95 -42.27
N SER G 95 -51.58 -27.23 -42.03
CA SER G 95 -50.70 -27.97 -42.95
C SER G 95 -50.56 -27.37 -44.33
N ARG G 96 -50.35 -26.05 -44.37
CA ARG G 96 -50.18 -25.36 -45.65
C ARG G 96 -48.73 -25.12 -46.05
N LYS G 97 -48.53 -24.58 -47.24
CA LYS G 97 -47.21 -24.25 -47.72
C LYS G 97 -46.92 -22.82 -47.18
N HIS G 98 -45.64 -22.47 -47.15
CA HIS G 98 -45.23 -21.17 -46.59
C HIS G 98 -45.62 -20.04 -47.54
N GLY G 99 -46.11 -18.93 -46.99
CA GLY G 99 -46.45 -17.76 -47.80
C GLY G 99 -46.15 -16.45 -47.10
N GLY G 100 -46.55 -15.34 -47.71
CA GLY G 100 -46.47 -14.04 -47.06
C GLY G 100 -47.72 -13.86 -46.21
N PRO G 101 -47.76 -12.80 -45.36
CA PRO G 101 -48.93 -12.61 -44.50
C PRO G 101 -50.22 -12.37 -45.29
N LYS G 102 -50.14 -11.79 -46.47
CA LYS G 102 -51.34 -11.48 -47.27
C LYS G 102 -51.81 -12.57 -48.23
N ASP G 103 -51.09 -13.69 -48.32
CA ASP G 103 -51.57 -14.81 -49.15
C ASP G 103 -52.56 -15.70 -48.43
N GLU G 104 -53.40 -16.41 -49.19
CA GLU G 104 -54.32 -17.40 -48.61
C GLU G 104 -53.54 -18.64 -48.18
N GLU G 105 -52.65 -19.10 -49.05
CA GLU G 105 -51.74 -20.22 -48.75
C GLU G 105 -50.57 -19.66 -47.93
N ARG G 106 -50.62 -19.90 -46.63
CA ARG G 106 -49.57 -19.46 -45.69
C ARG G 106 -49.68 -20.34 -44.45
N HIS G 107 -48.58 -20.46 -43.70
CA HIS G 107 -48.62 -21.02 -42.37
C HIS G 107 -49.29 -20.00 -41.50
N VAL G 108 -49.95 -20.42 -40.42
CA VAL G 108 -50.49 -19.42 -39.46
C VAL G 108 -49.36 -18.47 -38.91
N GLY G 109 -48.18 -19.05 -38.71
CA GLY G 109 -46.99 -18.31 -38.21
C GLY G 109 -46.32 -17.33 -39.16
N ASP G 110 -46.76 -17.28 -40.43
CA ASP G 110 -46.11 -16.47 -41.46
C ASP G 110 -46.41 -14.98 -41.36
N LEU G 111 -45.60 -14.25 -40.58
CA LEU G 111 -45.77 -12.81 -40.44
C LEU G 111 -44.98 -11.98 -41.43
N GLY G 112 -44.21 -12.62 -42.30
CA GLY G 112 -43.56 -11.85 -43.37
C GLY G 112 -42.20 -11.33 -42.95
N ASN G 113 -41.82 -10.15 -43.42
CA ASN G 113 -40.53 -9.57 -43.02
C ASN G 113 -40.72 -8.43 -42.02
N VAL G 114 -39.71 -8.18 -41.21
CA VAL G 114 -39.55 -6.85 -40.58
C VAL G 114 -38.31 -6.16 -41.14
N THR G 115 -38.22 -4.83 -41.04
CA THR G 115 -37.11 -4.11 -41.68
C THR G 115 -36.30 -3.32 -40.65
N ALA G 116 -34.99 -3.60 -40.62
CA ALA G 116 -34.06 -2.93 -39.73
C ALA G 116 -33.46 -1.77 -40.50
N ASP G 117 -33.30 -0.65 -39.81
CA ASP G 117 -32.78 0.55 -40.45
C ASP G 117 -31.26 0.50 -40.39
N LYS G 118 -30.61 1.60 -40.79
CA LYS G 118 -29.16 1.62 -40.86
C LYS G 118 -28.46 1.49 -39.49
N ASP G 119 -29.12 1.94 -38.41
CA ASP G 119 -28.64 1.67 -37.04
C ASP G 119 -28.98 0.27 -36.51
N GLY G 120 -29.57 -0.59 -37.36
CA GLY G 120 -29.78 -1.98 -36.92
C GLY G 120 -31.08 -2.16 -36.12
N VAL G 121 -31.97 -1.18 -36.18
CA VAL G 121 -33.18 -1.24 -35.37
C VAL G 121 -34.41 -1.48 -36.27
N ALA G 122 -35.22 -2.46 -35.90
CA ALA G 122 -36.49 -2.69 -36.56
C ALA G 122 -37.63 -2.21 -35.66
N ASP G 123 -38.27 -1.11 -36.06
CA ASP G 123 -39.48 -0.66 -35.35
C ASP G 123 -40.68 -1.37 -35.96
N VAL G 124 -41.00 -2.52 -35.39
CA VAL G 124 -41.99 -3.44 -35.95
C VAL G 124 -43.37 -2.80 -35.84
N SER G 125 -44.12 -2.79 -36.93
CA SER G 125 -45.53 -2.44 -36.87
C SER G 125 -46.31 -3.27 -37.90
N ILE G 126 -47.09 -4.22 -37.42
CA ILE G 126 -47.75 -5.17 -38.29
C ILE G 126 -49.15 -5.37 -37.76
N GLU G 127 -50.09 -5.62 -38.67
CA GLU G 127 -51.39 -6.08 -38.27
C GLU G 127 -51.70 -7.37 -39.04
N ASP G 128 -52.15 -8.41 -38.32
CA ASP G 128 -52.39 -9.70 -38.94
C ASP G 128 -53.69 -10.31 -38.50
N SER G 129 -54.44 -10.87 -39.46
CA SER G 129 -55.73 -11.50 -39.17
C SER G 129 -55.74 -13.03 -39.11
N VAL G 130 -54.60 -13.66 -39.40
CA VAL G 130 -54.58 -15.13 -39.36
C VAL G 130 -54.13 -15.61 -38.00
N ILE G 131 -53.09 -14.99 -37.43
CA ILE G 131 -52.74 -15.34 -36.04
C ILE G 131 -53.83 -14.88 -35.06
N SER G 132 -53.85 -15.52 -33.90
CA SER G 132 -54.78 -15.17 -32.86
C SER G 132 -54.18 -15.33 -31.46
N LEU G 133 -54.72 -14.60 -30.49
CA LEU G 133 -54.35 -14.75 -29.08
C LEU G 133 -55.27 -15.69 -28.30
N SER G 134 -56.23 -16.31 -28.98
CA SER G 134 -57.07 -17.37 -28.39
C SER G 134 -57.56 -18.26 -29.52
N GLY G 135 -58.21 -19.37 -29.16
CA GLY G 135 -58.79 -20.25 -30.16
C GLY G 135 -57.79 -21.22 -30.77
N ASP G 136 -58.15 -21.74 -31.94
CA ASP G 136 -57.36 -22.75 -32.64
C ASP G 136 -56.03 -22.19 -33.14
N HIS G 137 -56.06 -20.92 -33.55
CA HIS G 137 -54.88 -20.24 -34.09
C HIS G 137 -54.04 -19.54 -33.03
N CYS G 138 -54.21 -19.98 -31.79
CA CYS G 138 -53.65 -19.29 -30.65
C CYS G 138 -52.13 -19.43 -30.67
N ILE G 139 -51.44 -18.31 -30.58
CA ILE G 139 -49.96 -18.31 -30.64
C ILE G 139 -49.32 -18.15 -29.26
N ILE G 140 -50.13 -17.99 -28.21
CA ILE G 140 -49.63 -17.98 -26.83
C ILE G 140 -48.92 -19.29 -26.50
N GLY G 141 -47.74 -19.18 -25.89
CA GLY G 141 -46.95 -20.37 -25.58
C GLY G 141 -46.17 -20.94 -26.76
N ARG G 142 -46.19 -20.24 -27.89
CA ARG G 142 -45.37 -20.62 -29.03
C ARG G 142 -44.19 -19.64 -29.10
N THR G 143 -43.34 -19.75 -30.13
CA THR G 143 -42.12 -18.95 -30.17
C THR G 143 -42.12 -18.00 -31.34
N LEU G 144 -41.81 -16.75 -31.06
CA LEU G 144 -41.56 -15.76 -32.11
C LEU G 144 -40.08 -15.77 -32.46
N VAL G 145 -39.72 -15.78 -33.75
CA VAL G 145 -38.27 -15.89 -34.15
C VAL G 145 -38.03 -14.82 -35.17
N VAL G 146 -36.95 -14.04 -34.99
CA VAL G 146 -36.56 -13.13 -36.05
C VAL G 146 -35.35 -13.82 -36.70
N HIS G 147 -35.37 -13.82 -38.01
CA HIS G 147 -34.39 -14.59 -38.81
C HIS G 147 -33.24 -13.80 -39.40
N GLU G 148 -32.22 -14.55 -39.82
CA GLU G 148 -31.01 -13.97 -40.44
C GLU G 148 -31.21 -13.15 -41.73
N LYS G 149 -32.05 -13.63 -42.64
CA LYS G 149 -32.21 -13.01 -43.96
C LYS G 149 -33.68 -12.76 -44.31
N ALA G 150 -33.91 -12.15 -45.47
CA ALA G 150 -35.27 -11.90 -45.96
C ALA G 150 -36.06 -13.19 -46.17
N ASP G 151 -37.31 -13.18 -45.70
CA ASP G 151 -38.34 -14.16 -46.07
C ASP G 151 -38.69 -13.88 -47.54
N ASP G 152 -38.52 -14.90 -48.41
CA ASP G 152 -38.93 -14.78 -49.84
C ASP G 152 -40.43 -14.92 -50.05
N LEU G 153 -41.16 -15.10 -48.95
CA LEU G 153 -42.62 -15.10 -48.89
C LEU G 153 -43.18 -16.29 -49.70
N GLY G 154 -42.35 -17.32 -49.83
CA GLY G 154 -42.67 -18.55 -50.52
C GLY G 154 -42.69 -18.42 -52.04
N LYS G 155 -42.00 -17.43 -52.59
CA LYS G 155 -41.93 -17.21 -54.04
C LYS G 155 -40.59 -17.57 -54.62
N GLY G 156 -39.86 -18.41 -53.91
CA GLY G 156 -38.49 -18.73 -54.30
C GLY G 156 -38.32 -19.91 -55.27
N GLY G 157 -39.40 -20.70 -55.51
CA GLY G 157 -39.38 -21.79 -56.54
C GLY G 157 -38.56 -22.99 -56.11
N ASN G 158 -38.00 -22.97 -54.92
CA ASN G 158 -37.30 -24.15 -54.47
C ASN G 158 -38.02 -24.74 -53.28
N GLU G 159 -37.65 -25.94 -52.85
N GLU G 159 -37.67 -25.96 -52.86
CA GLU G 159 -38.39 -26.59 -51.75
CA GLU G 159 -38.40 -26.58 -51.72
C GLU G 159 -38.18 -25.89 -50.39
C GLU G 159 -38.24 -25.77 -50.45
N GLU G 160 -37.07 -25.18 -50.25
CA GLU G 160 -36.80 -24.43 -49.02
C GLU G 160 -37.80 -23.25 -48.90
N SER G 161 -38.05 -22.54 -50.00
CA SER G 161 -39.04 -21.47 -50.02
C SER G 161 -40.38 -21.87 -49.44
N THR G 162 -40.86 -23.05 -49.84
CA THR G 162 -42.16 -23.55 -49.46
C THR G 162 -42.24 -23.95 -48.00
N LYS G 163 -41.09 -24.05 -47.33
CA LYS G 163 -41.07 -24.42 -45.90
C LYS G 163 -40.72 -23.24 -44.97
N THR G 164 -39.72 -22.45 -45.33
CA THR G 164 -39.13 -21.43 -44.41
C THR G 164 -39.01 -20.08 -45.08
N GLY G 165 -39.30 -20.00 -46.38
CA GLY G 165 -39.07 -18.77 -47.12
C GLY G 165 -37.59 -18.44 -47.32
N ASN G 166 -36.69 -19.39 -47.06
CA ASN G 166 -35.25 -19.16 -47.26
C ASN G 166 -34.75 -18.05 -46.29
N ALA G 167 -35.41 -17.92 -45.12
CA ALA G 167 -35.09 -16.82 -44.19
C ALA G 167 -33.78 -17.09 -43.39
N GLY G 168 -33.27 -18.32 -43.45
CA GLY G 168 -31.97 -18.64 -42.86
C GLY G 168 -32.07 -18.81 -41.35
N SER G 169 -30.98 -18.47 -40.65
CA SER G 169 -30.83 -18.97 -39.27
C SER G 169 -31.71 -18.13 -38.31
N ARG G 170 -31.78 -18.57 -37.07
CA ARG G 170 -32.63 -17.98 -36.05
C ARG G 170 -31.78 -17.04 -35.17
N LEU G 171 -31.90 -15.73 -35.38
CA LEU G 171 -31.04 -14.77 -34.63
C LEU G 171 -31.49 -14.57 -33.18
N ALA G 172 -32.80 -14.50 -32.95
CA ALA G 172 -33.30 -14.29 -31.61
C ALA G 172 -34.71 -14.84 -31.54
N CYS G 173 -35.13 -15.27 -30.35
CA CYS G 173 -36.47 -15.79 -30.16
C CYS G 173 -36.92 -15.62 -28.71
N GLY G 174 -38.22 -15.79 -28.46
CA GLY G 174 -38.78 -15.80 -27.12
C GLY G 174 -40.12 -16.49 -27.19
N VAL G 175 -40.56 -17.03 -26.05
CA VAL G 175 -41.90 -17.63 -25.92
C VAL G 175 -42.91 -16.49 -25.76
N ILE G 176 -44.06 -16.61 -26.43
CA ILE G 176 -45.12 -15.58 -26.41
C ILE G 176 -45.94 -15.85 -25.15
N GLY G 177 -45.97 -14.88 -24.24
CA GLY G 177 -46.67 -15.04 -22.99
C GLY G 177 -47.80 -14.02 -22.83
N ILE G 178 -48.79 -14.40 -22.02
CA ILE G 178 -49.94 -13.55 -21.67
C ILE G 178 -49.49 -12.28 -20.97
N ALA G 179 -49.96 -11.13 -21.44
CA ALA G 179 -49.59 -9.83 -20.82
C ALA G 179 -50.78 -9.15 -20.14
N GLN G 180 -50.52 -8.25 -19.20
CA GLN G 180 -51.61 -7.47 -18.55
C GLN G 180 -52.11 -6.27 -19.37
N ALA H 28 -52.50 -29.63 -23.55
CA ALA H 28 -51.96 -29.90 -24.91
C ALA H 28 -50.97 -31.06 -24.86
N THR H 29 -51.04 -31.85 -23.80
CA THR H 29 -50.15 -33.00 -23.62
C THR H 29 -48.81 -32.63 -22.97
N LYS H 30 -47.97 -31.81 -23.65
CA LYS H 30 -46.64 -31.42 -23.12
C LYS H 30 -46.30 -29.90 -23.11
N ALA H 31 -45.61 -29.47 -22.05
CA ALA H 31 -45.13 -28.09 -21.97
C ALA H 31 -43.75 -28.08 -21.32
N VAL H 32 -43.03 -26.97 -21.50
CA VAL H 32 -41.68 -26.83 -20.97
C VAL H 32 -41.42 -25.37 -20.58
N CYS H 33 -40.49 -25.18 -19.66
CA CYS H 33 -40.12 -23.86 -19.18
C CYS H 33 -38.60 -23.80 -18.91
N VAL H 34 -37.93 -22.82 -19.50
CA VAL H 34 -36.52 -22.60 -19.25
C VAL H 34 -36.41 -21.42 -18.29
N LEU H 35 -35.85 -21.69 -17.11
CA LEU H 35 -35.75 -20.71 -16.02
C LEU H 35 -34.39 -20.03 -16.10
N LYS H 36 -34.41 -18.69 -16.09
CA LYS H 36 -33.20 -17.83 -16.09
C LYS H 36 -33.48 -16.64 -15.24
N GLY H 37 -32.43 -16.02 -14.68
CA GLY H 37 -32.61 -14.78 -13.93
C GLY H 37 -31.37 -13.88 -13.96
N ASP H 38 -31.26 -12.99 -13.00
CA ASP H 38 -30.15 -12.04 -12.95
C ASP H 38 -28.89 -12.68 -12.37
N GLY H 39 -29.08 -13.76 -11.64
CA GLY H 39 -27.97 -14.48 -11.03
C GLY H 39 -27.69 -15.78 -11.77
N PRO H 40 -27.17 -16.78 -11.05
CA PRO H 40 -26.76 -18.06 -11.64
C PRO H 40 -27.86 -19.12 -11.68
N VAL H 41 -29.04 -18.81 -11.17
CA VAL H 41 -30.14 -19.86 -11.15
C VAL H 41 -30.67 -20.18 -12.56
N GLN H 42 -30.57 -21.44 -12.94
CA GLN H 42 -30.92 -21.92 -14.27
C GLN H 42 -31.63 -23.25 -14.13
N GLY H 43 -32.65 -23.47 -14.93
CA GLY H 43 -33.30 -24.75 -14.91
C GLY H 43 -34.20 -25.01 -16.10
N ILE H 44 -34.56 -26.27 -16.24
CA ILE H 44 -35.49 -26.73 -17.27
C ILE H 44 -36.53 -27.54 -16.52
N ILE H 45 -37.80 -27.15 -16.67
CA ILE H 45 -38.91 -27.86 -16.07
C ILE H 45 -39.88 -28.32 -17.17
N ASN H 46 -40.20 -29.62 -17.14
CA ASN H 46 -41.08 -30.27 -18.11
C ASN H 46 -42.45 -30.52 -17.51
N PHE H 47 -43.49 -30.43 -18.34
CA PHE H 47 -44.87 -30.69 -17.89
C PHE H 47 -45.53 -31.71 -18.81
N GLU H 48 -46.22 -32.68 -18.22
CA GLU H 48 -46.93 -33.67 -19.05
C GLU H 48 -48.32 -33.93 -18.51
N GLN H 49 -49.30 -33.80 -19.40
CA GLN H 49 -50.70 -34.06 -19.08
C GLN H 49 -51.24 -35.12 -20.06
N LYS H 50 -51.43 -36.34 -19.56
CA LYS H 50 -51.90 -37.46 -20.37
C LYS H 50 -53.42 -37.38 -20.57
N GLU H 51 -54.18 -37.37 -19.46
CA GLU H 51 -55.64 -37.28 -19.53
C GLU H 51 -56.08 -35.81 -19.64
N SER H 52 -56.99 -35.56 -20.58
CA SER H 52 -57.46 -34.22 -21.00
C SER H 52 -57.73 -33.17 -19.92
N ASN H 53 -58.12 -33.59 -18.73
CA ASN H 53 -58.13 -32.66 -17.58
C ASN H 53 -57.67 -33.32 -16.27
N GLY H 54 -56.78 -34.31 -16.39
CA GLY H 54 -56.21 -35.00 -15.23
C GLY H 54 -55.01 -34.30 -14.60
N PRO H 55 -54.30 -35.02 -13.70
CA PRO H 55 -53.05 -34.57 -13.06
C PRO H 55 -51.92 -34.27 -14.05
N VAL H 56 -51.15 -33.22 -13.76
CA VAL H 56 -49.97 -32.88 -14.56
C VAL H 56 -48.72 -33.33 -13.80
N LYS H 57 -47.86 -34.06 -14.49
CA LYS H 57 -46.54 -34.40 -13.98
C LYS H 57 -45.56 -33.23 -14.29
N VAL H 58 -44.94 -32.72 -13.23
CA VAL H 58 -43.92 -31.66 -13.33
C VAL H 58 -42.56 -32.26 -12.98
N TRP H 59 -41.58 -32.11 -13.86
CA TRP H 59 -40.26 -32.63 -13.54
C TRP H 59 -39.12 -31.94 -14.28
N GLY H 60 -37.96 -31.94 -13.64
CA GLY H 60 -36.73 -31.49 -14.26
C GLY H 60 -35.75 -31.16 -13.13
N SER H 61 -34.96 -30.11 -13.35
CA SER H 61 -33.86 -29.79 -12.47
C SER H 61 -33.62 -28.28 -12.46
N ILE H 62 -33.24 -27.75 -11.29
CA ILE H 62 -32.85 -26.34 -11.19
C ILE H 62 -31.48 -26.30 -10.52
N LYS H 63 -30.54 -25.52 -11.07
CA LYS H 63 -29.21 -25.37 -10.43
C LYS H 63 -28.91 -23.93 -10.01
N GLY H 64 -27.83 -23.73 -9.24
CA GLY H 64 -27.45 -22.38 -8.86
C GLY H 64 -28.13 -21.86 -7.62
N LEU H 65 -28.77 -22.77 -6.89
CA LEU H 65 -29.56 -22.35 -5.73
C LEU H 65 -28.75 -22.45 -4.43
N THR H 66 -29.14 -21.75 -3.37
CA THR H 66 -28.57 -22.06 -2.07
C THR H 66 -29.24 -23.33 -1.52
N GLU H 67 -28.46 -24.18 -0.85
CA GLU H 67 -29.01 -25.37 -0.17
C GLU H 67 -30.28 -25.06 0.63
N GLY H 68 -31.28 -25.93 0.52
CA GLY H 68 -32.52 -25.73 1.26
C GLY H 68 -33.72 -25.43 0.38
N LEU H 69 -34.75 -24.87 0.99
CA LEU H 69 -36.06 -24.77 0.35
C LEU H 69 -36.26 -23.46 -0.38
N HIS H 70 -36.93 -23.54 -1.52
CA HIS H 70 -37.28 -22.34 -2.27
C HIS H 70 -38.70 -22.36 -2.81
N GLY H 71 -39.40 -21.24 -2.69
CA GLY H 71 -40.73 -21.08 -3.28
C GLY H 71 -40.75 -21.37 -4.78
N PHE H 72 -41.83 -22.01 -5.22
CA PHE H 72 -41.95 -22.49 -6.58
C PHE H 72 -43.41 -22.30 -7.02
N HIS H 73 -43.64 -21.25 -7.81
CA HIS H 73 -45.00 -20.86 -8.19
C HIS H 73 -45.15 -20.49 -9.65
N VAL H 74 -46.33 -20.77 -10.19
CA VAL H 74 -46.79 -20.22 -11.47
C VAL H 74 -47.40 -18.86 -11.19
N HIS H 75 -46.91 -17.84 -11.89
CA HIS H 75 -47.41 -16.48 -11.75
C HIS H 75 -48.24 -16.09 -12.95
N GLU H 76 -48.98 -15.00 -12.81
CA GLU H 76 -50.07 -14.78 -13.76
C GLU H 76 -49.66 -14.40 -15.19
N PHE H 77 -48.64 -13.57 -15.34
CA PHE H 77 -48.23 -13.13 -16.69
C PHE H 77 -46.95 -13.78 -17.23
N GLY H 78 -46.98 -14.16 -18.51
CA GLY H 78 -45.80 -14.63 -19.22
C GLY H 78 -45.02 -13.43 -19.75
N ASP H 79 -44.76 -12.46 -18.88
CA ASP H 79 -44.24 -11.17 -19.26
C ASP H 79 -42.87 -10.99 -18.60
N ASN H 80 -41.82 -11.06 -19.43
CA ASN H 80 -40.48 -10.98 -18.91
C ASN H 80 -39.79 -9.65 -19.24
N THR H 81 -40.57 -8.64 -19.60
CA THR H 81 -39.97 -7.38 -20.05
C THR H 81 -39.20 -6.69 -18.96
N ALA H 82 -39.61 -6.85 -17.71
CA ALA H 82 -38.84 -6.28 -16.60
C ALA H 82 -38.26 -7.42 -15.79
N GLY H 83 -37.79 -8.48 -16.45
CA GLY H 83 -37.35 -9.67 -15.71
C GLY H 83 -38.53 -10.27 -14.97
N CYS H 84 -38.24 -10.91 -13.85
CA CYS H 84 -39.22 -11.71 -13.12
C CYS H 84 -40.31 -10.90 -12.42
N THR H 85 -40.07 -9.62 -12.21
CA THR H 85 -41.03 -8.68 -11.63
C THR H 85 -42.28 -8.56 -12.49
N SER H 86 -42.11 -8.57 -13.81
CA SER H 86 -43.29 -8.32 -14.64
C SER H 86 -44.17 -9.56 -14.80
N ALA H 87 -43.78 -10.69 -14.19
CA ALA H 87 -44.67 -11.85 -14.13
C ALA H 87 -45.92 -11.60 -13.26
N GLY H 88 -45.90 -10.52 -12.49
CA GLY H 88 -47.05 -10.16 -11.62
C GLY H 88 -47.30 -11.13 -10.46
N PRO H 89 -48.57 -11.19 -9.98
CA PRO H 89 -48.91 -12.00 -8.82
C PRO H 89 -48.96 -13.51 -9.09
N HIS H 90 -49.13 -14.29 -8.01
CA HIS H 90 -49.44 -15.72 -8.14
C HIS H 90 -50.64 -15.89 -9.03
N PHE H 91 -50.62 -16.97 -9.79
CA PHE H 91 -51.71 -17.23 -10.71
C PHE H 91 -52.96 -17.75 -9.98
N ASN H 92 -54.05 -17.01 -10.15
CA ASN H 92 -55.41 -17.52 -9.89
C ASN H 92 -55.63 -18.02 -8.46
N PRO H 93 -55.80 -17.09 -7.50
CA PRO H 93 -56.03 -17.39 -6.07
C PRO H 93 -57.32 -18.15 -5.75
N ARG H 106 -53.40 -23.24 -2.60
CA ARG H 106 -53.75 -21.85 -2.34
C ARG H 106 -53.96 -21.04 -3.64
N HIS H 107 -53.39 -21.49 -4.75
CA HIS H 107 -53.66 -20.91 -6.07
C HIS H 107 -53.35 -21.98 -7.08
N VAL H 108 -53.78 -21.78 -8.33
CA VAL H 108 -53.45 -22.71 -9.40
C VAL H 108 -51.92 -22.65 -9.62
N GLY H 109 -51.23 -23.78 -9.43
CA GLY H 109 -49.77 -23.81 -9.61
C GLY H 109 -49.01 -23.33 -8.39
N ASP H 110 -49.59 -23.54 -7.21
CA ASP H 110 -48.83 -23.44 -5.99
C ASP H 110 -48.17 -24.79 -5.88
N LEU H 111 -46.93 -24.87 -6.35
CA LEU H 111 -46.22 -26.14 -6.42
C LEU H 111 -45.38 -26.36 -5.17
N GLY H 112 -45.58 -25.49 -4.18
CA GLY H 112 -44.93 -25.63 -2.88
C GLY H 112 -43.52 -25.08 -2.86
N ASN H 113 -42.60 -25.97 -2.48
CA ASN H 113 -41.20 -25.65 -2.28
C ASN H 113 -40.36 -26.69 -3.00
N VAL H 114 -39.37 -26.22 -3.75
CA VAL H 114 -38.32 -27.12 -4.22
C VAL H 114 -37.20 -27.16 -3.16
N THR H 115 -36.44 -28.24 -3.19
CA THR H 115 -35.35 -28.46 -2.25
C THR H 115 -34.03 -28.59 -2.96
N ALA H 116 -33.14 -27.60 -2.73
CA ALA H 116 -31.80 -27.72 -3.27
C ALA H 116 -30.89 -28.47 -2.31
N ASP H 117 -30.13 -29.41 -2.86
CA ASP H 117 -29.15 -30.18 -2.11
C ASP H 117 -27.85 -29.35 -1.82
N LYS H 118 -26.86 -29.96 -1.17
CA LYS H 118 -25.62 -29.24 -0.80
C LYS H 118 -24.85 -28.66 -2.03
N ASP H 119 -25.08 -29.24 -3.21
CA ASP H 119 -24.49 -28.74 -4.46
C ASP H 119 -25.33 -27.68 -5.16
N GLY H 120 -26.41 -27.26 -4.50
CA GLY H 120 -27.33 -26.23 -5.00
C GLY H 120 -28.20 -26.67 -6.17
N VAL H 121 -28.43 -27.97 -6.27
CA VAL H 121 -29.24 -28.53 -7.33
C VAL H 121 -30.56 -29.02 -6.73
N ALA H 122 -31.67 -28.55 -7.28
CA ALA H 122 -32.97 -29.05 -6.87
C ALA H 122 -33.54 -29.96 -7.94
N ASP H 123 -33.72 -31.23 -7.63
CA ASP H 123 -34.40 -32.14 -8.55
C ASP H 123 -35.91 -32.11 -8.32
N VAL H 124 -36.65 -31.90 -9.40
CA VAL H 124 -38.10 -31.71 -9.28
C VAL H 124 -38.77 -32.93 -9.90
N SER H 125 -39.66 -33.53 -9.13
CA SER H 125 -40.53 -34.59 -9.61
C SER H 125 -41.84 -34.45 -8.85
N ILE H 126 -42.79 -33.74 -9.43
CA ILE H 126 -44.02 -33.41 -8.75
C ILE H 126 -45.19 -34.02 -9.51
N GLU H 127 -46.36 -34.08 -8.87
CA GLU H 127 -47.58 -34.33 -9.59
C GLU H 127 -48.66 -33.43 -9.03
N ASP H 128 -49.33 -32.70 -9.92
CA ASP H 128 -50.28 -31.70 -9.46
C ASP H 128 -51.63 -31.92 -10.11
N SER H 129 -52.69 -31.82 -9.30
CA SER H 129 -54.06 -32.04 -9.79
C SER H 129 -54.76 -30.75 -10.15
N VAL H 130 -54.12 -29.61 -9.87
CA VAL H 130 -54.83 -28.32 -9.99
C VAL H 130 -54.47 -27.55 -11.27
N ILE H 131 -53.20 -27.59 -11.66
CA ILE H 131 -52.76 -26.97 -12.91
C ILE H 131 -53.27 -27.80 -14.08
N SER H 132 -53.48 -27.16 -15.22
CA SER H 132 -53.72 -27.88 -16.44
C SER H 132 -53.02 -27.22 -17.61
N LEU H 133 -52.75 -28.02 -18.63
CA LEU H 133 -52.20 -27.53 -19.87
C LEU H 133 -53.32 -27.16 -20.85
N SER H 134 -54.51 -26.90 -20.31
CA SER H 134 -55.71 -26.74 -21.12
C SER H 134 -56.80 -26.22 -20.24
N GLY H 135 -57.88 -25.78 -20.88
CA GLY H 135 -59.06 -25.36 -20.16
C GLY H 135 -58.79 -24.23 -19.19
N ASP H 136 -59.59 -24.18 -18.12
CA ASP H 136 -59.64 -23.04 -17.21
C ASP H 136 -58.35 -22.83 -16.39
N HIS H 137 -57.68 -23.92 -16.05
CA HIS H 137 -56.46 -23.87 -15.22
C HIS H 137 -55.18 -23.98 -16.05
N CYS H 138 -55.26 -23.43 -17.27
CA CYS H 138 -54.18 -23.51 -18.23
C CYS H 138 -53.00 -22.65 -17.76
N ILE H 139 -51.82 -23.27 -17.65
CA ILE H 139 -50.62 -22.51 -17.28
C ILE H 139 -49.69 -22.15 -18.47
N ILE H 140 -50.01 -22.67 -19.66
CA ILE H 140 -49.35 -22.23 -20.92
C ILE H 140 -49.39 -20.71 -21.13
N GLY H 141 -48.24 -20.11 -21.41
CA GLY H 141 -48.16 -18.64 -21.58
C GLY H 141 -48.07 -17.88 -20.26
N ARG H 142 -48.06 -18.58 -19.13
CA ARG H 142 -47.82 -17.93 -17.83
C ARG H 142 -46.33 -18.07 -17.47
N THR H 143 -45.92 -17.64 -16.27
CA THR H 143 -44.50 -17.67 -15.85
C THR H 143 -44.32 -18.61 -14.65
N LEU H 144 -43.34 -19.50 -14.73
CA LEU H 144 -42.90 -20.29 -13.60
C LEU H 144 -41.77 -19.50 -12.93
N VAL H 145 -41.87 -19.30 -11.61
CA VAL H 145 -40.88 -18.52 -10.85
C VAL H 145 -40.29 -19.36 -9.73
N VAL H 146 -38.96 -19.35 -9.61
CA VAL H 146 -38.33 -19.87 -8.38
C VAL H 146 -37.89 -18.72 -7.47
N HIS H 147 -38.29 -18.82 -6.20
CA HIS H 147 -38.19 -17.75 -5.20
C HIS H 147 -37.00 -17.92 -4.26
N GLU H 148 -36.45 -16.80 -3.79
CA GLU H 148 -35.36 -16.78 -2.82
C GLU H 148 -35.74 -17.55 -1.55
N LYS H 149 -36.85 -17.16 -0.94
CA LYS H 149 -37.26 -17.70 0.34
C LYS H 149 -38.16 -18.91 0.19
N ALA H 150 -38.10 -19.80 1.18
CA ALA H 150 -39.08 -20.86 1.34
C ALA H 150 -40.52 -20.32 1.44
N ASP H 151 -41.46 -21.10 0.96
CA ASP H 151 -42.86 -20.93 1.28
C ASP H 151 -43.04 -21.57 2.65
N ASP H 152 -43.68 -20.88 3.57
CA ASP H 152 -44.00 -21.48 4.90
C ASP H 152 -45.39 -22.12 4.98
N SER H 169 -37.36 -12.31 -2.96
CA SER H 169 -37.02 -11.93 -4.32
C SER H 169 -37.07 -13.10 -5.32
N ARG H 170 -37.23 -12.76 -6.59
CA ARG H 170 -37.46 -13.79 -7.60
C ARG H 170 -36.13 -14.15 -8.28
N LEU H 171 -35.68 -15.38 -8.08
CA LEU H 171 -34.37 -15.77 -8.56
C LEU H 171 -34.30 -16.10 -10.05
N ALA H 172 -35.30 -16.80 -10.58
CA ALA H 172 -35.32 -17.20 -11.98
C ALA H 172 -36.75 -17.46 -12.39
N CYS H 173 -37.00 -17.33 -13.68
CA CYS H 173 -38.34 -17.46 -14.21
C CYS H 173 -38.26 -17.75 -15.70
N GLY H 174 -39.34 -18.27 -16.26
CA GLY H 174 -39.46 -18.39 -17.70
C GLY H 174 -40.91 -18.60 -18.08
N VAL H 175 -41.22 -18.39 -19.34
CA VAL H 175 -42.58 -18.54 -19.86
C VAL H 175 -42.78 -20.00 -20.14
N ILE H 176 -43.90 -20.53 -19.67
CA ILE H 176 -44.29 -21.91 -19.92
C ILE H 176 -44.77 -22.05 -21.35
N GLY H 177 -44.10 -22.90 -22.12
CA GLY H 177 -44.30 -22.99 -23.56
C GLY H 177 -44.82 -24.36 -23.95
N ILE H 178 -45.51 -24.43 -25.08
CA ILE H 178 -45.96 -25.73 -25.63
C ILE H 178 -44.77 -26.54 -26.16
N ALA H 179 -44.66 -27.79 -25.72
CA ALA H 179 -43.56 -28.65 -26.13
C ALA H 179 -44.06 -29.77 -27.07
N GLN H 180 -43.17 -30.34 -27.86
CA GLN H 180 -43.50 -31.46 -28.75
C GLN H 180 -43.84 -32.71 -27.93
N THR I 29 11.42 34.23 27.64
CA THR I 29 12.30 33.35 26.80
C THR I 29 13.73 33.92 26.63
N LYS I 30 14.72 33.04 26.71
CA LYS I 30 16.12 33.46 26.74
C LYS I 30 16.99 32.57 25.85
N ALA I 31 18.09 33.13 25.35
CA ALA I 31 19.06 32.38 24.54
C ALA I 31 20.46 32.84 24.89
N VAL I 32 21.47 32.08 24.42
CA VAL I 32 22.86 32.38 24.72
C VAL I 32 23.75 31.82 23.61
N CYS I 33 24.96 32.38 23.47
CA CYS I 33 25.89 32.08 22.39
C CYS I 33 27.33 32.23 22.89
N VAL I 34 28.09 31.13 22.80
CA VAL I 34 29.54 31.15 23.07
C VAL I 34 30.29 31.35 21.75
N LEU I 35 31.02 32.46 21.64
CA LEU I 35 31.71 32.79 20.40
C LEU I 35 33.13 32.33 20.47
N LYS I 36 33.57 31.55 19.48
CA LYS I 36 34.96 31.12 19.37
C LYS I 36 35.40 31.22 17.93
N GLY I 37 36.70 31.36 17.72
CA GLY I 37 37.28 31.47 16.37
C GLY I 37 38.59 30.70 16.24
N ASP I 38 39.35 31.00 15.17
CA ASP I 38 40.71 30.48 14.96
C ASP I 38 41.79 31.32 15.63
N GLY I 39 41.42 32.50 16.10
CA GLY I 39 42.36 33.44 16.68
C GLY I 39 42.04 33.71 18.13
N PRO I 40 42.53 34.85 18.66
CA PRO I 40 42.33 35.27 20.07
C PRO I 40 40.88 35.65 20.44
N VAL I 41 40.03 35.89 19.44
CA VAL I 41 38.69 36.42 19.71
C VAL I 41 37.72 35.42 20.34
N GLN I 42 37.12 35.80 21.46
CA GLN I 42 36.08 34.95 22.10
C GLN I 42 35.15 35.72 23.02
N GLY I 43 33.95 35.20 23.24
CA GLY I 43 33.07 35.80 24.23
C GLY I 43 31.76 35.08 24.42
N ILE I 44 30.90 35.66 25.24
CA ILE I 44 29.59 35.11 25.54
C ILE I 44 28.52 36.18 25.30
N ILE I 45 27.48 35.85 24.54
CA ILE I 45 26.38 36.81 24.31
C ILE I 45 25.02 36.26 24.73
N ASN I 46 24.27 37.06 25.52
CA ASN I 46 22.93 36.68 25.95
C ASN I 46 21.84 37.34 25.16
N PHE I 47 20.70 36.66 25.11
CA PHE I 47 19.51 37.16 24.49
C PHE I 47 18.40 36.95 25.51
N GLU I 48 17.39 37.81 25.43
CA GLU I 48 16.29 37.82 26.39
C GLU I 48 15.15 38.54 25.74
N GLN I 49 14.01 37.88 25.65
CA GLN I 49 12.81 38.48 25.05
C GLN I 49 11.57 38.26 25.94
N LYS I 50 11.13 39.32 26.63
CA LYS I 50 9.99 39.20 27.57
C LYS I 50 8.66 38.89 26.87
N GLU I 51 8.24 39.73 25.94
CA GLU I 51 7.01 39.51 25.19
C GLU I 51 7.27 38.79 23.86
N SER I 52 6.26 38.06 23.39
CA SER I 52 6.33 37.16 22.23
C SER I 52 7.13 37.70 21.03
N ASN I 53 6.76 38.86 20.52
CA ASN I 53 7.69 39.67 19.73
C ASN I 53 7.72 41.10 20.22
N GLY I 54 8.21 41.25 21.45
CA GLY I 54 8.75 42.52 21.92
C GLY I 54 10.23 42.57 21.59
N PRO I 55 10.91 43.67 21.93
CA PRO I 55 12.33 43.78 21.64
C PRO I 55 13.11 42.62 22.25
N VAL I 56 14.31 42.39 21.73
CA VAL I 56 15.17 41.38 22.29
C VAL I 56 16.34 42.17 22.83
N LYS I 57 16.74 41.88 24.06
CA LYS I 57 17.93 42.50 24.61
C LYS I 57 19.06 41.56 24.30
N VAL I 58 20.19 42.14 23.91
CA VAL I 58 21.39 41.39 23.57
C VAL I 58 22.57 41.98 24.32
N TRP I 59 23.19 41.21 25.19
CA TRP I 59 24.31 41.70 25.99
C TRP I 59 25.31 40.64 26.34
N GLY I 60 26.56 41.04 26.47
CA GLY I 60 27.56 40.17 27.06
C GLY I 60 28.87 40.82 26.76
N SER I 61 29.92 40.02 26.72
CA SER I 61 31.25 40.54 26.51
C SER I 61 32.01 39.70 25.47
N ILE I 62 32.79 40.37 24.64
CA ILE I 62 33.68 39.69 23.70
C ILE I 62 35.08 40.20 23.98
N LYS I 63 36.02 39.28 24.17
CA LYS I 63 37.41 39.62 24.48
C LYS I 63 38.30 39.32 23.28
N GLY I 64 39.41 40.06 23.15
CA GLY I 64 40.48 39.74 22.21
C GLY I 64 40.41 40.42 20.85
N LEU I 65 39.53 41.41 20.72
CA LEU I 65 39.37 42.17 19.46
C LEU I 65 40.38 43.32 19.30
N THR I 66 40.59 43.79 18.07
CA THR I 66 41.25 45.10 17.87
C THR I 66 40.29 46.23 18.28
N GLU I 67 40.85 47.26 18.91
CA GLU I 67 40.10 48.43 19.32
C GLU I 67 39.27 49.05 18.19
N GLY I 68 38.01 49.34 18.48
CA GLY I 68 37.16 50.03 17.51
C GLY I 68 35.96 49.19 17.12
N LEU I 69 35.39 49.51 15.95
CA LEU I 69 34.11 48.97 15.51
C LEU I 69 34.25 47.63 14.79
N HIS I 70 33.36 46.69 15.13
CA HIS I 70 33.32 45.36 14.48
C HIS I 70 31.90 44.99 14.11
N GLY I 71 31.67 44.58 12.85
CA GLY I 71 30.35 44.04 12.47
C GLY I 71 29.90 42.92 13.41
N PHE I 72 28.60 42.81 13.61
CA PHE I 72 28.01 41.92 14.61
C PHE I 72 26.71 41.47 13.99
N HIS I 73 26.64 40.20 13.56
CA HIS I 73 25.50 39.76 12.74
C HIS I 73 25.01 38.38 13.09
N VAL I 74 23.74 38.13 12.82
CA VAL I 74 23.20 36.78 12.90
C VAL I 74 23.21 36.28 11.46
N HIS I 75 23.94 35.20 11.25
CA HIS I 75 24.00 34.56 9.95
C HIS I 75 23.02 33.38 9.87
N GLU I 76 22.72 32.92 8.65
CA GLU I 76 21.56 32.06 8.41
C GLU I 76 21.60 30.68 9.08
N PHE I 77 22.76 30.03 9.04
CA PHE I 77 22.82 28.62 9.44
C PHE I 77 23.64 28.41 10.70
N GLY I 78 23.12 27.53 11.57
CA GLY I 78 23.82 27.14 12.80
C GLY I 78 24.81 26.00 12.53
N ASP I 79 25.63 26.23 11.50
CA ASP I 79 26.54 25.23 10.96
C ASP I 79 27.98 25.69 11.10
N ASN I 80 28.67 25.07 12.03
CA ASN I 80 30.02 25.37 12.31
C ASN I 80 30.97 24.27 11.78
N THR I 81 30.48 23.42 10.87
CA THR I 81 31.34 22.30 10.34
C THR I 81 32.63 22.76 9.65
N ALA I 82 32.59 23.88 8.93
CA ALA I 82 33.81 24.47 8.38
C ALA I 82 34.14 25.79 9.11
N GLY I 83 34.07 25.80 10.45
CA GLY I 83 34.12 27.04 11.20
C GLY I 83 33.02 28.05 10.82
N CYS I 84 33.37 29.33 10.90
CA CYS I 84 32.40 30.42 10.70
C CYS I 84 31.90 30.52 9.26
N THR I 85 32.73 30.06 8.32
CA THR I 85 32.34 30.02 6.91
C THR I 85 31.02 29.32 6.63
N SER I 86 30.75 28.20 7.31
CA SER I 86 29.51 27.44 7.00
C SER I 86 28.23 28.07 7.54
N ALA I 87 28.35 29.16 8.29
CA ALA I 87 27.15 29.86 8.78
C ALA I 87 26.33 30.55 7.67
N GLY I 88 26.91 30.67 6.47
CA GLY I 88 26.15 31.21 5.33
C GLY I 88 26.08 32.73 5.44
N PRO I 89 25.12 33.36 4.73
CA PRO I 89 25.02 34.83 4.70
C PRO I 89 24.31 35.42 5.94
N HIS I 90 24.23 36.74 6.04
CA HIS I 90 23.42 37.37 7.09
C HIS I 90 22.00 36.82 6.98
N PHE I 91 21.37 36.54 8.11
CA PHE I 91 20.03 36.00 8.09
C PHE I 91 19.06 37.03 7.49
N ASN I 92 18.43 36.66 6.36
CA ASN I 92 17.70 37.61 5.52
C ASN I 92 16.37 37.00 4.99
N PRO I 93 15.43 36.59 5.87
CA PRO I 93 14.21 35.94 5.33
C PRO I 93 13.33 36.81 4.42
N LEU I 94 13.37 38.13 4.58
CA LEU I 94 12.60 39.02 3.72
C LEU I 94 13.30 39.48 2.44
N SER I 95 14.52 38.99 2.19
CA SER I 95 15.28 39.35 0.98
C SER I 95 15.46 40.86 0.76
N ARG I 96 15.77 41.59 1.84
CA ARG I 96 16.04 43.04 1.76
C ARG I 96 17.54 43.26 1.59
N LYS I 97 17.94 44.52 1.50
CA LYS I 97 19.37 44.83 1.42
C LYS I 97 19.96 44.95 2.81
N HIS I 98 21.29 44.98 2.86
CA HIS I 98 21.99 45.17 4.10
C HIS I 98 21.82 46.62 4.61
N GLY I 99 21.48 46.76 5.89
CA GLY I 99 21.51 48.09 6.53
C GLY I 99 21.99 48.07 7.97
N GLY I 100 21.84 49.22 8.62
CA GLY I 100 22.08 49.34 10.05
C GLY I 100 20.85 48.89 10.81
N PRO I 101 21.00 48.57 12.10
CA PRO I 101 19.83 48.05 12.83
C PRO I 101 18.67 49.05 12.91
N LYS I 102 18.98 50.35 12.90
CA LYS I 102 17.93 51.39 13.00
C LYS I 102 17.22 51.64 11.69
N ASP I 103 17.81 51.16 10.58
CA ASP I 103 17.20 51.32 9.25
C ASP I 103 15.97 50.44 9.05
N GLU I 104 15.02 50.92 8.24
CA GLU I 104 13.90 50.10 7.85
C GLU I 104 14.36 49.07 6.83
N GLU I 105 15.27 49.49 5.94
CA GLU I 105 15.87 48.56 4.97
C GLU I 105 17.09 47.88 5.59
N ARG I 106 16.91 46.62 6.01
CA ARG I 106 17.96 45.82 6.66
C ARG I 106 17.70 44.31 6.53
N HIS I 107 18.75 43.51 6.78
CA HIS I 107 18.59 42.09 7.00
C HIS I 107 18.09 41.92 8.43
N VAL I 108 17.30 40.86 8.66
CA VAL I 108 16.88 40.50 10.02
C VAL I 108 18.10 40.41 10.93
N GLY I 109 19.18 39.86 10.41
CA GLY I 109 20.42 39.69 11.20
C GLY I 109 21.35 40.89 11.36
N ASP I 110 20.95 42.06 10.86
CA ASP I 110 21.80 43.25 10.92
C ASP I 110 21.77 43.95 12.27
N LEU I 111 22.68 43.59 13.15
CA LEU I 111 22.72 44.18 14.48
C LEU I 111 23.82 45.25 14.63
N GLY I 112 24.38 45.69 13.52
CA GLY I 112 25.37 46.77 13.55
C GLY I 112 26.75 46.40 13.96
N ASN I 113 27.31 47.25 14.82
CA ASN I 113 28.68 47.15 15.24
C ASN I 113 28.72 46.95 16.73
N VAL I 114 29.79 46.31 17.17
CA VAL I 114 30.15 46.34 18.57
C VAL I 114 31.49 47.06 18.64
N THR I 115 31.80 47.63 19.79
CA THR I 115 32.97 48.48 19.95
C THR I 115 33.87 47.81 20.95
N ALA I 116 35.11 47.53 20.53
CA ALA I 116 36.16 47.07 21.43
C ALA I 116 36.93 48.26 22.02
N ASP I 117 37.04 48.28 23.35
CA ASP I 117 37.87 49.28 24.04
C ASP I 117 39.36 49.05 23.79
N LYS I 118 40.22 49.88 24.35
CA LYS I 118 41.65 49.82 24.03
C LYS I 118 42.32 48.54 24.54
N ASP I 119 41.66 47.86 25.47
CA ASP I 119 42.09 46.52 25.85
C ASP I 119 41.46 45.36 25.05
N GLY I 120 40.62 45.69 24.07
CA GLY I 120 40.09 44.65 23.17
C GLY I 120 38.84 43.96 23.68
N VAL I 121 38.22 44.53 24.70
CA VAL I 121 36.94 44.03 25.20
C VAL I 121 35.81 44.87 24.62
N ALA I 122 34.81 44.18 24.08
CA ALA I 122 33.59 44.79 23.65
C ALA I 122 32.56 44.34 24.65
N ASP I 123 32.07 45.29 25.46
CA ASP I 123 30.92 45.02 26.26
C ASP I 123 29.74 45.36 25.41
N VAL I 124 28.97 44.35 25.04
CA VAL I 124 27.86 44.55 24.15
C VAL I 124 26.57 44.78 24.92
N SER I 125 25.81 45.79 24.51
N SER I 125 25.77 45.75 24.48
CA SER I 125 24.45 45.93 24.96
CA SER I 125 24.42 45.96 25.01
C SER I 125 23.71 46.47 23.78
C SER I 125 23.53 46.59 23.96
N ILE I 126 22.66 45.77 23.38
CA ILE I 126 21.91 46.14 22.22
C ILE I 126 20.45 45.80 22.50
N GLU I 127 19.55 46.55 21.91
CA GLU I 127 18.16 46.21 21.96
C GLU I 127 17.66 46.18 20.53
N ASP I 128 16.96 45.12 20.15
CA ASP I 128 16.51 44.98 18.78
C ASP I 128 15.10 44.43 18.69
N SER I 129 14.35 44.93 17.74
CA SER I 129 12.93 44.59 17.60
C SER I 129 12.58 43.87 16.30
N VAL I 130 13.62 43.53 15.53
CA VAL I 130 13.43 42.78 14.30
C VAL I 130 13.84 41.32 14.53
N ILE I 131 14.95 41.07 15.21
CA ILE I 131 15.26 39.70 15.57
C ILE I 131 14.21 39.20 16.54
N SER I 132 14.14 37.88 16.70
CA SER I 132 13.17 37.26 17.60
C SER I 132 13.70 35.96 18.16
N LEU I 133 13.23 35.60 19.36
CA LEU I 133 13.50 34.26 19.90
C LEU I 133 12.40 33.22 19.54
N SER I 134 11.37 33.64 18.80
CA SER I 134 10.44 32.69 18.18
C SER I 134 9.95 33.16 16.81
N GLY I 135 9.04 32.41 16.19
CA GLY I 135 8.31 32.86 15.00
C GLY I 135 9.11 32.91 13.70
N ASP I 136 8.61 33.67 12.72
CA ASP I 136 9.24 33.81 11.39
C ASP I 136 10.71 34.29 11.43
N HIS I 137 11.02 35.13 12.42
CA HIS I 137 12.33 35.80 12.52
C HIS I 137 13.15 35.19 13.65
N CYS I 138 12.84 33.94 13.97
CA CYS I 138 13.52 33.26 15.04
C CYS I 138 15.01 33.04 14.72
N ILE I 139 15.87 33.29 15.71
CA ILE I 139 17.33 33.20 15.47
C ILE I 139 17.94 32.09 16.31
N ILE I 140 17.10 31.43 17.10
CA ILE I 140 17.55 30.23 17.82
C ILE I 140 18.05 29.22 16.79
N GLY I 141 19.23 28.67 17.02
CA GLY I 141 19.79 27.64 16.14
C GLY I 141 20.55 28.23 14.95
N ARG I 142 20.57 29.57 14.88
CA ARG I 142 21.38 30.25 13.87
C ARG I 142 22.72 30.65 14.46
N THR I 143 23.53 31.37 13.68
CA THR I 143 24.90 31.68 14.09
C THR I 143 25.13 33.20 14.31
N LEU I 144 25.65 33.57 15.47
CA LEU I 144 26.07 34.95 15.68
C LEU I 144 27.53 35.05 15.30
N VAL I 145 27.89 36.10 14.54
CA VAL I 145 29.27 36.30 14.09
C VAL I 145 29.79 37.71 14.40
N VAL I 146 31.00 37.79 14.92
CA VAL I 146 31.71 39.04 15.06
C VAL I 146 32.75 39.15 13.97
N HIS I 147 32.75 40.28 13.28
CA HIS I 147 33.59 40.47 12.08
C HIS I 147 34.86 41.28 12.31
N GLU I 148 35.71 41.26 11.30
CA GLU I 148 37.05 41.79 11.34
C GLU I 148 37.07 43.32 11.32
N LYS I 149 36.21 43.90 10.47
CA LYS I 149 36.11 45.38 10.28
C LYS I 149 34.75 45.94 10.70
N ALA I 150 34.63 47.27 10.67
CA ALA I 150 33.36 47.94 10.93
C ALA I 150 32.36 47.59 9.83
N ASP I 151 31.12 47.33 10.23
CA ASP I 151 30.00 47.34 9.32
C ASP I 151 29.72 48.79 8.90
N ASP I 152 29.68 49.07 7.60
CA ASP I 152 29.40 50.45 7.14
C ASP I 152 27.89 50.75 7.03
N LEU I 153 27.08 49.78 7.45
CA LEU I 153 25.62 49.93 7.61
C LEU I 153 24.93 50.25 6.30
N GLY I 154 25.55 49.79 5.21
CA GLY I 154 24.96 50.00 3.89
C GLY I 154 25.27 51.36 3.28
N LYS I 155 26.18 52.10 3.88
CA LYS I 155 26.43 53.45 3.38
C LYS I 155 27.76 53.56 2.65
N GLY I 156 28.33 52.42 2.31
CA GLY I 156 29.65 52.34 1.69
C GLY I 156 29.73 52.77 0.23
N GLY I 157 28.60 52.77 -0.49
CA GLY I 157 28.57 53.24 -1.88
C GLY I 157 29.06 52.22 -2.92
N ASN I 158 29.47 51.06 -2.45
CA ASN I 158 29.83 49.99 -3.38
C ASN I 158 28.82 48.84 -3.27
N GLU I 159 28.93 47.87 -4.19
CA GLU I 159 27.99 46.77 -4.23
C GLU I 159 27.97 45.97 -2.92
N GLU I 160 29.16 45.75 -2.36
CA GLU I 160 29.38 44.96 -1.15
C GLU I 160 28.70 45.58 0.09
N SER I 161 28.64 46.92 0.15
CA SER I 161 27.99 47.60 1.27
C SER I 161 26.56 47.11 1.51
N THR I 162 25.80 46.95 0.42
CA THR I 162 24.40 46.48 0.46
C THR I 162 24.20 44.96 0.70
N LYS I 163 25.29 44.22 0.82
CA LYS I 163 25.24 42.78 1.07
C LYS I 163 25.78 42.46 2.44
N THR I 164 26.99 42.94 2.74
CA THR I 164 27.67 42.60 4.00
C THR I 164 28.18 43.80 4.83
N GLY I 165 27.98 45.02 4.34
CA GLY I 165 28.47 46.23 5.00
C GLY I 165 29.98 46.37 5.00
N ASN I 166 30.66 45.59 4.14
CA ASN I 166 32.14 45.60 4.06
C ASN I 166 32.81 45.22 5.39
N ALA I 167 32.15 44.39 6.19
CA ALA I 167 32.66 44.09 7.53
C ALA I 167 33.84 43.10 7.49
N GLY I 168 34.08 42.49 6.33
CA GLY I 168 35.25 41.63 6.13
C GLY I 168 35.11 40.27 6.81
N SER I 169 36.23 39.66 7.19
CA SER I 169 36.20 38.26 7.64
C SER I 169 35.55 37.99 9.02
N ARG I 170 35.35 36.72 9.30
CA ARG I 170 34.59 36.25 10.47
C ARG I 170 35.63 35.86 11.51
N LEU I 171 35.66 36.59 12.62
CA LEU I 171 36.67 36.33 13.63
C LEU I 171 36.25 35.29 14.64
N ALA I 172 34.98 35.28 15.02
CA ALA I 172 34.49 34.28 15.98
C ALA I 172 33.03 34.11 15.77
N CYS I 173 32.51 32.95 16.16
CA CYS I 173 31.09 32.67 15.99
C CYS I 173 30.65 31.58 16.95
N GLY I 174 29.35 31.39 17.04
CA GLY I 174 28.82 30.29 17.83
C GLY I 174 27.38 30.18 17.49
N VAL I 175 26.79 29.01 17.78
CA VAL I 175 25.36 28.77 17.54
C VAL I 175 24.50 29.33 18.70
N ILE I 176 23.35 29.92 18.35
CA ILE I 176 22.48 30.57 19.32
C ILE I 176 21.57 29.52 19.93
N GLY I 177 21.83 29.20 21.20
CA GLY I 177 21.09 28.14 21.87
C GLY I 177 20.08 28.59 22.91
N ILE I 178 19.02 27.79 23.09
CA ILE I 178 18.01 28.04 24.14
C ILE I 178 18.66 28.00 25.52
N ALA I 179 18.35 29.00 26.35
CA ALA I 179 18.85 29.01 27.72
C ALA I 179 17.70 29.06 28.77
N GLN I 180 18.03 28.71 30.00
CA GLN I 180 17.05 28.88 31.07
C GLN I 180 17.14 30.28 31.66
N THR J 29 14.13 19.78 5.65
CA THR J 29 14.61 20.44 6.89
C THR J 29 15.79 19.64 7.47
N LYS J 30 16.83 20.38 7.84
CA LYS J 30 18.11 19.81 8.23
C LYS J 30 18.67 20.60 9.40
N ALA J 31 19.40 19.92 10.26
CA ALA J 31 20.13 20.52 11.35
C ALA J 31 21.49 19.82 11.41
N VAL J 32 22.41 20.39 12.18
CA VAL J 32 23.78 19.89 12.33
C VAL J 32 24.33 20.25 13.71
N CYS J 33 25.29 19.47 14.20
CA CYS J 33 25.88 19.67 15.52
C CYS J 33 27.34 19.26 15.47
N VAL J 34 28.23 20.16 15.89
CA VAL J 34 29.64 19.86 15.99
C VAL J 34 29.95 19.58 17.47
N LEU J 35 30.34 18.34 17.77
N LEU J 35 30.30 18.34 17.79
CA LEU J 35 30.61 17.92 19.14
CA LEU J 35 30.58 17.98 19.18
C LEU J 35 32.06 18.21 19.50
C LEU J 35 32.04 18.23 19.49
N LYS J 36 32.26 18.99 20.56
CA LYS J 36 33.60 19.26 21.09
C LYS J 36 33.55 19.03 22.60
N GLY J 37 34.67 18.63 23.18
CA GLY J 37 34.79 18.44 24.62
C GLY J 37 36.12 18.98 25.11
N ASP J 38 36.45 18.66 26.37
CA ASP J 38 37.73 19.05 26.95
C ASP J 38 38.87 18.17 26.48
N GLY J 39 38.57 16.88 26.29
CA GLY J 39 39.54 15.89 25.83
C GLY J 39 39.42 15.64 24.33
N PRO J 40 39.80 14.44 23.86
CA PRO J 40 39.95 14.24 22.40
C PRO J 40 38.67 13.86 21.63
N VAL J 41 37.54 13.73 22.33
CA VAL J 41 36.25 13.39 21.70
C VAL J 41 35.73 14.53 20.82
N GLN J 42 35.43 14.22 19.58
CA GLN J 42 34.89 15.20 18.62
C GLN J 42 34.07 14.52 17.53
N GLY J 43 33.09 15.24 16.99
CA GLY J 43 32.27 14.65 15.94
C GLY J 43 31.32 15.63 15.31
N ILE J 44 30.65 15.17 14.28
CA ILE J 44 29.72 15.97 13.54
C ILE J 44 28.52 15.08 13.35
N ILE J 45 27.38 15.55 13.83
CA ILE J 45 26.15 14.79 13.70
C ILE J 45 25.20 15.63 12.85
N ASN J 46 24.62 14.98 11.86
CA ASN J 46 23.60 15.53 10.99
C ASN J 46 22.18 15.06 11.37
N PHE J 47 21.18 15.91 11.08
CA PHE J 47 19.77 15.63 11.32
C PHE J 47 19.02 15.94 10.01
N GLU J 48 18.09 15.09 9.61
CA GLU J 48 17.25 15.37 8.45
C GLU J 48 15.81 14.94 8.73
N GLN J 49 14.87 15.80 8.38
CA GLN J 49 13.47 15.47 8.55
C GLN J 49 12.67 16.05 7.37
N LYS J 50 12.36 15.22 6.38
CA LYS J 50 11.69 15.68 5.15
C LYS J 50 10.26 16.16 5.46
N GLU J 51 9.53 15.38 6.25
CA GLU J 51 8.16 15.71 6.60
C GLU J 51 8.06 16.09 8.06
N SER J 52 7.30 17.16 8.34
CA SER J 52 7.00 17.55 9.72
C SER J 52 6.24 16.38 10.34
N ASN J 53 6.25 16.27 11.67
CA ASN J 53 5.65 15.10 12.32
C ASN J 53 6.40 13.78 12.05
N GLY J 54 7.00 13.66 10.86
CA GLY J 54 7.75 12.45 10.44
C GLY J 54 9.06 12.16 11.18
N PRO J 55 9.68 10.99 10.92
CA PRO J 55 10.86 10.61 11.72
C PRO J 55 12.10 11.46 11.39
N VAL J 56 13.02 11.58 12.35
CA VAL J 56 14.28 12.31 12.13
C VAL J 56 15.42 11.30 11.92
N LYS J 57 16.12 11.41 10.80
CA LYS J 57 17.36 10.63 10.54
C LYS J 57 18.52 11.36 11.19
N VAL J 58 19.27 10.65 12.04
CA VAL J 58 20.43 11.21 12.76
C VAL J 58 21.65 10.37 12.34
N TRP J 59 22.67 10.99 11.75
CA TRP J 59 23.86 10.25 11.32
C TRP J 59 25.10 11.10 11.33
N GLY J 60 26.22 10.44 11.54
CA GLY J 60 27.51 11.08 11.45
C GLY J 60 28.54 10.21 12.13
N SER J 61 29.54 10.85 12.72
CA SER J 61 30.65 10.13 13.28
C SER J 61 31.23 10.90 14.45
N ILE J 62 31.73 10.16 15.45
CA ILE J 62 32.39 10.75 16.61
C ILE J 62 33.67 9.94 16.82
N LYS J 63 34.78 10.63 16.99
CA LYS J 63 36.01 9.91 17.27
C LYS J 63 36.61 10.29 18.62
N GLY J 64 37.70 9.61 19.00
CA GLY J 64 38.41 9.88 20.24
C GLY J 64 37.76 9.22 21.44
N LEU J 65 36.83 8.30 21.19
CA LEU J 65 36.08 7.66 22.27
C LEU J 65 36.80 6.42 22.81
N THR J 66 36.57 6.09 24.07
CA THR J 66 36.91 4.77 24.59
C THR J 66 35.97 3.74 23.89
N GLU J 67 36.51 2.59 23.49
CA GLU J 67 35.69 1.52 22.87
C GLU J 67 34.46 1.12 23.70
N GLY J 68 33.35 0.90 23.02
CA GLY J 68 32.14 0.37 23.69
C GLY J 68 30.99 1.34 23.57
N LEU J 69 29.96 1.13 24.40
CA LEU J 69 28.74 1.92 24.34
C LEU J 69 28.88 3.28 25.05
N HIS J 70 28.35 4.33 24.45
CA HIS J 70 28.32 5.65 25.13
C HIS J 70 26.93 6.24 24.98
N GLY J 71 26.36 6.70 26.09
CA GLY J 71 25.09 7.42 26.07
C GLY J 71 25.11 8.62 25.13
N PHE J 72 23.98 8.83 24.49
CA PHE J 72 23.84 9.76 23.40
C PHE J 72 22.50 10.46 23.61
N HIS J 73 22.53 11.71 24.08
CA HIS J 73 21.26 12.39 24.43
C HIS J 73 21.15 13.85 24.00
N VAL J 74 19.92 14.28 23.75
CA VAL J 74 19.62 15.70 23.62
C VAL J 74 19.33 16.27 25.03
N HIS J 75 20.12 17.24 25.45
CA HIS J 75 19.89 17.94 26.71
C HIS J 75 19.07 19.24 26.48
N GLU J 76 18.44 19.76 27.53
CA GLU J 76 17.43 20.83 27.36
C GLU J 76 17.99 22.16 26.81
N PHE J 77 19.15 22.55 27.33
CA PHE J 77 19.69 23.89 27.04
C PHE J 77 20.86 23.96 26.03
N GLY J 78 20.71 24.87 25.05
CA GLY J 78 21.75 25.15 24.08
C GLY J 78 22.78 26.09 24.68
N ASP J 79 23.21 25.75 25.88
CA ASP J 79 24.04 26.60 26.69
C ASP J 79 25.38 25.92 26.96
N ASN J 80 26.44 26.48 26.38
CA ASN J 80 27.77 25.91 26.51
C ASN J 80 28.70 26.81 27.32
N THR J 81 28.11 27.71 28.11
CA THR J 81 28.94 28.72 28.80
C THR J 81 29.89 28.11 29.82
N ALA J 82 29.45 27.05 30.51
CA ALA J 82 30.31 26.29 31.41
C ALA J 82 30.56 24.88 30.84
N GLY J 83 30.93 24.82 29.56
CA GLY J 83 31.11 23.55 28.85
C GLY J 83 29.80 22.79 28.78
N CYS J 84 29.89 21.45 28.82
CA CYS J 84 28.69 20.59 28.70
C CYS J 84 27.74 20.62 29.92
N THR J 85 28.28 20.94 31.10
CA THR J 85 27.48 21.06 32.36
C THR J 85 26.25 21.97 32.25
N SER J 86 26.39 23.05 31.47
CA SER J 86 25.34 24.07 31.36
C SER J 86 24.21 23.66 30.43
N ALA J 87 24.38 22.52 29.73
CA ALA J 87 23.32 22.01 28.85
C ALA J 87 22.08 21.55 29.62
N GLY J 88 22.25 21.30 30.92
CA GLY J 88 21.13 20.91 31.79
C GLY J 88 20.87 19.41 31.70
N PRO J 89 19.63 18.98 32.02
CA PRO J 89 19.25 17.56 31.97
C PRO J 89 18.74 17.15 30.59
N HIS J 90 18.46 15.86 30.41
CA HIS J 90 17.90 15.36 29.15
C HIS J 90 16.66 16.17 28.77
N PHE J 91 16.52 16.56 27.49
CA PHE J 91 15.31 17.21 27.01
C PHE J 91 14.11 16.30 27.29
N ASN J 92 13.19 16.82 28.09
CA ASN J 92 12.10 16.03 28.66
C ASN J 92 10.88 16.95 28.81
N PRO J 93 10.35 17.46 27.69
CA PRO J 93 9.19 18.36 27.79
C PRO J 93 7.94 17.71 28.40
N LEU J 94 7.73 16.42 28.15
CA LEU J 94 6.52 15.70 28.61
C LEU J 94 6.66 15.05 30.00
N SER J 95 7.65 15.48 30.77
CA SER J 95 7.91 15.00 32.14
C SER J 95 7.64 13.50 32.35
N ARG J 96 8.31 12.67 31.55
CA ARG J 96 8.29 11.21 31.68
C ARG J 96 9.63 10.75 32.27
N LYS J 97 9.82 9.45 32.51
CA LYS J 97 11.10 8.93 33.04
C LYS J 97 12.09 8.55 31.91
N HIS J 98 13.36 8.40 32.26
CA HIS J 98 14.44 8.00 31.33
C HIS J 98 14.18 6.61 30.74
N GLY J 99 14.42 6.48 29.43
CA GLY J 99 14.25 5.18 28.75
C GLY J 99 15.18 5.03 27.57
N GLY J 100 15.04 3.92 26.86
CA GLY J 100 15.69 3.73 25.55
C GLY J 100 14.82 4.33 24.46
N PRO J 101 15.41 4.60 23.28
CA PRO J 101 14.66 5.21 22.16
C PRO J 101 13.43 4.40 21.72
N LYS J 102 13.42 3.11 22.06
CA LYS J 102 12.34 2.17 21.70
C LYS J 102 11.25 2.08 22.75
N ASP J 103 11.52 2.60 23.94
CA ASP J 103 10.54 2.60 25.04
C ASP J 103 9.43 3.63 24.84
N GLU J 104 8.22 3.24 25.24
CA GLU J 104 7.14 4.19 25.45
C GLU J 104 7.51 5.22 26.53
N GLU J 105 7.94 4.75 27.68
CA GLU J 105 8.41 5.64 28.76
C GLU J 105 9.89 6.05 28.55
N ARG J 106 10.09 7.21 27.91
CA ARG J 106 11.43 7.78 27.68
C ARG J 106 11.37 9.32 27.66
N HIS J 107 12.52 9.97 27.85
CA HIS J 107 12.63 11.41 27.59
C HIS J 107 12.64 11.64 26.08
N VAL J 108 12.22 12.85 25.66
CA VAL J 108 12.24 13.17 24.22
C VAL J 108 13.68 13.05 23.65
N GLY J 109 14.67 13.37 24.50
CA GLY J 109 16.07 13.38 24.07
C GLY J 109 16.83 12.07 24.23
N ASP J 110 16.11 11.00 24.56
CA ASP J 110 16.69 9.67 24.82
C ASP J 110 17.00 8.93 23.52
N LEU J 111 18.22 9.10 23.05
CA LEU J 111 18.63 8.52 21.78
C LEU J 111 19.50 7.25 21.98
N GLY J 112 19.49 6.70 23.20
CA GLY J 112 20.19 5.45 23.51
C GLY J 112 21.71 5.53 23.54
N ASN J 113 22.34 4.48 23.01
CA ASN J 113 23.80 4.38 22.95
C ASN J 113 24.36 4.46 21.55
N VAL J 114 25.58 5.01 21.44
CA VAL J 114 26.34 4.86 20.20
C VAL J 114 27.48 3.97 20.59
N THR J 115 28.02 3.21 19.64
CA THR J 115 29.06 2.22 19.93
C THR J 115 30.36 2.60 19.22
N ALA J 116 31.40 2.90 19.99
CA ALA J 116 32.71 3.20 19.40
C ALA J 116 33.43 1.89 19.16
N ASP J 117 34.09 1.80 18.00
CA ASP J 117 34.90 0.62 17.70
C ASP J 117 36.26 0.66 18.43
N LYS J 118 37.09 -0.37 18.20
CA LYS J 118 38.45 -0.48 18.79
C LYS J 118 39.31 0.75 18.57
N ASP J 119 39.04 1.50 17.49
CA ASP J 119 39.86 2.68 17.17
C ASP J 119 39.26 3.96 17.75
N GLY J 120 38.16 3.80 18.51
CA GLY J 120 37.51 4.91 19.19
C GLY J 120 36.57 5.71 18.34
N VAL J 121 36.20 5.13 17.19
CA VAL J 121 35.29 5.78 16.26
C VAL J 121 33.91 5.18 16.40
N ALA J 122 32.91 6.03 16.62
CA ALA J 122 31.52 5.62 16.57
C ALA J 122 30.83 6.19 15.33
N ASP J 123 30.39 5.32 14.43
N ASP J 123 30.42 5.28 14.44
CA ASP J 123 29.59 5.78 13.28
CA ASP J 123 29.52 5.63 13.36
C ASP J 123 28.08 5.69 13.57
C ASP J 123 28.10 5.75 13.94
N VAL J 124 27.44 6.86 13.66
CA VAL J 124 26.09 7.00 14.14
C VAL J 124 25.11 6.92 12.98
N SER J 125 24.08 6.13 13.16
CA SER J 125 23.00 6.04 12.17
C SER J 125 21.77 5.62 12.95
N ILE J 126 20.87 6.59 13.14
CA ILE J 126 19.69 6.41 14.00
C ILE J 126 18.48 6.95 13.24
N GLU J 127 17.31 6.36 13.46
CA GLU J 127 16.07 7.01 13.02
C GLU J 127 15.22 7.16 14.27
N ASP J 128 14.64 8.34 14.48
CA ASP J 128 13.85 8.59 15.69
C ASP J 128 12.59 9.39 15.36
N SER J 129 11.47 9.01 15.96
CA SER J 129 10.19 9.61 15.59
C SER J 129 9.60 10.42 16.75
N VAL J 130 10.38 10.48 17.84
CA VAL J 130 10.01 11.23 19.04
C VAL J 130 10.63 12.62 19.00
N ILE J 131 11.94 12.70 18.71
CA ILE J 131 12.59 14.00 18.40
C ILE J 131 12.03 14.64 17.14
N SER J 132 12.17 15.96 17.05
CA SER J 132 11.66 16.72 15.93
C SER J 132 12.51 17.97 15.68
N LEU J 133 12.47 18.44 14.44
CA LEU J 133 13.13 19.70 14.06
C LEU J 133 12.14 20.87 13.99
N SER J 134 10.94 20.65 14.51
CA SER J 134 9.93 21.71 14.63
C SER J 134 8.87 21.31 15.66
N GLY J 135 8.12 22.29 16.16
CA GLY J 135 7.04 22.04 17.12
C GLY J 135 7.53 21.90 18.55
N ASP J 136 6.68 21.35 19.42
CA ASP J 136 6.97 21.15 20.85
C ASP J 136 8.21 20.32 21.15
N HIS J 137 8.46 19.31 20.31
CA HIS J 137 9.55 18.37 20.52
C HIS J 137 10.86 18.85 19.84
N CYS J 138 10.81 20.06 19.26
CA CYS J 138 11.94 20.65 18.54
C CYS J 138 13.27 20.60 19.32
N ILE J 139 14.32 20.12 18.67
CA ILE J 139 15.64 20.04 19.33
C ILE J 139 16.66 21.08 18.80
N ILE J 140 16.23 21.90 17.85
CA ILE J 140 17.06 23.01 17.33
C ILE J 140 17.33 23.95 18.50
N GLY J 141 18.58 24.32 18.70
CA GLY J 141 18.94 25.23 19.78
C GLY J 141 19.19 24.56 21.12
N ARG J 142 19.06 23.23 21.15
CA ARG J 142 19.39 22.42 22.32
C ARG J 142 20.73 21.75 22.14
N THR J 143 21.17 20.95 23.12
CA THR J 143 22.53 20.45 23.11
C THR J 143 22.58 18.94 22.98
N LEU J 144 23.33 18.47 21.98
CA LEU J 144 23.62 17.04 21.86
C LEU J 144 24.89 16.71 22.64
N VAL J 145 24.78 15.70 23.51
CA VAL J 145 25.89 15.30 24.37
C VAL J 145 26.18 13.81 24.21
N VAL J 146 27.45 13.46 24.11
CA VAL J 146 27.86 12.05 24.13
C VAL J 146 28.52 11.81 25.51
N HIS J 147 28.04 10.80 26.22
CA HIS J 147 28.48 10.54 27.60
C HIS J 147 29.60 9.52 27.68
N GLU J 148 30.23 9.50 28.84
CA GLU J 148 31.39 8.68 29.15
C GLU J 148 31.16 7.16 29.17
N LYS J 149 29.98 6.73 29.58
CA LYS J 149 29.65 5.28 29.68
C LYS J 149 28.35 4.96 29.00
N ALA J 150 27.97 3.69 29.10
CA ALA J 150 26.72 3.20 28.51
C ALA J 150 25.48 3.71 29.26
N ASP J 151 24.49 4.14 28.50
CA ASP J 151 23.14 4.39 29.00
C ASP J 151 22.49 3.02 29.30
N ASP J 152 22.05 2.79 30.55
CA ASP J 152 21.42 1.49 30.90
C ASP J 152 19.98 1.40 30.44
N LEU J 153 19.54 2.44 29.74
CA LEU J 153 18.21 2.52 29.12
C LEU J 153 17.06 2.61 30.17
N GLY J 154 17.42 3.08 31.37
CA GLY J 154 16.47 3.19 32.47
C GLY J 154 16.11 1.84 33.08
N LYS J 155 16.98 0.85 32.87
CA LYS J 155 16.73 -0.52 33.30
C LYS J 155 17.88 -1.05 34.20
N GLY J 156 18.51 -0.12 34.92
CA GLY J 156 19.64 -0.44 35.78
C GLY J 156 19.28 -0.74 37.24
N GLY J 157 18.02 -0.48 37.62
CA GLY J 157 17.52 -0.80 38.97
C GLY J 157 18.04 0.08 40.09
N ASN J 158 17.83 1.39 39.95
CA ASN J 158 18.21 2.40 40.96
C ASN J 158 17.56 3.79 40.71
N GLU J 159 17.91 4.76 41.56
CA GLU J 159 17.43 6.15 41.43
C GLU J 159 17.96 6.82 40.14
N GLU J 160 19.28 6.72 39.96
CA GLU J 160 20.02 7.28 38.83
C GLU J 160 19.55 6.85 37.43
N SER J 161 19.18 5.57 37.32
CA SER J 161 18.77 4.91 36.08
C SER J 161 17.50 5.49 35.49
N THR J 162 16.59 5.89 36.38
CA THR J 162 15.31 6.48 36.01
C THR J 162 15.51 7.92 35.49
N LYS J 163 16.66 8.50 35.82
CA LYS J 163 16.95 9.90 35.45
C LYS J 163 17.94 10.10 34.27
N THR J 164 19.11 9.45 34.35
CA THR J 164 20.21 9.68 33.40
C THR J 164 20.65 8.41 32.66
N GLY J 165 20.11 7.26 33.09
CA GLY J 165 20.56 5.95 32.62
C GLY J 165 21.97 5.60 33.07
N ASN J 166 22.48 6.31 34.07
CA ASN J 166 23.84 6.08 34.59
C ASN J 166 24.97 6.22 33.54
N ALA J 167 24.76 7.12 32.57
CA ALA J 167 25.69 7.32 31.45
C ALA J 167 26.94 8.11 31.83
N GLY J 168 26.97 8.64 33.05
CA GLY J 168 28.19 9.26 33.58
C GLY J 168 28.48 10.63 32.99
N SER J 169 29.75 10.98 32.87
CA SER J 169 30.12 12.37 32.57
C SER J 169 29.95 12.71 31.08
N ARG J 170 30.04 14.00 30.76
CA ARG J 170 29.76 14.50 29.43
C ARG J 170 31.11 14.70 28.75
N LEU J 171 31.34 13.99 27.65
CA LEU J 171 32.65 13.99 27.00
C LEU J 171 32.75 15.12 25.97
N ALA J 172 31.63 15.40 25.30
CA ALA J 172 31.58 16.39 24.23
C ALA J 172 30.14 16.73 23.92
N CYS J 173 29.92 17.95 23.41
CA CYS J 173 28.61 18.46 23.16
C CYS J 173 28.71 19.59 22.12
N GLY J 174 27.57 19.94 21.55
CA GLY J 174 27.47 21.10 20.69
C GLY J 174 26.02 21.45 20.59
N VAL J 175 25.75 22.68 20.18
CA VAL J 175 24.39 23.14 19.99
C VAL J 175 23.87 22.69 18.64
N ILE J 176 22.61 22.27 18.63
CA ILE J 176 22.00 21.80 17.39
C ILE J 176 21.52 23.01 16.58
N GLY J 177 22.22 23.28 15.48
CA GLY J 177 21.92 24.43 14.61
C GLY J 177 21.28 24.08 13.27
N ILE J 178 20.50 25.02 12.74
CA ILE J 178 19.84 24.90 11.44
C ILE J 178 20.91 24.78 10.32
N ALA J 179 20.72 23.81 9.43
CA ALA J 179 21.68 23.54 8.36
C ALA J 179 21.01 23.82 7.02
N GLN J 180 21.80 24.12 6.00
CA GLN J 180 21.27 24.33 4.64
C GLN J 180 20.79 23.01 4.04
CAE 5FW K . -26.06 21.58 -15.86
OAA 5FW K . -27.17 22.43 -15.51
CAH 5FW K . -26.49 20.15 -16.05
CAK 5FW K . -26.66 19.62 -17.33
CAL 5FW K . -26.70 19.34 -14.94
CAN 5FW K . -27.08 18.01 -15.10
CAO 5FW K . -27.23 17.48 -16.36
OAC 5FW K . -27.59 16.19 -16.53
CAM 5FW K . -27.01 18.26 -17.50
OAB 5FW K . -27.19 17.69 -18.74
ZN ZN L . -2.63 10.01 -25.22
C TAM M . -12.50 14.45 -28.74
C1 TAM M . -11.53 14.17 -27.56
C2 TAM M . -13.91 14.88 -28.34
C3 TAM M . -11.96 15.55 -29.66
C4 TAM M . -10.13 13.64 -27.97
C5 TAM M . -14.95 14.72 -29.46
C6 TAM M . -11.31 15.02 -30.93
N TAM M . -12.64 13.20 -29.50
O4 TAM M . -9.10 13.41 -26.98
O5 TAM M . -16.33 14.54 -29.01
O6 TAM M . -10.27 14.10 -30.56
S4 S4P N . 5.18 28.99 -14.85
S3 S4P N . 5.40 27.93 -16.59
S2 S4P N . 5.56 25.97 -16.18
S1 S4P N . 4.66 25.15 -17.81
ZN ZN O . -0.22 45.14 -7.52
C1 GOL P . -1.12 41.94 -31.20
O1 GOL P . -0.19 41.19 -31.99
C2 GOL P . -2.26 42.45 -32.07
O2 GOL P . -2.89 41.34 -32.72
C3 GOL P . -3.28 43.18 -31.20
O3 GOL P . -4.14 43.97 -32.02
ZN ZN Q . -4.46 -6.83 -3.92
C1 GOL R . -25.19 -14.47 -15.31
O1 GOL R . -26.45 -14.04 -14.74
C2 GOL R . -25.36 -15.97 -15.34
O2 GOL R . -24.58 -16.43 -16.44
C3 GOL R . -24.89 -16.54 -14.02
O3 GOL R . -24.52 -17.92 -14.06
ZN ZN S . -4.04 -39.43 18.02
S4 S4P T . 3.18 -25.06 8.68
S3 S4P T . 2.86 -23.05 8.65
S2 S4P T . 2.66 -22.43 6.74
S1 S4P T . 2.26 -20.47 6.91
ZN ZN U . 26.88 -16.28 -5.89
ZN ZN V . 21.53 -12.00 32.92
S4 S4P W . 17.03 -15.27 15.75
S3 S4P W . 17.13 -15.90 13.80
S2 S4P W . 17.38 -14.55 12.28
S1 S4P W . 18.34 -15.51 10.77
ZN ZN X . -43.93 -20.31 -42.92
ZN ZN Y . 23.29 42.33 6.62
ZN ZN Z . 16.93 10.55 29.46
#